data_6OEG
#
_entry.id   6OEG
#
_entity_poly.entity_id   1
_entity_poly.type   'polypeptide(L)'
_entity_poly.pdbx_seq_one_letter_code
;MGQAFFKKIVGCFCLGYLFLSSAIEAAALDIKNFNRGRVKVVNKKIAYLGDEKPITIWTSLDNVTVIQLEKDETISYITT
GFNKGWSIVPNSNHIFIQPKSVKSNLMFEKEAVNFALMTRDYQEFLKTKKLIVDAPDPKELEEQKKALEKEKEAKEQAQK
AQKDKREKRKEERAKNRANLENLTNAMSNPQNLSNNKNLSEFIKQQRENELDQMERLEDMQEQAQANALKQIEELNKKQA
EETIKQRAKDKINIKTDKPQKSPEDNSIELSPSDSAWRTNLVVRTNKALYQFILRIAQKDNFASAYLTVKLEYPQRHEVS
SVIEEELKKREEAKRQKELIKQENLNTTAYINRVMMASNEQIINKEKIREEKQKIILDQAKALETQYVHNALKRNPVPRN
YNYYQAPEKRSKHIMPSEIFDDGTFTYFGFKNITLQPAIFVVQPDGKLSMTDAAIDPNMTNSGLRWYRVNEIAEKFKLIK
DKALVTVINKGYGKNPLTKNYNIKNYGELERVIKKLPLVRDK
;
_entity_poly.pdbx_strand_id   N,O,P,Q,R,S,T,U,V,W,X,Y,Z,a
#
# COMPACT_ATOMS: atom_id res chain seq x y z
N ALA A 349 -41.78 -79.31 -51.37
CA ALA A 349 -41.08 -78.57 -52.41
C ALA A 349 -41.97 -77.52 -53.04
N TYR A 350 -41.77 -76.26 -52.64
CA TYR A 350 -42.55 -75.14 -53.17
C TYR A 350 -41.61 -74.28 -54.02
N ILE A 351 -41.53 -74.63 -55.30
CA ILE A 351 -40.68 -73.89 -56.25
C ILE A 351 -41.37 -72.62 -56.72
N ASN A 352 -42.65 -72.44 -56.39
CA ASN A 352 -43.39 -71.24 -56.79
C ASN A 352 -42.87 -69.97 -56.13
N ARG A 353 -42.28 -70.07 -54.94
CA ARG A 353 -41.74 -68.88 -54.30
C ARG A 353 -40.42 -68.45 -54.94
N VAL A 354 -39.72 -69.37 -55.59
CA VAL A 354 -38.56 -69.01 -56.39
C VAL A 354 -39.00 -68.22 -57.62
N MET A 355 -40.12 -68.62 -58.24
CA MET A 355 -40.68 -67.87 -59.35
C MET A 355 -41.24 -66.53 -58.91
N MET A 356 -41.77 -66.44 -57.69
CA MET A 356 -42.22 -65.17 -57.14
C MET A 356 -41.07 -64.35 -56.57
N ALA A 357 -39.87 -64.93 -56.50
CA ALA A 357 -38.63 -64.19 -56.32
C ALA A 357 -38.04 -63.70 -57.63
N SER A 358 -38.83 -63.71 -58.71
CA SER A 358 -38.46 -63.09 -59.97
C SER A 358 -39.25 -61.83 -60.25
N ASN A 359 -39.58 -61.06 -59.21
CA ASN A 359 -40.06 -59.70 -59.42
C ASN A 359 -38.96 -58.67 -59.32
N GLU A 360 -37.74 -59.09 -58.98
CA GLU A 360 -36.57 -58.22 -59.07
C GLU A 360 -35.88 -58.28 -60.42
N GLN A 361 -36.43 -59.00 -61.40
CA GLN A 361 -35.96 -58.78 -62.77
C GLN A 361 -36.57 -57.51 -63.34
N ILE A 362 -37.75 -57.11 -62.83
CA ILE A 362 -38.24 -55.75 -63.06
C ILE A 362 -37.26 -54.75 -62.48
N ILE A 363 -36.79 -55.00 -61.26
CA ILE A 363 -35.80 -54.13 -60.62
C ILE A 363 -34.50 -54.14 -61.40
N ASN A 364 -34.14 -55.29 -61.96
CA ASN A 364 -32.93 -55.43 -62.76
C ASN A 364 -33.01 -54.59 -64.03
N LYS A 365 -34.12 -54.69 -64.76
CA LYS A 365 -34.20 -53.94 -66.01
C LYS A 365 -34.40 -52.45 -65.73
N GLU A 366 -35.01 -52.09 -64.60
CA GLU A 366 -35.16 -50.67 -64.30
C GLU A 366 -33.85 -50.07 -63.80
N LYS A 367 -33.00 -50.86 -63.14
CA LYS A 367 -31.72 -50.28 -62.75
C LYS A 367 -30.78 -50.18 -63.93
N ILE A 368 -30.88 -51.11 -64.90
CA ILE A 368 -30.17 -50.92 -66.16
C ILE A 368 -30.69 -49.68 -66.90
N ARG A 369 -32.00 -49.42 -66.81
CA ARG A 369 -32.58 -48.24 -67.45
C ARG A 369 -32.05 -46.95 -66.81
N GLU A 370 -32.10 -46.84 -65.49
CA GLU A 370 -31.60 -45.62 -64.86
C GLU A 370 -30.08 -45.54 -64.93
N GLU A 371 -29.40 -46.68 -65.09
CA GLU A 371 -27.95 -46.65 -65.21
C GLU A 371 -27.52 -46.14 -66.58
N LYS A 372 -28.20 -46.56 -67.64
CA LYS A 372 -27.89 -45.98 -68.94
C LYS A 372 -28.36 -44.53 -69.03
N GLN A 373 -29.39 -44.16 -68.27
CA GLN A 373 -29.75 -42.75 -68.13
C GLN A 373 -28.63 -41.96 -67.44
N LYS A 374 -28.06 -42.53 -66.39
CA LYS A 374 -26.94 -41.92 -65.69
C LYS A 374 -25.72 -41.77 -66.59
N ILE A 375 -25.42 -42.78 -67.40
CA ILE A 375 -24.26 -42.74 -68.26
C ILE A 375 -24.44 -41.71 -69.37
N ILE A 376 -25.64 -41.65 -69.98
CA ILE A 376 -25.83 -40.64 -71.02
C ILE A 376 -25.89 -39.24 -70.40
N LEU A 377 -26.33 -39.12 -69.14
CA LEU A 377 -26.39 -37.82 -68.49
C LEU A 377 -25.01 -37.28 -68.17
N ASP A 378 -24.17 -38.07 -67.50
CA ASP A 378 -22.85 -37.51 -67.20
C ASP A 378 -21.93 -37.54 -68.41
N GLN A 379 -22.25 -38.32 -69.44
CA GLN A 379 -21.51 -38.20 -70.69
C GLN A 379 -21.83 -36.89 -71.39
N ALA A 380 -23.10 -36.47 -71.35
CA ALA A 380 -23.45 -35.16 -71.88
C ALA A 380 -22.86 -34.04 -71.04
N LYS A 381 -22.80 -34.24 -69.72
CA LYS A 381 -22.15 -33.26 -68.85
C LYS A 381 -20.67 -33.12 -69.16
N ALA A 382 -19.95 -34.24 -69.30
CA ALA A 382 -18.54 -34.20 -69.61
C ALA A 382 -18.27 -33.65 -71.00
N LEU A 383 -19.15 -33.96 -71.95
CA LEU A 383 -19.03 -33.42 -73.31
C LEU A 383 -19.19 -31.91 -73.31
N GLU A 384 -20.21 -31.39 -72.61
CA GLU A 384 -20.43 -29.96 -72.70
C GLU A 384 -19.40 -29.20 -71.87
N THR A 385 -18.90 -29.79 -70.78
CA THR A 385 -17.84 -29.08 -70.06
C THR A 385 -16.52 -29.17 -70.80
N GLN A 386 -16.34 -30.21 -71.62
CA GLN A 386 -15.17 -30.26 -72.50
C GLN A 386 -15.27 -29.16 -73.55
N TYR A 387 -16.45 -28.95 -74.11
CA TYR A 387 -16.62 -27.89 -75.11
C TYR A 387 -16.48 -26.51 -74.49
N VAL A 388 -17.10 -26.27 -73.33
CA VAL A 388 -17.06 -24.94 -72.76
C VAL A 388 -15.73 -24.68 -72.07
N HIS A 389 -14.92 -25.71 -71.84
CA HIS A 389 -13.56 -25.47 -71.38
C HIS A 389 -12.62 -25.30 -72.56
N ASN A 390 -12.94 -25.91 -73.69
CA ASN A 390 -12.09 -25.79 -74.86
C ASN A 390 -12.28 -24.43 -75.52
N ALA A 391 -13.52 -23.98 -75.64
CA ALA A 391 -13.86 -22.73 -76.28
C ALA A 391 -14.02 -21.60 -75.29
N LEU A 392 -13.36 -21.66 -74.15
CA LEU A 392 -13.32 -20.49 -73.28
C LEU A 392 -11.98 -19.78 -73.41
N LYS A 393 -10.94 -20.52 -73.75
CA LYS A 393 -9.58 -20.01 -73.80
C LYS A 393 -8.97 -20.25 -75.16
N ARG A 394 -9.80 -20.30 -76.20
CA ARG A 394 -9.37 -20.77 -77.51
C ARG A 394 -8.31 -19.87 -78.14
N ASN A 395 -8.71 -18.67 -78.57
CA ASN A 395 -7.92 -17.58 -79.13
C ASN A 395 -8.82 -16.39 -79.37
N PRO A 396 -8.28 -15.18 -79.34
CA PRO A 396 -9.07 -14.03 -79.80
C PRO A 396 -8.81 -13.75 -81.27
N VAL A 397 -9.86 -13.35 -81.96
CA VAL A 397 -9.65 -12.84 -83.32
C VAL A 397 -9.13 -11.40 -83.22
N PRO A 398 -8.13 -11.03 -84.01
CA PRO A 398 -7.65 -9.64 -83.94
C PRO A 398 -8.66 -8.70 -84.55
N ARG A 399 -8.61 -7.44 -84.12
CA ARG A 399 -9.57 -6.46 -84.60
C ARG A 399 -8.97 -5.33 -85.41
N ASN A 400 -7.97 -4.62 -84.90
CA ASN A 400 -7.21 -3.72 -85.77
C ASN A 400 -5.74 -3.72 -85.41
N TYR A 401 -4.94 -3.25 -86.35
CA TYR A 401 -3.49 -3.36 -86.28
C TYR A 401 -2.81 -2.01 -86.24
N ASN A 402 -3.56 -0.92 -86.39
CA ASN A 402 -3.01 0.39 -86.66
C ASN A 402 -2.36 0.96 -85.40
N TYR A 403 -1.11 0.58 -85.18
CA TYR A 403 -0.37 0.95 -83.98
C TYR A 403 0.99 1.50 -84.34
N TYR A 404 1.30 2.67 -83.82
CA TYR A 404 2.63 3.24 -83.98
C TYR A 404 3.31 3.32 -82.64
N GLN A 405 4.62 3.51 -82.65
CA GLN A 405 5.38 3.60 -81.43
C GLN A 405 6.45 4.67 -81.59
N ALA A 406 6.88 5.19 -80.45
CA ALA A 406 7.88 6.25 -80.43
C ALA A 406 8.71 6.07 -79.17
N PRO A 407 9.94 5.58 -79.29
CA PRO A 407 10.83 5.50 -78.14
C PRO A 407 11.50 6.85 -77.89
N GLU A 408 11.79 7.13 -76.62
CA GLU A 408 12.46 8.39 -76.31
C GLU A 408 13.96 8.28 -76.53
N LYS A 409 14.64 7.48 -75.72
CA LYS A 409 16.10 7.40 -75.81
C LYS A 409 16.55 6.13 -75.11
N ARG A 410 17.29 5.28 -75.84
CA ARG A 410 17.80 4.00 -75.39
C ARG A 410 16.68 3.08 -74.90
N SER A 411 15.54 3.17 -75.57
CA SER A 411 14.41 2.28 -75.31
C SER A 411 14.39 1.12 -76.29
N LYS A 412 15.52 0.46 -76.46
CA LYS A 412 15.56 -0.73 -77.30
C LYS A 412 15.39 -1.99 -76.48
N HIS A 413 15.67 -1.94 -75.19
CA HIS A 413 15.46 -3.07 -74.30
C HIS A 413 14.05 -3.11 -73.75
N ILE A 414 13.16 -2.25 -74.23
CA ILE A 414 11.82 -2.12 -73.67
C ILE A 414 10.76 -2.07 -74.76
N MET A 415 11.18 -1.98 -76.02
CA MET A 415 10.28 -1.75 -77.15
C MET A 415 9.41 -2.98 -77.40
N PRO A 416 8.10 -2.80 -77.57
CA PRO A 416 7.26 -3.90 -78.02
C PRO A 416 7.49 -4.18 -79.49
N SER A 417 7.14 -5.38 -79.91
CA SER A 417 7.32 -5.71 -81.32
C SER A 417 6.02 -5.77 -82.10
N GLU A 418 5.13 -6.73 -81.82
CA GLU A 418 3.91 -6.89 -82.60
C GLU A 418 2.74 -6.60 -81.67
N ILE A 419 2.03 -5.52 -81.92
CA ILE A 419 0.92 -5.12 -81.05
C ILE A 419 -0.35 -5.19 -81.86
N PHE A 420 -1.42 -5.73 -81.26
CA PHE A 420 -2.75 -5.62 -81.83
C PHE A 420 -3.77 -5.64 -80.69
N ASP A 421 -5.04 -5.83 -81.03
CA ASP A 421 -6.08 -5.89 -80.02
C ASP A 421 -7.20 -6.82 -80.49
N ASP A 422 -8.29 -6.85 -79.73
CA ASP A 422 -9.50 -7.53 -80.18
C ASP A 422 -10.76 -6.69 -79.97
N GLY A 423 -10.61 -5.40 -79.66
CA GLY A 423 -11.73 -4.58 -79.29
C GLY A 423 -12.01 -4.54 -77.80
N THR A 424 -11.54 -5.53 -77.05
CA THR A 424 -11.66 -5.53 -75.60
C THR A 424 -10.29 -5.48 -74.93
N PHE A 425 -9.40 -6.39 -75.30
CA PHE A 425 -8.06 -6.48 -74.72
C PHE A 425 -7.05 -6.00 -75.74
N THR A 426 -5.91 -5.54 -75.25
CA THR A 426 -4.82 -5.12 -76.13
C THR A 426 -3.62 -6.03 -75.90
N TYR A 427 -3.18 -6.71 -76.95
CA TYR A 427 -2.10 -7.68 -76.89
C TYR A 427 -0.82 -7.03 -77.38
N PHE A 428 0.14 -6.85 -76.46
CA PHE A 428 1.49 -6.46 -76.82
C PHE A 428 2.32 -7.71 -77.04
N GLY A 429 3.20 -7.66 -78.01
CA GLY A 429 4.10 -8.77 -78.21
C GLY A 429 5.52 -8.32 -78.17
N PHE A 430 6.22 -8.78 -77.15
CA PHE A 430 7.61 -8.47 -76.89
C PHE A 430 8.48 -9.55 -77.49
N LYS A 431 9.77 -9.26 -77.61
CA LYS A 431 10.75 -10.32 -77.83
C LYS A 431 11.12 -10.90 -76.46
N ASN A 432 12.16 -11.72 -76.42
CA ASN A 432 12.66 -12.14 -75.13
C ASN A 432 13.95 -11.44 -74.74
N ILE A 433 14.65 -10.84 -75.70
CA ILE A 433 15.82 -10.04 -75.38
C ILE A 433 15.41 -8.74 -74.71
N THR A 434 14.17 -8.31 -74.92
CA THR A 434 13.67 -7.14 -74.23
C THR A 434 13.22 -7.51 -72.83
N LEU A 435 13.08 -6.49 -72.01
CA LEU A 435 12.65 -6.66 -70.63
C LEU A 435 11.13 -6.54 -70.58
N GLN A 436 10.58 -6.35 -69.39
CA GLN A 436 9.13 -6.23 -69.20
C GLN A 436 8.80 -4.87 -68.64
N PRO A 437 8.23 -3.98 -69.44
CA PRO A 437 7.92 -2.64 -68.96
C PRO A 437 6.76 -2.62 -67.98
N ALA A 438 6.61 -1.47 -67.33
CA ALA A 438 5.38 -1.14 -66.65
C ALA A 438 4.46 -0.47 -67.66
N ILE A 439 3.37 -1.15 -68.01
CA ILE A 439 2.43 -0.61 -68.97
C ILE A 439 1.53 0.40 -68.28
N PHE A 440 1.16 1.46 -69.01
CA PHE A 440 0.28 2.47 -68.46
C PHE A 440 -0.64 2.99 -69.55
N VAL A 441 -1.87 3.25 -69.15
CA VAL A 441 -2.88 3.84 -70.03
C VAL A 441 -2.90 5.33 -69.78
N VAL A 442 -2.73 6.11 -70.84
CA VAL A 442 -2.75 7.56 -70.74
C VAL A 442 -4.20 8.01 -70.61
N GLN A 443 -4.52 8.59 -69.45
CA GLN A 443 -5.82 9.23 -69.28
C GLN A 443 -5.94 10.44 -70.21
N PRO A 444 -7.16 10.77 -70.65
CA PRO A 444 -7.31 11.84 -71.64
C PRO A 444 -6.97 13.24 -71.16
N ASP A 445 -6.72 13.45 -69.87
CA ASP A 445 -6.13 14.71 -69.45
C ASP A 445 -4.64 14.77 -69.69
N GLY A 446 -4.01 13.63 -70.00
CA GLY A 446 -2.58 13.52 -70.12
C GLY A 446 -1.94 12.70 -69.02
N LYS A 447 -2.66 12.41 -67.94
CA LYS A 447 -2.11 11.68 -66.82
C LYS A 447 -2.09 10.19 -67.12
N LEU A 448 -1.58 9.41 -66.17
CA LEU A 448 -1.41 7.99 -66.34
C LEU A 448 -2.44 7.22 -65.52
N SER A 449 -2.58 5.93 -65.85
CA SER A 449 -3.47 5.07 -65.09
C SER A 449 -2.92 3.65 -65.14
N MET A 450 -2.50 3.14 -63.99
CA MET A 450 -2.07 1.75 -63.89
C MET A 450 -3.26 0.83 -64.07
N THR A 451 -3.16 -0.10 -65.02
CA THR A 451 -4.22 -1.06 -65.28
C THR A 451 -3.73 -2.48 -65.01
N ASP A 452 -4.68 -3.36 -64.75
CA ASP A 452 -4.36 -4.77 -64.58
C ASP A 452 -3.95 -5.37 -65.92
N ALA A 453 -3.00 -6.29 -65.86
CA ALA A 453 -2.42 -6.88 -67.05
C ALA A 453 -1.79 -8.20 -66.65
N ALA A 454 -1.60 -9.07 -67.64
CA ALA A 454 -0.97 -10.35 -67.39
C ALA A 454 -0.28 -10.80 -68.65
N ILE A 455 0.77 -11.58 -68.47
CA ILE A 455 1.39 -12.28 -69.57
C ILE A 455 0.45 -13.40 -69.96
N ASP A 456 0.01 -13.41 -71.21
CA ASP A 456 -0.94 -14.42 -71.64
C ASP A 456 -0.20 -15.69 -72.01
N PRO A 457 -0.37 -16.78 -71.27
CA PRO A 457 0.42 -17.99 -71.55
C PRO A 457 -0.07 -18.78 -72.73
N ASN A 458 -1.29 -18.52 -73.20
CA ASN A 458 -1.83 -19.31 -74.30
C ASN A 458 -1.27 -18.87 -75.63
N MET A 459 -1.06 -17.58 -75.81
CA MET A 459 -0.61 -17.05 -77.10
C MET A 459 0.90 -17.15 -77.21
N THR A 460 1.36 -17.83 -78.25
CA THR A 460 2.78 -17.88 -78.60
C THR A 460 2.94 -17.60 -80.08
N ASN A 461 2.22 -16.60 -80.57
CA ASN A 461 2.26 -16.26 -81.98
C ASN A 461 3.61 -15.66 -82.34
N SER A 462 4.22 -16.22 -83.39
CA SER A 462 5.48 -15.76 -83.98
C SER A 462 6.67 -15.86 -83.03
N GLY A 463 6.53 -16.61 -81.95
CA GLY A 463 7.60 -16.76 -80.99
C GLY A 463 7.87 -15.48 -80.23
N LEU A 464 6.83 -14.93 -79.61
CA LEU A 464 6.93 -13.69 -78.88
C LEU A 464 6.53 -13.94 -77.43
N ARG A 465 6.63 -12.89 -76.62
CA ARG A 465 6.05 -12.90 -75.28
C ARG A 465 4.83 -12.00 -75.32
N TRP A 466 3.65 -12.59 -75.19
CA TRP A 466 2.44 -11.80 -75.29
C TRP A 466 2.02 -11.32 -73.92
N TYR A 467 1.50 -10.10 -73.90
CA TYR A 467 1.22 -9.40 -72.65
C TYR A 467 -0.03 -8.57 -72.92
N ARG A 468 -1.16 -8.98 -72.36
CA ARG A 468 -2.41 -8.32 -72.63
C ARG A 468 -2.74 -7.33 -71.52
N VAL A 469 -3.33 -6.21 -71.90
CA VAL A 469 -3.93 -5.31 -70.95
C VAL A 469 -5.42 -5.30 -71.23
N ASN A 470 -6.19 -4.92 -70.21
CA ASN A 470 -7.64 -5.06 -70.23
C ASN A 470 -8.35 -3.77 -70.56
N GLU A 471 -7.75 -2.93 -71.39
CA GLU A 471 -8.39 -1.69 -71.81
C GLU A 471 -8.03 -1.40 -73.25
N ILE A 472 -8.84 -0.56 -73.87
CA ILE A 472 -8.62 -0.07 -75.22
C ILE A 472 -8.51 1.44 -75.13
N ALA A 473 -7.31 1.98 -75.34
CA ALA A 473 -7.13 3.42 -75.26
C ALA A 473 -6.24 3.89 -76.40
N GLU A 474 -5.96 5.19 -76.40
CA GLU A 474 -5.29 5.78 -77.55
C GLU A 474 -3.79 5.90 -77.36
N LYS A 475 -3.32 6.19 -76.15
CA LYS A 475 -1.89 6.28 -75.90
C LYS A 475 -1.51 5.37 -74.75
N PHE A 476 -0.45 4.58 -74.96
CA PHE A 476 0.03 3.61 -73.99
C PHE A 476 1.48 3.94 -73.68
N LYS A 477 1.76 4.31 -72.44
CA LYS A 477 3.15 4.46 -72.05
C LYS A 477 3.70 3.10 -71.66
N LEU A 478 4.94 2.84 -72.02
CA LEU A 478 5.65 1.65 -71.56
C LEU A 478 6.88 2.20 -70.86
N ILE A 479 6.88 2.12 -69.53
CA ILE A 479 7.81 2.89 -68.72
C ILE A 479 8.63 1.93 -67.87
N LYS A 480 9.93 2.03 -67.99
CA LYS A 480 10.86 1.71 -66.92
C LYS A 480 11.56 3.02 -66.56
N ASP A 481 12.56 2.96 -65.67
CA ASP A 481 12.96 4.09 -64.83
C ASP A 481 13.39 5.32 -65.64
N LYS A 482 14.11 5.12 -66.72
CA LYS A 482 14.41 6.21 -67.63
C LYS A 482 13.96 5.95 -69.05
N ALA A 483 14.10 4.72 -69.53
CA ALA A 483 13.64 4.40 -70.87
C ALA A 483 12.13 4.27 -70.88
N LEU A 484 11.51 4.85 -71.90
CA LEU A 484 10.07 4.69 -72.08
C LEU A 484 9.78 4.72 -73.57
N VAL A 485 8.61 4.22 -73.92
CA VAL A 485 8.16 4.26 -75.31
C VAL A 485 6.65 4.45 -75.33
N THR A 486 6.19 5.38 -76.16
CA THR A 486 4.78 5.71 -76.25
C THR A 486 4.18 5.01 -77.47
N VAL A 487 3.09 4.29 -77.26
CA VAL A 487 2.35 3.61 -78.31
C VAL A 487 1.12 4.41 -78.64
N ILE A 488 0.97 4.76 -79.91
CA ILE A 488 -0.13 5.59 -80.40
C ILE A 488 -1.10 4.68 -81.12
N ASN A 489 -2.35 4.68 -80.67
CA ASN A 489 -3.43 3.94 -81.31
C ASN A 489 -4.02 4.83 -82.39
N LYS A 490 -3.58 4.65 -83.63
CA LYS A 490 -4.23 5.35 -84.71
C LYS A 490 -5.40 4.58 -85.31
N GLY A 491 -5.81 3.49 -84.67
CA GLY A 491 -7.02 2.80 -85.05
C GLY A 491 -8.04 2.79 -83.94
N TYR A 492 -7.98 3.81 -83.08
CA TYR A 492 -8.85 3.86 -81.92
C TYR A 492 -10.29 4.15 -82.33
N GLY A 493 -11.20 3.29 -81.93
CA GLY A 493 -12.61 3.51 -82.19
C GLY A 493 -13.04 3.30 -83.61
N LYS A 494 -12.22 2.64 -84.43
CA LYS A 494 -12.65 2.40 -85.81
C LYS A 494 -13.39 1.09 -85.97
N ASN A 495 -12.95 0.04 -85.27
CA ASN A 495 -13.66 -1.23 -85.24
C ASN A 495 -13.88 -1.62 -83.78
N PRO A 496 -14.98 -1.20 -83.18
CA PRO A 496 -15.32 -1.74 -81.86
C PRO A 496 -16.16 -2.99 -82.01
N LEU A 497 -16.66 -3.53 -80.91
CA LEU A 497 -17.67 -4.57 -80.97
C LEU A 497 -19.05 -3.92 -81.08
N THR A 498 -20.10 -4.73 -81.13
CA THR A 498 -21.42 -4.13 -80.92
C THR A 498 -21.70 -4.02 -79.42
N LYS A 499 -21.87 -5.17 -78.75
CA LYS A 499 -21.90 -5.31 -77.30
C LYS A 499 -21.85 -6.80 -76.95
N ASN A 500 -20.98 -7.20 -76.03
CA ASN A 500 -20.95 -8.58 -75.56
C ASN A 500 -20.58 -8.60 -74.08
N TYR A 501 -20.64 -9.79 -73.50
CA TYR A 501 -20.47 -10.01 -72.06
C TYR A 501 -19.26 -10.85 -71.71
N ASN A 502 -18.90 -11.82 -72.54
CA ASN A 502 -17.75 -12.69 -72.32
C ASN A 502 -16.73 -12.41 -73.42
N ILE A 503 -15.52 -12.96 -73.28
CA ILE A 503 -14.47 -12.70 -74.26
C ILE A 503 -14.79 -13.38 -75.60
N LYS A 504 -15.01 -14.69 -75.58
CA LYS A 504 -15.57 -15.31 -76.76
C LYS A 504 -17.08 -15.14 -76.70
N ASN A 505 -17.71 -15.09 -77.87
CA ASN A 505 -19.14 -14.80 -77.92
C ASN A 505 -19.96 -16.08 -77.96
N TYR A 506 -19.71 -16.95 -76.98
CA TYR A 506 -20.59 -18.06 -76.60
C TYR A 506 -20.64 -18.02 -75.07
N GLY A 507 -21.46 -17.11 -74.55
CA GLY A 507 -21.35 -16.68 -73.17
C GLY A 507 -22.49 -17.20 -72.31
N GLU A 508 -22.18 -17.30 -71.02
CA GLU A 508 -23.09 -17.90 -70.04
C GLU A 508 -23.49 -16.83 -69.04
N LEU A 509 -24.63 -17.06 -68.38
CA LEU A 509 -25.24 -16.07 -67.52
C LEU A 509 -26.10 -16.76 -66.47
N GLU A 510 -26.19 -16.14 -65.30
CA GLU A 510 -27.15 -16.57 -64.28
C GLU A 510 -27.51 -15.40 -63.38
N ALA B 349 -11.71 -90.00 -49.09
CA ALA B 349 -10.71 -89.32 -49.88
C ALA B 349 -11.35 -88.47 -50.98
N TYR B 350 -11.42 -87.16 -50.76
CA TYR B 350 -11.99 -86.23 -51.72
C TYR B 350 -10.87 -85.37 -52.28
N ILE B 351 -10.25 -85.87 -53.35
CA ILE B 351 -9.16 -85.16 -54.01
C ILE B 351 -9.69 -84.04 -54.92
N ASN B 352 -11.00 -84.00 -55.14
CA ASN B 352 -11.61 -82.98 -55.99
C ASN B 352 -11.49 -81.57 -55.41
N ARG B 353 -11.41 -81.44 -54.07
CA ARG B 353 -11.27 -80.12 -53.49
C ARG B 353 -9.84 -79.59 -53.65
N VAL B 354 -8.87 -80.50 -53.81
CA VAL B 354 -7.51 -80.08 -54.16
C VAL B 354 -7.48 -79.52 -55.58
N MET B 355 -8.23 -80.14 -56.49
CA MET B 355 -8.36 -79.63 -57.85
C MET B 355 -9.14 -78.32 -57.88
N MET B 356 -10.12 -78.16 -57.00
CA MET B 356 -10.83 -76.90 -56.88
C MET B 356 -10.07 -75.87 -56.06
N ALA B 357 -8.95 -76.27 -55.45
CA ALA B 357 -7.96 -75.34 -54.93
C ALA B 357 -6.93 -74.96 -55.98
N SER B 358 -7.23 -75.21 -57.26
CA SER B 358 -6.43 -74.71 -58.37
C SER B 358 -7.14 -73.61 -59.14
N ASN B 359 -7.90 -72.77 -58.46
CA ASN B 359 -8.36 -71.52 -59.05
C ASN B 359 -7.45 -70.34 -58.72
N GLU B 360 -6.44 -70.55 -57.87
CA GLU B 360 -5.41 -69.55 -57.65
C GLU B 360 -4.24 -69.69 -58.60
N GLN B 361 -4.30 -70.59 -59.58
CA GLN B 361 -3.35 -70.49 -60.68
C GLN B 361 -3.76 -69.39 -61.65
N ILE B 362 -5.06 -69.10 -61.70
CA ILE B 362 -5.52 -67.86 -62.33
C ILE B 362 -4.93 -66.66 -61.61
N ILE B 363 -4.96 -66.69 -60.27
CA ILE B 363 -4.38 -65.63 -59.46
C ILE B 363 -2.88 -65.56 -59.66
N ASN B 364 -2.24 -66.73 -59.85
CA ASN B 364 -0.81 -66.80 -60.09
C ASN B 364 -0.44 -66.14 -61.42
N LYS B 365 -1.16 -66.47 -62.49
CA LYS B 365 -0.79 -65.91 -63.78
C LYS B 365 -1.19 -64.44 -63.85
N GLU B 366 -2.23 -64.02 -63.12
CA GLU B 366 -2.58 -62.61 -63.14
C GLU B 366 -1.62 -61.78 -62.29
N LYS B 367 -1.05 -62.37 -61.22
CA LYS B 367 -0.08 -61.56 -60.48
C LYS B 367 1.24 -61.50 -61.21
N ILE B 368 1.60 -62.54 -61.99
CA ILE B 368 2.74 -62.43 -62.89
C ILE B 368 2.47 -61.38 -63.96
N ARG B 369 1.22 -61.28 -64.42
CA ARG B 369 0.86 -60.27 -65.43
C ARG B 369 0.99 -58.86 -64.87
N GLU B 370 0.40 -58.59 -63.69
CA GLU B 370 0.53 -57.25 -63.14
C GLU B 370 1.94 -56.97 -62.64
N GLU B 371 2.71 -58.03 -62.34
CA GLU B 371 4.08 -57.82 -61.90
C GLU B 371 4.98 -57.43 -63.06
N LYS B 372 4.81 -58.07 -64.22
CA LYS B 372 5.58 -57.62 -65.38
C LYS B 372 5.07 -56.26 -65.88
N GLN B 373 3.80 -55.94 -65.64
CA GLN B 373 3.32 -54.58 -65.89
C GLN B 373 4.00 -53.58 -64.98
N LYS B 374 4.16 -53.94 -63.70
CA LYS B 374 4.86 -53.09 -62.73
C LYS B 374 6.32 -52.90 -63.11
N ILE B 375 6.98 -53.96 -63.57
CA ILE B 375 8.40 -53.86 -63.92
C ILE B 375 8.59 -53.02 -65.17
N ILE B 376 7.74 -53.19 -66.19
CA ILE B 376 7.90 -52.35 -67.38
C ILE B 376 7.50 -50.91 -67.07
N LEU B 377 6.59 -50.70 -66.11
CA LEU B 377 6.17 -49.34 -65.78
C LEU B 377 7.28 -48.58 -65.04
N ASP B 378 7.83 -49.17 -63.98
CA ASP B 378 8.88 -48.42 -63.30
C ASP B 378 10.21 -48.47 -64.04
N GLN B 379 10.38 -49.41 -64.97
CA GLN B 379 11.55 -49.35 -65.85
C GLN B 379 11.43 -48.20 -66.82
N ALA B 380 10.22 -47.95 -67.34
CA ALA B 380 10.02 -46.77 -68.18
C ALA B 380 10.14 -45.49 -67.38
N LYS B 381 9.69 -45.50 -66.12
CA LYS B 381 9.87 -44.35 -65.24
C LYS B 381 11.35 -44.04 -64.99
N ALA B 382 12.13 -45.07 -64.65
CA ALA B 382 13.55 -44.87 -64.39
C ALA B 382 14.30 -44.49 -65.66
N LEU B 383 13.89 -45.03 -66.81
CA LEU B 383 14.51 -44.65 -68.08
C LEU B 383 14.24 -43.19 -68.40
N GLU B 384 13.01 -42.73 -68.24
CA GLU B 384 12.73 -41.36 -68.64
C GLU B 384 13.30 -40.37 -67.62
N THR B 385 13.35 -40.74 -66.34
CA THR B 385 13.99 -39.82 -65.41
C THR B 385 15.50 -39.83 -65.56
N GLN B 386 16.07 -40.92 -66.06
CA GLN B 386 17.48 -40.93 -66.41
C GLN B 386 17.74 -39.99 -67.58
N TYR B 387 16.86 -40.02 -68.58
CA TYR B 387 17.03 -39.12 -69.72
C TYR B 387 16.81 -37.66 -69.34
N VAL B 388 15.77 -37.37 -68.57
CA VAL B 388 15.48 -35.98 -68.26
C VAL B 388 16.40 -35.47 -67.17
N HIS B 389 17.12 -36.34 -66.47
CA HIS B 389 18.17 -35.87 -65.58
C HIS B 389 19.48 -35.72 -66.32
N ASN B 390 19.69 -36.51 -67.38
CA ASN B 390 20.92 -36.42 -68.14
C ASN B 390 20.91 -35.20 -69.04
N ALA B 391 19.79 -34.94 -69.69
CA ALA B 391 19.65 -33.83 -70.61
C ALA B 391 19.02 -32.61 -69.97
N LEU B 392 19.18 -32.44 -68.66
CA LEU B 392 18.79 -31.18 -68.06
C LEU B 392 20.00 -30.32 -67.79
N LYS B 393 21.14 -30.96 -67.57
CA LYS B 393 22.38 -30.28 -67.18
C LYS B 393 23.49 -30.60 -68.15
N ARG B 394 23.15 -30.89 -69.40
CA ARG B 394 24.11 -31.47 -70.35
C ARG B 394 25.25 -30.53 -70.67
N ASN B 395 24.97 -29.45 -71.41
CA ASN B 395 25.84 -28.35 -71.79
C ASN B 395 25.03 -27.32 -72.57
N PRO B 396 25.42 -26.06 -72.54
CA PRO B 396 24.81 -25.09 -73.45
C PRO B 396 25.60 -24.96 -74.73
N VAL B 397 24.89 -24.80 -75.84
CA VAL B 397 25.58 -24.44 -77.07
C VAL B 397 25.91 -22.96 -77.03
N PRO B 398 27.11 -22.54 -77.43
CA PRO B 398 27.43 -21.12 -77.42
C PRO B 398 26.67 -20.40 -78.51
N ARG B 399 26.46 -19.10 -78.31
CA ARG B 399 25.69 -18.33 -79.28
C ARG B 399 26.49 -17.24 -79.98
N ASN B 400 27.15 -16.33 -79.25
CA ASN B 400 28.12 -15.47 -79.91
C ASN B 400 29.33 -15.23 -79.02
N TYR B 401 30.41 -14.77 -79.64
CA TYR B 401 31.71 -14.69 -79.01
C TYR B 401 32.21 -13.26 -78.93
N ASN B 402 31.50 -12.32 -79.54
CA ASN B 402 32.03 -10.99 -79.80
C ASN B 402 32.08 -10.18 -78.51
N TYR B 403 33.16 -10.36 -77.76
CA TYR B 403 33.33 -9.75 -76.45
C TYR B 403 34.68 -9.06 -76.36
N TYR B 404 34.67 -7.80 -75.96
CA TYR B 404 35.92 -7.09 -75.70
C TYR B 404 35.99 -6.75 -74.22
N GLN B 405 37.19 -6.39 -73.78
CA GLN B 405 37.39 -6.05 -72.39
C GLN B 405 38.35 -4.88 -72.30
N ALA B 406 38.25 -4.17 -71.20
CA ALA B 406 39.09 -2.99 -70.97
C ALA B 406 39.35 -2.90 -69.48
N PRO B 407 40.57 -3.22 -69.04
CA PRO B 407 40.93 -3.04 -67.64
C PRO B 407 41.35 -1.60 -67.38
N GLU B 408 41.08 -1.12 -66.16
CA GLU B 408 41.48 0.25 -65.85
C GLU B 408 42.96 0.31 -65.45
N LYS B 409 43.31 -0.29 -64.32
CA LYS B 409 44.69 -0.19 -63.83
C LYS B 409 44.91 -1.29 -62.81
N ARG B 410 45.95 -2.10 -63.06
CA ARG B 410 46.32 -3.25 -62.22
C ARG B 410 45.16 -4.23 -62.07
N SER B 411 44.39 -4.38 -63.12
CA SER B 411 43.32 -5.37 -63.16
C SER B 411 43.77 -6.64 -63.87
N LYS B 412 44.92 -7.16 -63.48
CA LYS B 412 45.37 -8.43 -64.02
C LYS B 412 45.00 -9.60 -63.13
N HIS B 413 44.72 -9.34 -61.85
CA HIS B 413 44.26 -10.37 -60.94
C HIS B 413 42.75 -10.53 -60.96
N ILE B 414 42.07 -9.85 -61.88
CA ILE B 414 40.62 -9.83 -61.92
C ILE B 414 40.08 -10.07 -63.32
N MET B 415 40.95 -10.09 -64.32
CA MET B 415 40.56 -10.12 -65.72
C MET B 415 39.94 -11.46 -66.07
N PRO B 416 38.82 -11.49 -66.77
CA PRO B 416 38.30 -12.73 -67.31
C PRO B 416 39.11 -13.17 -68.51
N SER B 417 39.04 -14.46 -68.84
CA SER B 417 39.79 -14.93 -69.98
C SER B 417 38.92 -15.26 -71.17
N GLU B 418 38.08 -16.29 -71.09
CA GLU B 418 37.28 -16.70 -72.25
C GLU B 418 35.82 -16.46 -71.90
N ILE B 419 35.18 -15.52 -72.57
CA ILE B 419 33.80 -15.17 -72.28
C ILE B 419 32.95 -15.51 -73.49
N PHE B 420 31.78 -16.10 -73.25
CA PHE B 420 30.78 -16.24 -74.30
C PHE B 420 29.40 -16.25 -73.65
N ASP B 421 28.38 -16.65 -74.40
CA ASP B 421 27.03 -16.72 -73.88
C ASP B 421 26.26 -17.85 -74.57
N ASP B 422 24.96 -17.92 -74.30
CA ASP B 422 24.08 -18.80 -75.06
C ASP B 422 22.79 -18.12 -75.48
N GLY B 423 22.70 -16.80 -75.36
CA GLY B 423 21.47 -16.09 -75.58
C GLY B 423 20.62 -15.90 -74.36
N THR B 424 20.83 -16.72 -73.32
CA THR B 424 20.15 -16.55 -72.05
C THR B 424 21.13 -16.24 -70.92
N PHE B 425 22.17 -17.05 -70.78
CA PHE B 425 23.15 -16.90 -69.72
C PHE B 425 24.45 -16.42 -70.34
N THR B 426 25.27 -15.74 -69.54
CA THR B 426 26.59 -15.31 -69.99
C THR B 426 27.65 -16.02 -69.18
N TYR B 427 28.52 -16.75 -69.85
CA TYR B 427 29.56 -17.56 -69.21
C TYR B 427 30.87 -16.81 -69.28
N PHE B 428 31.38 -16.40 -68.12
CA PHE B 428 32.72 -15.88 -67.99
C PHE B 428 33.66 -17.02 -67.65
N GLY B 429 34.85 -16.97 -68.22
CA GLY B 429 35.83 -17.97 -67.87
C GLY B 429 37.09 -17.33 -67.36
N PHE B 430 37.35 -17.57 -66.08
CA PHE B 430 38.50 -17.04 -65.38
C PHE B 430 39.61 -18.07 -65.41
N LYS B 431 40.82 -17.63 -65.08
CA LYS B 431 41.87 -18.57 -64.72
C LYS B 431 41.72 -18.91 -63.25
N ASN B 432 42.71 -19.57 -62.67
CA ASN B 432 42.69 -19.76 -61.23
C ASN B 432 43.66 -18.85 -60.50
N ILE B 433 44.63 -18.29 -61.21
CA ILE B 433 45.53 -17.31 -60.61
C ILE B 433 44.78 -16.00 -60.37
N THR B 434 43.71 -15.77 -61.12
CA THR B 434 42.89 -14.61 -60.88
C THR B 434 41.95 -14.85 -59.71
N LEU B 435 41.42 -13.75 -59.18
CA LEU B 435 40.49 -13.80 -58.08
C LEU B 435 39.07 -13.88 -58.63
N GLN B 436 38.08 -13.62 -57.78
CA GLN B 436 36.68 -13.67 -58.19
C GLN B 436 36.05 -12.31 -58.04
N PRO B 437 35.78 -11.60 -59.12
CA PRO B 437 35.21 -10.26 -59.04
C PRO B 437 33.76 -10.27 -58.59
N ALA B 438 33.29 -9.08 -58.26
CA ALA B 438 31.86 -8.84 -58.16
C ALA B 438 31.37 -8.43 -59.54
N ILE B 439 30.56 -9.29 -60.15
CA ILE B 439 30.04 -9.00 -61.49
C ILE B 439 28.87 -8.03 -61.38
N PHE B 440 28.75 -7.14 -62.35
CA PHE B 440 27.66 -6.19 -62.36
C PHE B 440 27.21 -5.94 -63.78
N VAL B 441 25.90 -5.80 -63.95
CA VAL B 441 25.28 -5.47 -65.22
C VAL B 441 25.06 -3.97 -65.26
N VAL B 442 25.59 -3.33 -66.29
CA VAL B 442 25.41 -1.88 -66.45
C VAL B 442 24.01 -1.61 -66.95
N GLN B 443 23.21 -0.93 -66.13
CA GLN B 443 21.91 -0.47 -66.57
C GLN B 443 22.08 0.59 -67.65
N PRO B 444 21.11 0.70 -68.58
CA PRO B 444 21.30 1.61 -69.73
C PRO B 444 21.32 3.08 -69.39
N ASP B 445 21.02 3.50 -68.16
CA ASP B 445 21.29 4.87 -67.77
C ASP B 445 22.76 5.09 -67.43
N GLY B 446 23.53 4.01 -67.27
CA GLY B 446 24.90 4.08 -66.81
C GLY B 446 25.11 3.50 -65.43
N LYS B 447 24.04 3.25 -64.69
CA LYS B 447 24.15 2.75 -63.34
C LYS B 447 24.40 1.25 -63.35
N LEU B 448 24.54 0.67 -62.16
CA LEU B 448 24.87 -0.73 -62.01
C LEU B 448 23.65 -1.51 -61.53
N SER B 449 23.75 -2.84 -61.65
CA SER B 449 22.70 -3.71 -61.16
C SER B 449 23.32 -5.04 -60.76
N MET B 450 23.29 -5.35 -59.48
CA MET B 450 23.74 -6.64 -58.98
C MET B 450 22.79 -7.72 -59.44
N THR B 451 23.32 -8.74 -60.11
CA THR B 451 22.53 -9.86 -60.58
C THR B 451 22.97 -11.15 -59.92
N ASP B 452 22.05 -12.12 -59.89
CA ASP B 452 22.39 -13.43 -59.39
C ASP B 452 23.34 -14.15 -60.34
N ALA B 453 24.25 -14.92 -59.77
CA ALA B 453 25.30 -15.57 -60.53
C ALA B 453 25.81 -16.73 -59.71
N ALA B 454 26.44 -17.68 -60.39
CA ALA B 454 27.01 -18.82 -59.69
C ALA B 454 28.17 -19.34 -60.51
N ILE B 455 29.12 -19.94 -59.82
CA ILE B 455 30.17 -20.69 -60.46
C ILE B 455 29.55 -21.97 -60.98
N ASP B 456 29.65 -22.20 -62.28
CA ASP B 456 29.02 -23.37 -62.86
C ASP B 456 29.94 -24.56 -62.71
N PRO B 457 29.56 -25.56 -61.91
CA PRO B 457 30.49 -26.68 -61.66
C PRO B 457 30.56 -27.68 -62.80
N ASN B 458 29.62 -27.65 -63.72
CA ASN B 458 29.61 -28.63 -64.79
C ASN B 458 30.63 -28.29 -65.87
N MET B 459 30.80 -27.02 -66.17
CA MET B 459 31.68 -26.61 -67.26
C MET B 459 33.11 -26.52 -66.77
N THR B 460 34.00 -27.24 -67.42
CA THR B 460 35.44 -27.15 -67.19
C THR B 460 36.15 -27.04 -68.53
N ASN B 461 35.61 -26.22 -69.41
CA ASN B 461 36.19 -26.06 -70.74
C ASN B 461 37.53 -25.33 -70.65
N SER B 462 38.54 -25.93 -71.27
CA SER B 462 39.90 -25.39 -71.41
C SER B 462 40.61 -25.21 -70.07
N GLY B 463 40.11 -25.84 -69.01
CA GLY B 463 40.72 -25.71 -67.71
C GLY B 463 40.57 -24.33 -67.13
N LEU B 464 39.34 -23.85 -67.06
CA LEU B 464 39.04 -22.51 -66.56
C LEU B 464 38.11 -22.63 -65.36
N ARG B 465 37.81 -21.49 -64.76
CA ARG B 465 36.75 -21.41 -63.77
C ARG B 465 35.58 -20.69 -64.41
N TRP B 466 34.49 -21.40 -64.65
CA TRP B 466 33.37 -20.81 -65.34
C TRP B 466 32.40 -20.20 -64.34
N TYR B 467 31.84 -19.07 -64.71
CA TYR B 467 31.03 -18.27 -63.82
C TYR B 467 29.94 -17.66 -64.66
N ARG B 468 28.71 -18.14 -64.51
CA ARG B 468 27.63 -17.68 -65.35
C ARG B 468 26.82 -16.62 -64.64
N VAL B 469 26.35 -15.65 -65.40
CA VAL B 469 25.34 -14.72 -64.92
C VAL B 469 24.09 -14.94 -65.74
N ASN B 470 22.96 -14.53 -65.17
CA ASN B 470 21.66 -14.88 -65.71
C ASN B 470 21.05 -13.74 -66.51
N GLU B 471 21.86 -12.94 -67.17
CA GLU B 471 21.36 -11.86 -68.01
C GLU B 471 22.23 -11.71 -69.23
N ILE B 472 21.68 -11.07 -70.25
CA ILE B 472 22.38 -10.73 -71.47
C ILE B 472 22.34 -9.22 -71.60
N ALA B 473 23.46 -8.56 -71.42
CA ALA B 473 23.51 -7.11 -71.52
C ALA B 473 24.74 -6.67 -72.30
N GLU B 474 24.90 -5.36 -72.42
CA GLU B 474 25.92 -4.84 -73.30
C GLU B 474 27.22 -4.48 -72.57
N LYS B 475 27.15 -3.99 -71.34
CA LYS B 475 28.35 -3.69 -70.59
C LYS B 475 28.30 -4.38 -69.25
N PHE B 476 29.41 -5.04 -68.90
CA PHE B 476 29.54 -5.81 -67.67
C PHE B 476 30.72 -5.25 -66.88
N LYS B 477 30.47 -4.69 -65.72
CA LYS B 477 31.56 -4.31 -64.86
C LYS B 477 32.00 -5.53 -64.07
N LEU B 478 33.31 -5.67 -63.88
CA LEU B 478 33.85 -6.68 -62.98
C LEU B 478 34.66 -5.89 -61.97
N ILE B 479 34.15 -5.81 -60.75
CA ILE B 479 34.60 -4.82 -59.79
C ILE B 479 35.09 -5.54 -58.55
N LYS B 480 36.33 -5.28 -58.18
CA LYS B 480 36.78 -5.35 -56.80
C LYS B 480 37.18 -3.91 -56.42
N ASP B 481 37.74 -3.73 -55.22
CA ASP B 481 37.69 -2.46 -54.50
C ASP B 481 38.32 -1.30 -55.27
N LYS B 482 39.43 -1.54 -55.94
CA LYS B 482 39.99 -0.54 -56.85
C LYS B 482 40.15 -1.05 -58.26
N ALA B 483 40.56 -2.29 -58.44
CA ALA B 483 40.69 -2.83 -59.78
C ALA B 483 39.33 -3.17 -60.34
N LEU B 484 39.12 -2.81 -61.60
CA LEU B 484 37.89 -3.18 -62.29
C LEU B 484 38.21 -3.38 -63.75
N VAL B 485 37.31 -4.06 -64.44
CA VAL B 485 37.46 -4.26 -65.88
C VAL B 485 36.07 -4.27 -66.51
N THR B 486 35.91 -3.53 -67.59
CA THR B 486 34.63 -3.40 -68.27
C THR B 486 34.61 -4.32 -69.48
N VAL B 487 33.58 -5.15 -69.59
CA VAL B 487 33.38 -6.05 -70.71
C VAL B 487 32.32 -5.47 -71.62
N ILE B 488 32.67 -5.29 -72.89
CA ILE B 488 31.80 -4.69 -73.89
C ILE B 488 31.26 -5.81 -74.77
N ASN B 489 29.94 -5.92 -74.83
CA ASN B 489 29.26 -6.87 -75.71
C ASN B 489 29.08 -6.21 -77.06
N LYS B 490 29.99 -6.49 -77.98
CA LYS B 490 29.77 -6.02 -79.34
C LYS B 490 29.01 -7.01 -80.19
N GLY B 491 28.45 -8.05 -79.58
CA GLY B 491 27.56 -8.95 -80.28
C GLY B 491 26.18 -8.94 -79.65
N TYR B 492 25.81 -7.82 -79.03
CA TYR B 492 24.55 -7.76 -78.31
C TYR B 492 23.38 -7.70 -79.28
N GLY B 493 22.44 -8.62 -79.12
CA GLY B 493 21.24 -8.63 -79.93
C GLY B 493 21.43 -9.07 -81.35
N LYS B 494 22.54 -9.71 -81.68
CA LYS B 494 22.74 -10.17 -83.04
C LYS B 494 22.21 -11.58 -83.25
N ASN B 495 22.40 -12.46 -82.28
CA ASN B 495 21.83 -13.82 -82.30
C ASN B 495 21.08 -14.03 -80.99
N PRO B 496 19.81 -13.69 -80.94
CA PRO B 496 19.00 -14.09 -79.78
C PRO B 496 18.39 -15.46 -80.02
N LEU B 497 17.53 -15.91 -79.12
CA LEU B 497 16.71 -17.09 -79.39
C LEU B 497 15.44 -16.64 -80.12
N THR B 498 14.56 -17.58 -80.43
CA THR B 498 13.22 -17.14 -80.84
C THR B 498 12.37 -16.88 -79.61
N LYS B 499 12.03 -17.94 -78.88
CA LYS B 499 11.43 -17.91 -77.54
C LYS B 499 11.44 -19.31 -76.96
N ASN B 500 11.92 -19.48 -75.72
CA ASN B 500 11.85 -20.78 -75.05
C ASN B 500 11.61 -20.56 -73.56
N TYR B 501 11.39 -21.66 -72.84
CA TYR B 501 11.00 -21.67 -71.45
C TYR B 501 12.04 -22.29 -70.52
N ASN B 502 12.76 -23.30 -70.96
CA ASN B 502 13.78 -23.98 -70.18
C ASN B 502 15.14 -23.71 -70.84
N ILE B 503 16.23 -24.07 -70.16
CA ILE B 503 17.56 -23.80 -70.70
C ILE B 503 17.85 -24.68 -71.92
N LYS B 504 17.73 -25.99 -71.77
CA LYS B 504 17.73 -26.83 -72.96
C LYS B 504 16.32 -26.85 -73.50
N ASN B 505 16.21 -27.03 -74.81
CA ASN B 505 14.89 -26.95 -75.45
C ASN B 505 14.25 -28.31 -75.58
N TYR B 506 14.14 -29.02 -74.45
CA TYR B 506 13.27 -30.18 -74.25
C TYR B 506 12.62 -29.94 -72.89
N GLY B 507 11.59 -29.09 -72.89
CA GLY B 507 11.12 -28.49 -71.66
C GLY B 507 9.78 -29.04 -71.22
N GLU B 508 9.54 -28.93 -69.93
CA GLU B 508 8.38 -29.51 -69.27
C GLU B 508 7.53 -28.39 -68.69
N LEU B 509 6.24 -28.69 -68.50
CA LEU B 509 5.27 -27.68 -68.11
C LEU B 509 4.11 -28.34 -67.37
N GLU B 510 3.52 -27.60 -66.44
CA GLU B 510 2.28 -28.02 -65.82
C GLU B 510 1.50 -26.80 -65.33
N ALA C 349 16.70 -96.74 -33.84
CA ALA C 349 17.87 -96.02 -34.31
C ALA C 349 17.62 -95.41 -35.69
N TYR C 350 17.36 -94.10 -35.71
CA TYR C 350 17.13 -93.37 -36.95
C TYR C 350 18.30 -92.43 -37.19
N ILE C 351 19.33 -92.95 -37.86
CA ILE C 351 20.52 -92.17 -38.18
C ILE C 351 20.29 -91.27 -39.37
N ASN C 352 19.17 -91.41 -40.07
CA ASN C 352 18.85 -90.59 -41.23
C ASN C 352 18.62 -89.13 -40.87
N ARG C 353 18.16 -88.83 -39.65
CA ARG C 353 17.96 -87.45 -39.26
C ARG C 353 19.29 -86.76 -38.96
N VAL C 354 20.32 -87.53 -38.61
CA VAL C 354 21.66 -86.97 -38.49
C VAL C 354 22.18 -86.57 -39.87
N MET C 355 21.91 -87.40 -40.89
CA MET C 355 22.27 -87.06 -42.25
C MET C 355 21.44 -85.89 -42.79
N MET C 356 20.19 -85.76 -42.36
CA MET C 356 19.39 -84.59 -42.72
C MET C 356 19.68 -83.39 -41.84
N ALA C 357 20.51 -83.56 -40.80
CA ALA C 357 21.15 -82.46 -40.11
C ALA C 357 22.46 -82.06 -40.75
N SER C 358 22.71 -82.49 -41.99
CA SER C 358 23.82 -82.02 -42.80
C SER C 358 23.38 -81.12 -43.94
N ASN C 359 22.34 -80.31 -43.73
CA ASN C 359 22.04 -79.22 -44.63
C ASN C 359 22.64 -77.89 -44.18
N GLU C 360 23.26 -77.87 -43.00
CA GLU C 360 24.05 -76.72 -42.57
C GLU C 360 25.50 -76.79 -42.99
N GLN C 361 25.90 -77.80 -43.76
CA GLN C 361 27.18 -77.70 -44.44
C GLN C 361 27.09 -76.79 -45.65
N ILE C 362 25.88 -76.67 -46.23
CA ILE C 362 25.59 -75.59 -47.16
C ILE C 362 25.75 -74.25 -46.47
N ILE C 363 25.22 -74.14 -45.25
CA ILE C 363 25.35 -72.91 -44.46
C ILE C 363 26.81 -72.67 -44.10
N ASN C 364 27.55 -73.74 -43.85
CA ASN C 364 28.98 -73.64 -43.54
C ASN C 364 29.77 -73.09 -44.72
N LYS C 365 29.56 -73.64 -45.91
CA LYS C 365 30.33 -73.18 -47.06
C LYS C 365 29.88 -71.80 -47.50
N GLU C 366 28.60 -71.45 -47.28
CA GLU C 366 28.16 -70.10 -47.64
C GLU C 366 28.64 -69.07 -46.64
N LYS C 367 28.82 -69.44 -45.36
CA LYS C 367 29.35 -68.44 -44.45
C LYS C 367 30.84 -68.28 -44.65
N ILE C 368 31.55 -69.35 -45.05
CA ILE C 368 32.94 -69.16 -45.48
C ILE C 368 33.02 -68.29 -46.73
N ARG C 369 32.03 -68.43 -47.63
CA ARG C 369 32.01 -67.60 -48.83
C ARG C 369 31.79 -66.12 -48.50
N GLU C 370 30.78 -65.80 -47.68
CA GLU C 370 30.57 -64.40 -47.34
C GLU C 370 31.66 -63.89 -46.40
N GLU C 371 32.33 -64.78 -45.67
CA GLU C 371 33.41 -64.34 -44.81
C GLU C 371 34.64 -63.96 -45.59
N LYS C 372 35.00 -64.75 -46.61
CA LYS C 372 36.10 -64.32 -47.47
C LYS C 372 35.72 -63.11 -48.32
N GLN C 373 34.42 -62.95 -48.63
CA GLN C 373 33.97 -61.71 -49.24
C GLN C 373 34.15 -60.52 -48.31
N LYS C 374 33.84 -60.71 -47.03
CA LYS C 374 34.04 -59.68 -46.02
C LYS C 374 35.51 -59.32 -45.86
N ILE C 375 36.39 -60.32 -45.86
CA ILE C 375 37.81 -60.08 -45.68
C ILE C 375 38.40 -59.36 -46.89
N ILE C 376 38.02 -59.76 -48.10
CA ILE C 376 38.55 -59.05 -49.27
C ILE C 376 37.95 -57.66 -49.36
N LEU C 377 36.73 -57.46 -48.85
CA LEU C 377 36.10 -56.15 -48.90
C LEU C 377 36.76 -55.17 -47.95
N ASP C 378 36.92 -55.54 -46.68
CA ASP C 378 37.56 -54.58 -45.79
C ASP C 378 39.07 -54.53 -45.97
N GLN C 379 39.67 -55.54 -46.60
CA GLN C 379 41.06 -55.41 -46.99
C GLN C 379 41.24 -54.41 -48.11
N ALA C 380 40.31 -54.39 -49.07
CA ALA C 380 40.34 -53.35 -50.10
C ALA C 380 40.04 -51.98 -49.51
N LYS C 381 39.14 -51.92 -48.53
CA LYS C 381 38.87 -50.66 -47.84
C LYS C 381 40.09 -50.12 -47.12
N ALA C 382 40.77 -50.99 -46.35
CA ALA C 382 41.96 -50.57 -45.62
C ALA C 382 43.11 -50.23 -46.57
N LEU C 383 43.23 -50.95 -47.68
CA LEU C 383 44.24 -50.64 -48.68
C LEU C 383 44.01 -49.27 -49.30
N GLU C 384 42.77 -48.97 -49.69
CA GLU C 384 42.55 -47.71 -50.36
C GLU C 384 42.60 -46.54 -49.38
N THR C 385 42.19 -46.75 -48.12
CA THR C 385 42.33 -45.66 -47.18
C THR C 385 43.78 -45.47 -46.75
N GLN C 386 44.60 -46.52 -46.84
CA GLN C 386 46.03 -46.38 -46.64
C GLN C 386 46.63 -45.55 -47.76
N TYR C 387 46.22 -45.82 -49.00
CA TYR C 387 46.73 -45.04 -50.12
C TYR C 387 46.26 -43.59 -50.08
N VAL C 388 44.98 -43.36 -49.81
CA VAL C 388 44.48 -41.99 -49.84
C VAL C 388 44.87 -41.23 -48.58
N HIS C 389 45.33 -41.92 -47.54
CA HIS C 389 45.92 -41.21 -46.42
C HIS C 389 47.39 -40.97 -46.63
N ASN C 390 48.05 -41.84 -47.40
CA ASN C 390 49.47 -41.67 -47.66
C ASN C 390 49.70 -40.57 -48.68
N ALA C 391 48.90 -40.54 -49.73
CA ALA C 391 49.03 -39.57 -50.80
C ALA C 391 48.11 -38.38 -50.63
N LEU C 392 47.73 -38.04 -49.40
CA LEU C 392 47.03 -36.79 -49.19
C LEU C 392 47.97 -35.74 -48.62
N LYS C 393 48.99 -36.19 -47.91
CA LYS C 393 49.91 -35.31 -47.21
C LYS C 393 51.35 -35.58 -47.63
N ARG C 394 51.54 -36.06 -48.85
CA ARG C 394 52.82 -36.60 -49.28
C ARG C 394 53.92 -35.55 -49.30
N ASN C 395 53.86 -34.61 -50.26
CA ASN C 395 54.72 -33.45 -50.46
C ASN C 395 54.17 -32.65 -51.63
N PRO C 396 54.42 -31.34 -51.66
CA PRO C 396 54.11 -30.58 -52.87
C PRO C 396 55.33 -30.48 -53.77
N VAL C 397 55.08 -30.55 -55.08
CA VAL C 397 56.17 -30.24 -56.01
C VAL C 397 56.33 -28.72 -56.07
N PRO C 398 57.55 -28.20 -56.06
CA PRO C 398 57.71 -26.75 -56.15
C PRO C 398 57.38 -26.27 -57.55
N ARG C 399 57.00 -25.00 -57.66
CA ARG C 399 56.61 -24.45 -58.94
C ARG C 399 57.51 -23.35 -59.45
N ASN C 400 57.76 -22.29 -58.69
CA ASN C 400 58.83 -21.38 -59.08
C ASN C 400 59.58 -20.87 -57.85
N TYR C 401 60.78 -20.35 -58.09
CA TYR C 401 61.72 -20.01 -57.05
C TYR C 401 62.03 -18.53 -57.01
N ASN C 402 61.53 -17.76 -57.98
CA ASN C 402 62.00 -16.41 -58.24
C ASN C 402 61.49 -15.46 -57.15
N TYR C 403 62.21 -15.41 -56.04
CA TYR C 403 61.81 -14.64 -54.88
C TYR C 403 62.96 -13.77 -54.40
N TYR C 404 62.69 -12.48 -54.23
CA TYR C 404 63.67 -11.58 -53.65
C TYR C 404 63.15 -11.07 -52.33
N GLN C 405 64.05 -10.51 -51.53
CA GLN C 405 63.67 -9.98 -50.24
C GLN C 405 64.41 -8.68 -49.98
N ALA C 406 63.84 -7.87 -49.13
CA ALA C 406 64.41 -6.57 -48.80
C ALA C 406 64.08 -6.28 -47.34
N PRO C 407 65.06 -6.39 -46.44
CA PRO C 407 64.84 -5.99 -45.05
C PRO C 407 65.00 -4.49 -44.88
N GLU C 408 64.25 -3.93 -43.94
CA GLU C 408 64.37 -2.49 -43.72
C GLU C 408 65.58 -2.17 -42.82
N LYS C 409 65.52 -2.58 -41.56
CA LYS C 409 66.58 -2.24 -40.62
C LYS C 409 66.50 -3.18 -39.44
N ARG C 410 67.61 -3.87 -39.15
CA ARG C 410 67.73 -4.85 -38.07
C ARG C 410 66.68 -5.95 -38.20
N SER C 411 66.39 -6.33 -39.43
CA SER C 411 65.51 -7.46 -39.70
C SER C 411 66.30 -8.72 -39.99
N LYS C 412 67.26 -9.03 -39.12
CA LYS C 412 67.98 -10.28 -39.25
C LYS C 412 67.40 -11.38 -38.40
N HIS C 413 66.63 -11.03 -37.37
CA HIS C 413 65.95 -11.99 -36.54
C HIS C 413 64.58 -12.37 -37.09
N ILE C 414 64.25 -11.90 -38.30
CA ILE C 414 62.93 -12.08 -38.86
C ILE C 414 62.98 -12.55 -40.31
N MET C 415 64.17 -12.56 -40.90
CA MET C 415 64.36 -12.80 -42.32
C MET C 415 64.05 -14.25 -42.66
N PRO C 416 63.28 -14.50 -43.70
CA PRO C 416 63.11 -15.87 -44.20
C PRO C 416 64.36 -16.31 -44.94
N SER C 417 64.53 -17.62 -45.05
CA SER C 417 65.70 -18.12 -45.75
C SER C 417 65.38 -18.71 -47.12
N GLU C 418 64.66 -19.82 -47.20
CA GLU C 418 64.41 -20.47 -48.49
C GLU C 418 62.91 -20.39 -48.74
N ILE C 419 62.50 -19.63 -49.74
CA ILE C 419 61.09 -19.44 -50.04
C ILE C 419 60.80 -20.03 -51.41
N PHE C 420 59.69 -20.74 -51.53
CA PHE C 420 59.19 -21.15 -52.84
C PHE C 420 57.67 -21.26 -52.75
N ASP C 421 57.06 -21.88 -53.74
CA ASP C 421 55.61 -22.08 -53.75
C ASP C 421 55.27 -23.37 -54.49
N ASP C 422 53.99 -23.59 -54.71
CA ASP C 422 53.54 -24.66 -55.59
C ASP C 422 52.45 -24.22 -56.56
N GLY C 423 52.22 -22.92 -56.70
CA GLY C 423 51.11 -22.42 -57.46
C GLY C 423 49.84 -22.21 -56.68
N THR C 424 49.71 -22.87 -55.53
CA THR C 424 48.57 -22.66 -54.63
C THR C 424 49.02 -22.09 -53.29
N PHE C 425 49.98 -22.73 -52.64
CA PHE C 425 50.47 -22.32 -51.34
C PHE C 425 51.86 -21.73 -51.51
N THR C 426 52.25 -20.88 -50.57
CA THR C 426 53.61 -20.31 -50.57
C THR C 426 54.32 -20.77 -49.32
N TYR C 427 55.45 -21.45 -49.51
CA TYR C 427 56.21 -22.03 -48.42
C TYR C 427 57.39 -21.11 -48.11
N PHE C 428 57.37 -20.51 -46.92
CA PHE C 428 58.51 -19.80 -46.39
C PHE C 428 59.35 -20.76 -45.56
N GLY C 429 60.65 -20.62 -45.64
CA GLY C 429 61.50 -21.42 -44.82
C GLY C 429 62.41 -20.56 -43.98
N PHE C 430 62.19 -20.61 -42.68
CA PHE C 430 62.92 -19.86 -41.69
C PHE C 430 64.05 -20.72 -41.14
N LYS C 431 64.99 -20.08 -40.46
CA LYS C 431 65.89 -20.82 -39.60
C LYS C 431 65.22 -21.01 -38.25
N ASN C 432 65.97 -21.47 -37.25
CA ASN C 432 65.41 -21.48 -35.91
C ASN C 432 65.95 -20.38 -35.03
N ILE C 433 67.07 -19.77 -35.41
CA ILE C 433 67.57 -18.62 -34.68
C ILE C 433 66.68 -17.40 -34.95
N THR C 434 65.97 -17.41 -36.06
CA THR C 434 65.02 -16.34 -36.33
C THR C 434 63.73 -16.58 -35.56
N LEU C 435 62.94 -15.52 -35.45
CA LEU C 435 61.67 -15.57 -34.77
C LEU C 435 60.58 -15.91 -35.78
N GLN C 436 59.32 -15.69 -35.41
CA GLN C 436 58.20 -15.99 -36.29
C GLN C 436 57.44 -14.71 -36.60
N PRO C 437 57.56 -14.17 -37.80
CA PRO C 437 56.88 -12.92 -38.15
C PRO C 437 55.38 -13.09 -38.27
N ALA C 438 54.72 -11.94 -38.32
CA ALA C 438 53.34 -11.89 -38.80
C ALA C 438 53.39 -11.70 -40.31
N ILE C 439 52.96 -12.73 -41.03
CA ILE C 439 52.97 -12.67 -42.48
C ILE C 439 51.77 -11.88 -42.97
N PHE C 440 51.96 -11.12 -44.06
CA PHE C 440 50.88 -10.33 -44.61
C PHE C 440 50.99 -10.31 -46.12
N VAL C 441 49.83 -10.37 -46.77
CA VAL C 441 49.73 -10.27 -48.21
C VAL C 441 49.41 -8.83 -48.57
N VAL C 442 50.24 -8.24 -49.42
CA VAL C 442 50.02 -6.86 -49.86
C VAL C 442 48.89 -6.86 -50.88
N GLN C 443 47.79 -6.20 -50.53
CA GLN C 443 46.72 -5.97 -51.48
C GLN C 443 47.21 -5.03 -52.58
N PRO C 444 46.67 -5.16 -53.80
CA PRO C 444 47.20 -4.37 -54.93
C PRO C 444 46.95 -2.87 -54.85
N ASP C 445 46.18 -2.38 -53.89
CA ASP C 445 46.17 -0.94 -53.65
C ASP C 445 47.36 -0.48 -52.82
N GLY C 446 48.09 -1.42 -52.24
CA GLY C 446 49.17 -1.11 -51.32
C GLY C 446 48.88 -1.50 -49.89
N LYS C 447 47.64 -1.81 -49.56
CA LYS C 447 47.26 -2.13 -48.19
C LYS C 447 47.62 -3.58 -47.88
N LEU C 448 47.34 -3.99 -46.65
CA LEU C 448 47.70 -5.30 -46.17
C LEU C 448 46.48 -6.19 -46.06
N SER C 449 46.73 -7.49 -45.93
CA SER C 449 45.65 -8.45 -45.72
C SER C 449 46.18 -9.62 -44.93
N MET C 450 45.67 -9.78 -43.71
CA MET C 450 46.01 -10.93 -42.89
C MET C 450 45.40 -12.18 -43.49
N THR C 451 46.24 -13.19 -43.74
CA THR C 451 45.78 -14.45 -44.30
C THR C 451 46.05 -15.59 -43.32
N ASP C 452 45.28 -16.66 -43.49
CA ASP C 452 45.51 -17.85 -42.69
C ASP C 452 46.80 -18.53 -43.12
N ALA C 453 47.49 -19.10 -42.12
CA ALA C 453 48.80 -19.68 -42.34
C ALA C 453 49.05 -20.67 -41.21
N ALA C 454 49.97 -21.59 -41.45
CA ALA C 454 50.33 -22.55 -40.44
C ALA C 454 51.75 -22.99 -40.67
N ILE C 455 52.40 -23.38 -39.59
CA ILE C 455 53.69 -24.04 -39.68
C ILE C 455 53.42 -25.45 -40.18
N ASP C 456 54.03 -25.79 -41.30
CA ASP C 456 53.79 -27.10 -41.89
C ASP C 456 54.67 -28.14 -41.22
N PRO C 457 54.10 -29.09 -40.47
CA PRO C 457 54.95 -30.02 -39.72
C PRO C 457 55.54 -31.13 -40.58
N ASN C 458 55.02 -31.33 -41.79
CA ASN C 458 55.51 -32.42 -42.61
C ASN C 458 56.83 -32.07 -43.28
N MET C 459 56.99 -30.82 -43.69
CA MET C 459 58.19 -30.42 -44.42
C MET C 459 59.31 -30.08 -43.46
N THR C 460 60.44 -30.74 -43.61
CA THR C 460 61.66 -30.43 -42.88
C THR C 460 62.82 -30.38 -43.87
N ASN C 461 62.60 -29.73 -45.01
CA ASN C 461 63.62 -29.65 -46.03
C ASN C 461 64.75 -28.75 -45.57
N SER C 462 65.98 -29.26 -45.68
CA SER C 462 67.24 -28.55 -45.38
C SER C 462 67.37 -28.13 -43.93
N GLY C 463 66.55 -28.70 -43.05
CA GLY C 463 66.60 -28.34 -41.65
C GLY C 463 66.11 -26.94 -41.39
N LEU C 464 64.92 -26.62 -41.85
CA LEU C 464 64.34 -25.30 -41.71
C LEU C 464 63.03 -25.40 -40.94
N ARG C 465 62.43 -24.26 -40.68
CA ARG C 465 61.07 -24.21 -40.17
C ARG C 465 60.18 -23.74 -41.30
N TRP C 466 59.33 -24.62 -41.81
CA TRP C 466 58.51 -24.26 -42.94
C TRP C 466 57.18 -23.70 -42.48
N TYR C 467 56.73 -22.70 -43.21
CA TYR C 467 55.56 -21.91 -42.81
C TYR C 467 54.83 -21.56 -44.09
N ARG C 468 53.69 -22.19 -44.32
CA ARG C 468 52.97 -21.98 -45.57
C ARG C 468 51.86 -20.97 -45.37
N VAL C 469 51.64 -20.16 -46.39
CA VAL C 469 50.46 -19.33 -46.47
C VAL C 469 49.64 -19.81 -47.66
N ASN C 470 48.35 -19.50 -47.61
CA ASN C 470 47.38 -20.09 -48.53
C ASN C 470 47.02 -19.15 -49.67
N GLU C 471 47.96 -18.31 -50.11
CA GLU C 471 47.73 -17.42 -51.22
C GLU C 471 49.00 -17.28 -52.04
N ILE C 472 48.82 -16.84 -53.29
CA ILE C 472 49.91 -16.56 -54.19
C ILE C 472 49.78 -15.09 -54.56
N ALA C 473 50.71 -14.26 -54.09
CA ALA C 473 50.66 -12.84 -54.40
C ALA C 473 52.05 -12.33 -54.72
N GLU C 474 52.14 -11.03 -54.97
CA GLU C 474 53.37 -10.47 -55.48
C GLU C 474 54.25 -9.86 -54.40
N LYS C 475 53.67 -9.26 -53.38
CA LYS C 475 54.46 -8.69 -52.29
C LYS C 475 53.96 -9.24 -50.96
N PHE C 476 54.90 -9.70 -50.14
CA PHE C 476 54.62 -10.29 -48.85
C PHE C 476 55.35 -9.50 -47.78
N LYS C 477 54.61 -8.86 -46.89
CA LYS C 477 55.26 -8.23 -45.76
C LYS C 477 55.47 -9.27 -44.68
N LEU C 478 56.60 -9.22 -44.01
CA LEU C 478 56.85 -10.03 -42.82
C LEU C 478 57.13 -9.03 -41.72
N ILE C 479 56.19 -8.88 -40.81
CA ILE C 479 56.16 -7.74 -39.92
C ILE C 479 56.19 -8.24 -38.49
N LYS C 480 57.16 -7.77 -37.72
CA LYS C 480 57.05 -7.62 -36.28
C LYS C 480 57.14 -6.11 -36.02
N ASP C 481 57.19 -5.73 -34.74
CA ASP C 481 56.76 -4.39 -34.29
C ASP C 481 57.53 -3.25 -34.96
N LYS C 482 58.84 -3.41 -35.12
CA LYS C 482 59.61 -2.45 -35.90
C LYS C 482 60.34 -3.09 -37.06
N ALA C 483 60.89 -4.28 -36.88
CA ALA C 483 61.57 -4.94 -37.96
C ALA C 483 60.57 -5.52 -38.94
N LEU C 484 60.83 -5.33 -40.22
CA LEU C 484 59.99 -5.95 -41.25
C LEU C 484 60.87 -6.26 -42.44
N VAL C 485 60.37 -7.14 -43.30
CA VAL C 485 61.07 -7.47 -44.53
C VAL C 485 60.04 -7.76 -45.61
N THR C 486 60.24 -7.16 -46.78
CA THR C 486 59.32 -7.30 -47.90
C THR C 486 59.85 -8.33 -48.87
N VAL C 487 59.00 -9.31 -49.21
CA VAL C 487 59.34 -10.35 -50.18
C VAL C 487 58.66 -10.02 -51.49
N ILE C 488 59.45 -9.95 -52.56
CA ILE C 488 58.98 -9.58 -53.88
C ILE C 488 58.92 -10.86 -54.72
N ASN C 489 57.74 -11.16 -55.24
CA ASN C 489 57.53 -12.29 -56.14
C ASN C 489 57.84 -11.82 -57.55
N LYS C 490 59.06 -12.07 -58.02
CA LYS C 490 59.34 -11.79 -59.42
C LYS C 490 59.03 -12.97 -60.33
N GLY C 491 58.37 -14.00 -59.81
CA GLY C 491 57.89 -15.08 -60.64
C GLY C 491 56.39 -15.19 -60.57
N TYR C 492 55.72 -14.07 -60.31
CA TYR C 492 54.28 -14.10 -60.13
C TYR C 492 53.58 -14.31 -61.46
N GLY C 493 52.72 -15.33 -61.51
CA GLY C 493 51.93 -15.59 -62.69
C GLY C 493 52.69 -16.16 -63.86
N LYS C 494 53.91 -16.68 -63.64
CA LYS C 494 54.63 -17.26 -64.76
C LYS C 494 54.34 -18.74 -64.92
N ASN C 495 54.23 -19.48 -63.82
CA ASN C 495 53.83 -20.88 -63.84
C ASN C 495 52.66 -21.06 -62.88
N PRO C 496 51.43 -20.89 -63.35
CA PRO C 496 50.28 -21.27 -62.53
C PRO C 496 49.93 -22.72 -62.76
N LEU C 497 48.83 -23.19 -62.18
CA LEU C 497 48.29 -24.49 -62.55
C LEU C 497 47.36 -24.30 -63.75
N THR C 498 46.74 -25.38 -64.21
CA THR C 498 45.64 -25.18 -65.16
C THR C 498 44.36 -24.91 -64.39
N LYS C 499 43.85 -25.91 -63.66
CA LYS C 499 42.79 -25.81 -62.67
C LYS C 499 42.69 -27.13 -61.91
N ASN C 500 42.66 -27.09 -60.58
CA ASN C 500 42.46 -28.30 -59.78
C ASN C 500 41.64 -27.95 -58.54
N TYR C 501 41.27 -28.99 -57.79
CA TYR C 501 40.37 -28.89 -56.65
C TYR C 501 41.01 -29.25 -55.33
N ASN C 502 41.94 -30.19 -55.31
CA ASN C 502 42.64 -30.63 -54.12
C ASN C 502 44.11 -30.25 -54.26
N ILE C 503 44.88 -30.39 -53.18
CA ILE C 503 46.29 -29.99 -53.23
C ILE C 503 47.10 -30.95 -54.08
N LYS C 504 47.05 -32.25 -53.80
CA LYS C 504 47.58 -33.20 -54.75
C LYS C 504 46.49 -33.48 -55.77
N ASN C 505 46.90 -33.82 -56.98
CA ASN C 505 45.93 -33.99 -58.06
C ASN C 505 45.51 -35.44 -58.21
N TYR C 506 45.04 -36.02 -57.10
CA TYR C 506 44.25 -37.26 -57.05
C TYR C 506 43.12 -36.97 -56.09
N GLY C 507 42.09 -36.27 -56.60
CA GLY C 507 41.14 -35.60 -55.74
C GLY C 507 39.79 -36.28 -55.75
N GLU C 508 39.05 -36.06 -54.66
CA GLU C 508 37.79 -36.72 -54.41
C GLU C 508 36.69 -35.67 -54.36
N LEU C 509 35.46 -36.11 -54.61
CA LEU C 509 34.33 -35.22 -54.78
C LEU C 509 33.04 -35.94 -54.42
N GLU C 510 32.08 -35.19 -53.90
CA GLU C 510 30.72 -35.70 -53.72
C GLU C 510 29.72 -34.57 -53.75
N ALA D 349 36.84 -97.39 -7.50
CA ALA D 349 38.04 -96.56 -7.60
C ALA D 349 38.31 -96.17 -9.05
N TYR D 350 37.97 -94.92 -9.39
CA TYR D 350 38.18 -94.40 -10.73
C TYR D 350 39.27 -93.33 -10.66
N ILE D 351 40.53 -93.78 -10.80
CA ILE D 351 41.68 -92.88 -10.76
C ILE D 351 41.87 -92.17 -12.08
N ASN D 352 41.13 -92.58 -13.13
CA ASN D 352 41.23 -91.95 -14.44
C ASN D 352 40.75 -90.50 -14.45
N ARG D 353 39.83 -90.13 -13.56
CA ARG D 353 39.37 -88.75 -13.51
C ARG D 353 40.40 -87.85 -12.86
N VAL D 354 41.28 -88.41 -12.01
CA VAL D 354 42.41 -87.66 -11.49
C VAL D 354 43.40 -87.36 -12.62
N MET D 355 43.63 -88.33 -13.51
CA MET D 355 44.47 -88.11 -14.67
C MET D 355 43.83 -87.15 -15.66
N MET D 356 42.50 -87.15 -15.77
CA MET D 356 41.81 -86.17 -16.60
C MET D 356 41.64 -84.83 -15.89
N ALA D 357 41.99 -84.76 -14.61
CA ALA D 357 42.20 -83.50 -13.92
C ALA D 357 43.63 -82.99 -14.08
N SER D 358 44.39 -83.53 -15.03
CA SER D 358 45.69 -83.01 -15.42
C SER D 358 45.65 -82.32 -16.77
N ASN D 359 44.55 -81.66 -17.12
CA ASN D 359 44.55 -80.74 -18.25
C ASN D 359 44.81 -79.30 -17.82
N GLU D 360 44.90 -79.04 -16.52
CA GLU D 360 45.35 -77.74 -16.02
C GLU D 360 46.86 -77.66 -15.83
N GLN D 361 47.61 -78.69 -16.22
CA GLN D 361 49.06 -78.49 -16.36
C GLN D 361 49.37 -77.76 -17.66
N ILE D 362 48.49 -77.88 -18.66
CA ILE D 362 48.50 -76.98 -19.80
C ILE D 362 48.27 -75.55 -19.34
N ILE D 363 47.28 -75.37 -18.46
CA ILE D 363 46.99 -74.05 -17.90
C ILE D 363 48.15 -73.55 -17.05
N ASN D 364 48.83 -74.47 -16.37
CA ASN D 364 49.99 -74.14 -15.55
C ASN D 364 51.13 -73.63 -16.41
N LYS D 365 51.46 -74.36 -17.49
CA LYS D 365 52.59 -73.92 -18.30
C LYS D 365 52.23 -72.69 -19.12
N GLU D 366 50.95 -72.50 -19.46
CA GLU D 366 50.58 -71.29 -20.19
C GLU D 366 50.54 -70.07 -19.26
N LYS D 367 50.22 -70.26 -17.98
CA LYS D 367 50.26 -69.09 -17.11
C LYS D 367 51.69 -68.74 -16.75
N ILE D 368 52.58 -69.73 -16.67
CA ILE D 368 54.01 -69.41 -16.57
C ILE D 368 54.50 -68.69 -17.81
N ARG D 369 53.98 -69.07 -18.99
CA ARG D 369 54.36 -68.42 -20.23
C ARG D 369 53.91 -66.96 -20.26
N GLU D 370 52.64 -66.69 -19.95
CA GLU D 370 52.18 -65.30 -19.96
C GLU D 370 52.77 -64.53 -18.78
N GLU D 371 53.16 -65.21 -17.71
CA GLU D 371 53.76 -64.52 -16.58
C GLU D 371 55.18 -64.06 -16.90
N LYS D 372 55.97 -64.91 -17.56
CA LYS D 372 57.29 -64.45 -17.99
C LYS D 372 57.18 -63.43 -19.11
N GLN D 373 56.11 -63.49 -19.91
CA GLN D 373 55.82 -62.41 -20.86
C GLN D 373 55.53 -61.10 -20.13
N LYS D 374 54.74 -61.17 -19.06
CA LYS D 374 54.44 -60.01 -18.24
C LYS D 374 55.69 -59.42 -17.60
N ILE D 375 56.57 -60.28 -17.10
CA ILE D 375 57.78 -59.82 -16.43
C ILE D 375 58.74 -59.18 -17.42
N ILE D 376 58.92 -59.78 -18.60
CA ILE D 376 59.81 -59.14 -19.57
C ILE D 376 59.18 -57.87 -20.14
N LEU D 377 57.84 -57.80 -20.17
CA LEU D 377 57.17 -56.60 -20.68
C LEU D 377 57.32 -55.43 -19.72
N ASP D 378 56.98 -55.61 -18.44
CA ASP D 378 57.13 -54.46 -17.56
C ASP D 378 58.58 -54.22 -17.16
N GLN D 379 59.47 -55.20 -17.33
CA GLN D 379 60.88 -54.93 -17.16
C GLN D 379 61.40 -54.06 -18.29
N ALA D 380 60.94 -54.28 -19.52
CA ALA D 380 61.28 -53.40 -20.62
C ALA D 380 60.67 -52.02 -20.43
N LYS D 381 59.45 -51.96 -19.89
CA LYS D 381 58.83 -50.67 -19.58
C LYS D 381 59.61 -49.89 -18.55
N ALA D 382 60.00 -50.55 -17.45
CA ALA D 382 60.76 -49.88 -16.41
C ALA D 382 62.15 -49.49 -16.88
N LEU D 383 62.77 -50.32 -17.73
CA LEU D 383 64.06 -49.99 -18.31
C LEU D 383 63.98 -48.76 -19.19
N GLU D 384 62.98 -48.69 -20.06
CA GLU D 384 62.95 -47.57 -20.98
C GLU D 384 62.50 -46.30 -20.27
N THR D 385 61.65 -46.40 -19.24
CA THR D 385 61.30 -45.18 -18.52
C THR D 385 62.44 -44.74 -17.61
N GLN D 386 63.31 -45.67 -17.20
CA GLN D 386 64.52 -45.30 -16.49
C GLN D 386 65.45 -44.54 -17.43
N TYR D 387 65.59 -45.01 -18.67
CA TYR D 387 66.44 -44.32 -19.61
C TYR D 387 65.88 -42.95 -20.01
N VAL D 388 64.58 -42.88 -20.28
CA VAL D 388 64.02 -41.61 -20.74
C VAL D 388 63.81 -40.66 -19.57
N HIS D 389 63.88 -41.14 -18.33
CA HIS D 389 63.91 -40.22 -17.21
C HIS D 389 65.33 -39.79 -16.88
N ASN D 390 66.29 -40.64 -17.19
CA ASN D 390 67.68 -40.30 -16.90
C ASN D 390 68.21 -39.32 -17.93
N ALA D 391 67.89 -39.54 -19.20
CA ALA D 391 68.36 -38.70 -20.28
C ALA D 391 67.34 -37.64 -20.68
N LEU D 392 66.49 -37.21 -19.76
CA LEU D 392 65.66 -36.05 -20.05
C LEU D 392 66.21 -34.83 -19.37
N LYS D 393 66.89 -35.03 -18.24
CA LYS D 393 67.38 -33.95 -17.40
C LYS D 393 68.88 -34.05 -17.19
N ARG D 394 69.58 -34.65 -18.16
CA ARG D 394 70.96 -35.05 -17.96
C ARG D 394 71.90 -33.86 -17.74
N ASN D 395 72.13 -33.07 -18.79
CA ASN D 395 72.91 -31.83 -18.84
C ASN D 395 72.81 -31.26 -20.25
N PRO D 396 72.93 -29.95 -20.40
CA PRO D 396 73.08 -29.39 -21.76
C PRO D 396 74.54 -29.24 -22.12
N VAL D 397 74.84 -29.50 -23.39
CA VAL D 397 76.17 -29.15 -23.87
C VAL D 397 76.22 -27.65 -24.13
N PRO D 398 77.28 -26.96 -23.74
CA PRO D 398 77.35 -25.53 -24.01
C PRO D 398 77.56 -25.27 -25.49
N ARG D 399 77.15 -24.09 -25.95
CA ARG D 399 77.25 -23.77 -27.36
C ARG D 399 78.20 -22.62 -27.67
N ASN D 400 78.03 -21.45 -27.05
CA ASN D 400 79.09 -20.45 -27.15
C ASN D 400 79.24 -19.69 -25.84
N TYR D 401 80.38 -19.04 -25.69
CA TYR D 401 80.80 -18.44 -24.44
C TYR D 401 80.95 -16.93 -24.54
N ASN D 402 80.82 -16.37 -25.75
CA ASN D 402 81.24 -15.01 -26.02
C ASN D 402 80.26 -14.03 -25.40
N TYR D 403 80.47 -13.73 -24.12
CA TYR D 403 79.57 -12.88 -23.34
C TYR D 403 80.36 -11.81 -22.62
N TYR D 404 79.95 -10.57 -22.79
CA TYR D 404 80.53 -9.47 -22.04
C TYR D 404 79.48 -8.88 -21.12
N GLN D 405 79.94 -8.10 -20.15
CA GLN D 405 79.03 -7.47 -19.21
C GLN D 405 79.50 -6.06 -18.92
N ALA D 406 78.58 -5.24 -18.49
CA ALA D 406 78.86 -3.84 -18.18
C ALA D 406 77.96 -3.43 -17.05
N PRO D 407 78.49 -3.28 -15.84
CA PRO D 407 77.70 -2.76 -14.72
C PRO D 407 77.66 -1.23 -14.77
N GLU D 408 76.55 -0.67 -14.29
CA GLU D 408 76.46 0.79 -14.29
C GLU D 408 77.17 1.37 -13.07
N LYS D 409 76.65 1.13 -11.88
CA LYS D 409 77.22 1.72 -10.67
C LYS D 409 76.75 0.94 -9.47
N ARG D 410 77.70 0.46 -8.66
CA ARG D 410 77.46 -0.36 -7.47
C ARG D 410 76.66 -1.60 -7.79
N SER D 411 76.91 -2.18 -8.97
CA SER D 411 76.30 -3.44 -9.35
C SER D 411 77.25 -4.60 -9.10
N LYS D 412 77.80 -4.66 -7.90
CA LYS D 412 78.63 -5.79 -7.53
C LYS D 412 77.84 -6.86 -6.79
N HIS D 413 76.71 -6.50 -6.20
CA HIS D 413 75.83 -7.44 -5.55
C HIS D 413 74.83 -8.06 -6.51
N ILE D 414 74.97 -7.81 -7.81
CA ILE D 414 74.00 -8.24 -8.80
C ILE D 414 74.67 -8.87 -10.00
N MET D 415 75.99 -8.78 -10.10
CA MET D 415 76.75 -9.17 -11.27
C MET D 415 76.72 -10.68 -11.46
N PRO D 416 76.45 -11.17 -12.66
CA PRO D 416 76.62 -12.59 -12.94
C PRO D 416 78.08 -12.94 -13.06
N SER D 417 78.40 -14.22 -12.88
CA SER D 417 79.79 -14.63 -12.98
C SER D 417 80.09 -15.41 -14.24
N GLU D 418 79.56 -16.62 -14.41
CA GLU D 418 79.88 -17.45 -15.56
C GLU D 418 78.61 -17.62 -16.37
N ILE D 419 78.58 -17.05 -17.57
CA ILE D 419 77.39 -17.10 -18.40
C ILE D 419 77.72 -17.89 -19.66
N PHE D 420 76.81 -18.77 -20.07
CA PHE D 420 76.91 -19.40 -21.39
C PHE D 420 75.50 -19.72 -21.86
N ASP D 421 75.39 -20.54 -22.90
CA ASP D 421 74.09 -20.94 -23.42
C ASP D 421 74.18 -22.35 -24.00
N ASP D 422 73.10 -22.78 -24.66
CA ASP D 422 73.14 -24.00 -25.45
C ASP D 422 72.49 -23.84 -26.81
N GLY D 423 72.23 -22.62 -27.25
CA GLY D 423 71.49 -22.37 -28.45
C GLY D 423 69.99 -22.25 -28.26
N THR D 424 69.46 -22.78 -27.15
CA THR D 424 68.06 -22.62 -26.81
C THR D 424 67.88 -21.84 -25.52
N PHE D 425 68.56 -22.26 -24.46
CA PHE D 425 68.45 -21.62 -23.15
C PHE D 425 69.73 -20.87 -22.86
N THR D 426 69.65 -19.85 -22.02
CA THR D 426 70.83 -19.10 -21.60
C THR D 426 71.03 -19.30 -20.11
N TYR D 427 72.20 -19.83 -19.73
CA TYR D 427 72.50 -20.14 -18.35
C TYR D 427 73.38 -19.04 -17.78
N PHE D 428 72.84 -18.31 -16.80
CA PHE D 428 73.61 -17.38 -16.00
C PHE D 428 74.12 -18.10 -14.78
N GLY D 429 75.34 -17.78 -14.38
CA GLY D 429 75.86 -18.36 -13.16
C GLY D 429 76.28 -17.27 -12.20
N PHE D 430 75.55 -17.19 -11.10
CA PHE D 430 75.77 -16.23 -10.05
C PHE D 430 76.65 -16.85 -8.98
N LYS D 431 77.19 -16.00 -8.11
CA LYS D 431 77.74 -16.49 -6.85
C LYS D 431 76.59 -16.62 -5.85
N ASN D 432 76.92 -16.82 -4.58
CA ASN D 432 75.88 -16.76 -3.58
C ASN D 432 75.93 -15.49 -2.75
N ILE D 433 77.05 -14.78 -2.78
CA ILE D 433 77.12 -13.48 -2.11
C ILE D 433 76.32 -12.45 -2.90
N THR D 434 76.11 -12.69 -4.18
CA THR D 434 75.26 -11.82 -4.97
C THR D 434 73.79 -12.14 -4.73
N LEU D 435 72.94 -11.20 -5.10
CA LEU D 435 71.51 -11.35 -4.96
C LEU D 435 70.95 -11.96 -6.24
N GLN D 436 69.64 -11.88 -6.42
CA GLN D 436 68.99 -12.44 -7.60
C GLN D 436 68.31 -11.33 -8.39
N PRO D 437 68.85 -10.93 -9.52
CA PRO D 437 68.27 -9.85 -10.31
C PRO D 437 66.95 -10.24 -10.97
N ALA D 438 66.28 -9.21 -11.46
CA ALA D 438 65.21 -9.42 -12.42
C ALA D 438 65.83 -9.41 -13.80
N ILE D 439 65.81 -10.58 -14.46
CA ILE D 439 66.40 -10.70 -15.78
C ILE D 439 65.43 -10.14 -16.82
N PHE D 440 65.97 -9.51 -17.86
CA PHE D 440 65.14 -8.96 -18.92
C PHE D 440 65.84 -9.11 -20.25
N VAL D 441 65.05 -9.42 -21.27
CA VAL D 441 65.52 -9.51 -22.63
C VAL D 441 65.25 -8.18 -23.31
N VAL D 442 66.30 -7.59 -23.87
CA VAL D 442 66.15 -6.33 -24.59
C VAL D 442 65.53 -6.60 -25.95
N GLN D 443 64.34 -6.07 -26.16
CA GLN D 443 63.72 -6.11 -27.48
C GLN D 443 64.53 -5.25 -28.45
N PRO D 444 64.53 -5.61 -29.74
CA PRO D 444 65.39 -4.90 -30.70
C PRO D 444 65.01 -3.45 -30.97
N ASP D 445 63.88 -2.96 -30.47
CA ASP D 445 63.66 -1.52 -30.50
C ASP D 445 64.37 -0.80 -29.38
N GLY D 446 64.89 -1.54 -28.40
CA GLY D 446 65.49 -0.97 -27.21
C GLY D 446 64.69 -1.22 -25.95
N LYS D 447 63.44 -1.66 -26.08
CA LYS D 447 62.59 -1.86 -24.94
C LYS D 447 62.91 -3.19 -24.27
N LEU D 448 62.19 -3.49 -23.18
CA LEU D 448 62.44 -4.67 -22.39
C LEU D 448 61.35 -5.70 -22.60
N SER D 449 61.64 -6.93 -22.17
CA SER D 449 60.65 -7.99 -22.24
C SER D 449 60.91 -8.97 -21.10
N MET D 450 59.99 -9.05 -20.16
CA MET D 450 60.07 -10.04 -19.09
C MET D 450 59.85 -11.43 -19.67
N THR D 451 60.80 -12.32 -19.41
CA THR D 451 60.71 -13.70 -19.86
C THR D 451 60.65 -14.66 -18.69
N ASP D 452 60.11 -15.84 -18.95
CA ASP D 452 60.10 -16.88 -17.94
C ASP D 452 61.51 -17.41 -17.71
N ALA D 453 61.79 -17.75 -16.46
CA ALA D 453 63.11 -18.16 -16.05
C ALA D 453 62.98 -18.95 -14.76
N ALA D 454 63.99 -19.75 -14.48
CA ALA D 454 63.99 -20.53 -13.25
C ALA D 454 65.42 -20.78 -12.84
N ILE D 455 65.62 -20.94 -11.55
CA ILE D 455 66.89 -21.41 -11.02
C ILE D 455 66.96 -22.89 -11.35
N ASP D 456 67.99 -23.29 -12.07
CA ASP D 456 68.11 -24.67 -12.48
C ASP D 456 68.74 -25.49 -11.36
N PRO D 457 67.99 -26.41 -10.73
CA PRO D 457 68.55 -27.11 -9.58
C PRO D 457 69.52 -28.20 -9.94
N ASN D 458 69.56 -28.64 -11.20
CA ASN D 458 70.42 -29.74 -11.59
C ASN D 458 71.86 -29.29 -11.74
N MET D 459 72.07 -28.09 -12.26
CA MET D 459 73.42 -27.61 -12.55
C MET D 459 74.02 -27.00 -11.30
N THR D 460 75.18 -27.51 -10.90
CA THR D 460 75.98 -26.94 -9.82
C THR D 460 77.42 -26.84 -10.28
N ASN D 461 77.63 -26.38 -11.51
CA ASN D 461 78.96 -26.28 -12.07
C ASN D 461 79.74 -25.18 -11.38
N SER D 462 80.94 -25.52 -10.92
CA SER D 462 81.91 -24.61 -10.30
C SER D 462 81.41 -24.00 -8.99
N GLY D 463 80.36 -24.56 -8.40
CA GLY D 463 79.82 -24.03 -7.17
C GLY D 463 79.16 -22.68 -7.36
N LEU D 464 78.23 -22.61 -8.29
CA LEU D 464 77.53 -21.38 -8.61
C LEU D 464 76.04 -21.56 -8.38
N ARG D 465 75.29 -20.50 -8.57
CA ARG D 465 73.84 -20.58 -8.64
C ARG D 465 73.44 -20.38 -10.09
N TRP D 466 72.94 -21.43 -10.72
CA TRP D 466 72.61 -21.35 -12.13
C TRP D 466 71.17 -20.92 -12.30
N TYR D 467 70.95 -20.09 -13.31
CA TYR D 467 69.67 -19.44 -13.52
C TYR D 467 69.48 -19.36 -15.02
N ARG D 468 68.59 -20.17 -15.56
CA ARG D 468 68.40 -20.21 -17.01
C ARG D 468 67.23 -19.36 -17.42
N VAL D 469 67.37 -18.72 -18.58
CA VAL D 469 66.25 -18.08 -19.24
C VAL D 469 66.02 -18.82 -20.54
N ASN D 470 64.79 -18.71 -21.05
CA ASN D 470 64.32 -19.53 -22.15
C ASN D 470 64.38 -18.79 -23.48
N GLU D 471 65.34 -17.89 -23.65
CA GLU D 471 65.49 -17.18 -24.91
C GLU D 471 66.96 -16.97 -25.20
N ILE D 472 67.25 -16.71 -26.47
CA ILE D 472 68.59 -16.38 -26.93
C ILE D 472 68.51 -15.01 -27.57
N ALA D 473 69.09 -14.01 -26.92
CA ALA D 473 69.05 -12.66 -27.46
C ALA D 473 70.41 -12.00 -27.31
N GLU D 474 70.47 -10.74 -27.73
CA GLU D 474 71.76 -10.08 -27.82
C GLU D 474 72.09 -9.22 -26.61
N LYS D 475 71.09 -8.58 -25.99
CA LYS D 475 71.33 -7.78 -24.80
C LYS D 475 70.40 -8.23 -23.69
N PHE D 476 70.97 -8.44 -22.51
CA PHE D 476 70.24 -8.90 -21.34
C PHE D 476 70.42 -7.89 -20.22
N LYS D 477 69.34 -7.25 -19.81
CA LYS D 477 69.43 -6.41 -18.64
C LYS D 477 69.27 -7.27 -17.40
N LEU D 478 70.03 -6.96 -16.36
CA LEU D 478 69.86 -7.59 -15.07
C LEU D 478 69.60 -6.43 -14.12
N ILE D 479 68.36 -6.30 -13.68
CA ILE D 479 67.88 -5.08 -13.07
C ILE D 479 67.38 -5.39 -11.67
N LYS D 480 67.93 -4.70 -10.68
CA LYS D 480 67.23 -4.39 -9.45
C LYS D 480 67.09 -2.87 -9.43
N ASP D 481 66.59 -2.31 -8.31
CA ASP D 481 65.91 -1.02 -8.29
C ASP D 481 66.78 0.13 -8.79
N LYS D 482 68.05 0.15 -8.43
CA LYS D 482 68.98 1.10 -9.00
C LYS D 482 70.18 0.45 -9.66
N ALA D 483 70.70 -0.62 -9.08
CA ALA D 483 71.82 -1.31 -9.71
C ALA D 483 71.33 -2.15 -10.88
N LEU D 484 72.06 -2.09 -11.98
CA LEU D 484 71.76 -2.94 -13.12
C LEU D 484 73.06 -3.27 -13.82
N VAL D 485 73.02 -4.30 -14.64
CA VAL D 485 74.18 -4.68 -15.44
C VAL D 485 73.69 -5.24 -16.76
N THR D 486 74.29 -4.78 -17.84
CA THR D 486 73.90 -5.17 -19.19
C THR D 486 74.86 -6.24 -19.70
N VAL D 487 74.32 -7.36 -20.17
CA VAL D 487 75.08 -8.45 -20.74
C VAL D 487 74.96 -8.38 -22.25
N ILE D 488 76.10 -8.33 -22.93
CA ILE D 488 76.18 -8.20 -24.37
C ILE D 488 76.56 -9.57 -24.93
N ASN D 489 75.71 -10.09 -25.81
CA ASN D 489 75.98 -11.35 -26.53
C ASN D 489 76.78 -11.01 -27.77
N LYS D 490 78.10 -11.14 -27.69
CA LYS D 490 78.89 -10.99 -28.90
C LYS D 490 79.07 -12.31 -29.63
N GLY D 491 78.35 -13.35 -29.24
CA GLY D 491 78.34 -14.58 -30.00
C GLY D 491 76.94 -14.91 -30.50
N TYR D 492 76.13 -13.88 -30.70
CA TYR D 492 74.74 -14.07 -31.08
C TYR D 492 74.65 -14.55 -32.53
N GLY D 493 73.97 -15.68 -32.72
CA GLY D 493 73.75 -16.19 -34.04
C GLY D 493 74.95 -16.79 -34.72
N LYS D 494 76.01 -17.10 -33.99
CA LYS D 494 77.18 -17.70 -34.62
C LYS D 494 77.10 -19.22 -34.62
N ASN D 495 76.63 -19.82 -33.54
CA ASN D 495 76.37 -21.26 -33.47
C ASN D 495 74.94 -21.48 -33.03
N PRO D 496 73.99 -21.55 -33.94
CA PRO D 496 72.65 -21.98 -33.57
C PRO D 496 72.54 -23.50 -33.67
N LEU D 497 71.34 -24.04 -33.48
CA LEU D 497 71.09 -25.44 -33.80
C LEU D 497 70.72 -25.53 -35.27
N THR D 498 70.43 -26.73 -35.75
CA THR D 498 69.78 -26.82 -37.06
C THR D 498 68.28 -26.64 -36.90
N LYS D 499 67.62 -27.61 -36.26
CA LYS D 499 66.23 -27.54 -35.78
C LYS D 499 65.96 -28.76 -34.91
N ASN D 500 65.39 -28.56 -33.71
CA ASN D 500 64.99 -29.67 -32.86
C ASN D 500 63.72 -29.29 -32.10
N TYR D 501 63.17 -30.28 -31.40
CA TYR D 501 61.89 -30.17 -30.71
C TYR D 501 61.98 -30.27 -29.20
N ASN D 502 62.90 -31.06 -28.68
CA ASN D 502 63.09 -31.24 -27.25
C ASN D 502 64.46 -30.68 -26.88
N ILE D 503 64.75 -30.56 -25.58
CA ILE D 503 66.02 -29.98 -25.16
C ILE D 503 67.19 -30.92 -25.47
N LYS D 504 67.13 -32.16 -25.00
CA LYS D 504 68.07 -33.14 -25.51
C LYS D 504 67.50 -33.70 -26.80
N ASN D 505 68.39 -34.12 -27.69
CA ASN D 505 67.96 -34.56 -29.01
C ASN D 505 67.75 -36.06 -29.05
N TYR D 506 66.93 -36.56 -28.13
CA TYR D 506 66.30 -37.88 -28.17
C TYR D 506 64.85 -37.64 -27.79
N GLY D 507 64.05 -37.16 -28.75
CA GLY D 507 62.79 -36.54 -28.45
C GLY D 507 61.62 -37.40 -28.86
N GLU D 508 60.49 -37.16 -28.18
CA GLU D 508 59.29 -37.95 -28.33
C GLU D 508 58.18 -37.07 -28.88
N LEU D 509 57.19 -37.72 -29.50
CA LEU D 509 56.15 -37.02 -30.24
C LEU D 509 54.89 -37.87 -30.27
N GLU D 510 53.74 -37.20 -30.31
CA GLU D 510 52.47 -37.88 -30.57
C GLU D 510 51.48 -36.92 -31.17
N ALA E 349 42.09 -90.98 25.67
CA ALA E 349 43.18 -90.04 25.88
C ALA E 349 43.97 -89.82 24.60
N TYR E 350 43.72 -88.69 23.94
CA TYR E 350 44.42 -88.35 22.70
C TYR E 350 45.32 -87.15 22.99
N ILE E 351 46.55 -87.46 23.41
CA ILE E 351 47.54 -86.43 23.72
C ILE E 351 48.20 -85.89 22.45
N ASN E 352 47.95 -86.53 21.30
CA ASN E 352 48.51 -86.09 20.03
C ASN E 352 47.99 -84.73 19.59
N ARG E 353 46.77 -84.36 19.98
CA ARG E 353 46.26 -83.05 19.59
C ARG E 353 46.90 -81.95 20.42
N VAL E 354 47.39 -82.27 21.61
CA VAL E 354 48.18 -81.31 22.37
C VAL E 354 49.52 -81.06 21.68
N MET E 355 50.13 -82.11 21.14
CA MET E 355 51.35 -81.95 20.35
C MET E 355 51.09 -81.23 19.03
N MET E 356 49.92 -81.41 18.44
CA MET E 356 49.55 -80.65 17.25
C MET E 356 49.04 -79.26 17.58
N ALA E 357 48.86 -78.97 18.86
CA ALA E 357 48.70 -77.60 19.35
C ALA E 357 50.03 -76.95 19.64
N SER E 358 51.14 -77.52 19.16
CA SER E 358 52.45 -76.90 19.21
C SER E 358 52.92 -76.43 17.83
N ASN E 359 52.00 -75.96 16.99
CA ASN E 359 52.38 -75.22 15.80
C ASN E 359 52.37 -73.72 16.01
N GLU E 360 51.94 -73.26 17.19
CA GLU E 360 52.07 -71.86 17.56
C GLU E 360 53.38 -71.57 18.30
N GLN E 361 54.28 -72.53 18.42
CA GLN E 361 55.65 -72.18 18.79
C GLN E 361 56.39 -71.60 17.60
N ILE E 362 55.98 -71.99 16.39
CA ILE E 362 56.40 -71.26 15.19
C ILE E 362 55.91 -69.82 15.26
N ILE E 363 54.65 -69.64 15.66
CA ILE E 363 54.08 -68.31 15.82
C ILE E 363 54.79 -67.55 16.93
N ASN E 364 55.20 -68.27 17.97
CA ASN E 364 55.92 -67.67 19.09
C ASN E 364 57.28 -67.15 18.65
N LYS E 365 58.05 -67.97 17.92
CA LYS E 365 59.38 -67.53 17.53
C LYS E 365 59.30 -66.48 16.43
N GLU E 366 58.24 -66.50 15.61
CA GLU E 366 58.12 -65.47 14.58
C GLU E 366 57.64 -64.15 15.18
N LYS E 367 56.85 -64.19 16.27
CA LYS E 367 56.49 -62.90 16.86
C LYS E 367 57.64 -62.33 17.67
N ILE E 368 58.48 -63.17 18.25
CA ILE E 368 59.73 -62.68 18.83
C ILE E 368 60.63 -62.09 17.75
N ARG E 369 60.63 -62.70 16.55
CA ARG E 369 61.44 -62.18 15.45
C ARG E 369 60.94 -60.81 14.99
N GLU E 370 59.64 -60.66 14.74
CA GLU E 370 59.15 -59.36 14.30
C GLU E 370 59.16 -58.35 15.45
N GLU E 371 59.15 -58.82 16.70
CA GLU E 371 59.22 -57.91 17.83
C GLU E 371 60.61 -57.33 17.99
N LYS E 372 61.65 -58.15 17.84
CA LYS E 372 63.00 -57.60 17.87
C LYS E 372 63.28 -56.76 16.62
N GLN E 373 62.61 -57.07 15.50
CA GLN E 373 62.66 -56.19 14.34
C GLN E 373 62.02 -54.84 14.64
N LYS E 374 60.89 -54.85 15.33
CA LYS E 374 60.21 -53.62 15.76
C LYS E 374 61.08 -52.80 16.70
N ILE E 375 61.74 -53.47 17.65
CA ILE E 375 62.56 -52.76 18.62
C ILE E 375 63.79 -52.15 17.97
N ILE E 376 64.45 -52.89 17.06
CA ILE E 376 65.62 -52.30 16.41
C ILE E 376 65.18 -51.20 15.43
N LEU E 377 63.96 -51.31 14.89
CA LEU E 377 63.48 -50.29 13.95
C LEU E 377 63.17 -48.98 14.66
N ASP E 378 62.37 -49.02 15.73
CA ASP E 378 62.09 -47.75 16.39
C ASP E 378 63.24 -47.27 17.25
N GLN E 379 64.19 -48.15 17.60
CA GLN E 379 65.41 -47.68 18.24
C GLN E 379 66.27 -46.92 17.25
N ALA E 380 66.34 -47.38 16.00
CA ALA E 380 67.04 -46.62 14.97
C ALA E 380 66.31 -45.32 14.66
N LYS E 381 64.99 -45.34 14.68
CA LYS E 381 64.20 -44.11 14.50
C LYS E 381 64.48 -43.09 15.59
N ALA E 382 64.44 -43.54 16.85
CA ALA E 382 64.69 -42.63 17.97
C ALA E 382 66.13 -42.14 17.98
N LEU E 383 67.08 -43.00 17.60
CA LEU E 383 68.47 -42.60 17.50
C LEU E 383 68.68 -41.52 16.44
N GLU E 384 68.09 -41.71 15.26
CA GLU E 384 68.36 -40.74 14.22
C GLU E 384 67.58 -39.45 14.46
N THR E 385 66.41 -39.51 15.09
CA THR E 385 65.74 -38.26 15.40
C THR E 385 66.40 -37.55 16.57
N GLN E 386 67.09 -38.30 17.44
CA GLN E 386 67.91 -37.68 18.47
C GLN E 386 69.08 -36.95 17.83
N TYR E 387 69.71 -37.57 16.84
CA TYR E 387 70.83 -36.91 16.18
C TYR E 387 70.38 -35.70 15.36
N VAL E 388 69.30 -35.84 14.61
CA VAL E 388 68.88 -34.73 13.75
C VAL E 388 68.17 -33.65 14.56
N HIS E 389 67.79 -33.94 15.80
CA HIS E 389 67.31 -32.86 16.66
C HIS E 389 68.46 -32.22 17.41
N ASN E 390 69.52 -32.98 17.67
CA ASN E 390 70.66 -32.43 18.38
C ASN E 390 71.49 -31.54 17.47
N ALA E 391 71.71 -31.98 16.23
CA ALA E 391 72.52 -31.26 15.27
C ALA E 391 71.69 -30.40 14.34
N LEU E 392 70.51 -29.97 14.77
CA LEU E 392 69.79 -28.97 13.99
C LEU E 392 69.95 -27.60 14.59
N LYS E 393 70.14 -27.54 15.90
CA LYS E 393 70.20 -26.30 16.66
C LYS E 393 71.50 -26.19 17.43
N ARG E 394 72.56 -26.82 16.92
CA ARG E 394 73.78 -27.01 17.70
C ARG E 394 74.48 -25.70 18.04
N ASN E 395 75.05 -25.05 17.03
CA ASN E 395 75.71 -23.74 17.04
C ASN E 395 76.14 -23.39 15.63
N PRO E 396 76.24 -22.11 15.29
CA PRO E 396 76.86 -21.74 14.03
C PRO E 396 78.35 -21.46 14.20
N VAL E 397 79.13 -21.86 13.22
CA VAL E 397 80.53 -21.42 13.22
C VAL E 397 80.59 -19.98 12.73
N PRO E 398 81.36 -19.11 13.36
CA PRO E 398 81.44 -17.73 12.88
C PRO E 398 82.21 -17.67 11.57
N ARG E 399 81.93 -16.63 10.79
CA ARG E 399 82.57 -16.50 9.49
C ARG E 399 83.49 -15.30 9.35
N ASN E 400 83.02 -14.08 9.62
CA ASN E 400 83.97 -12.98 9.75
C ASN E 400 83.55 -12.03 10.87
N TYR E 401 84.50 -11.23 11.31
CA TYR E 401 84.35 -10.41 12.50
C TYR E 401 84.44 -8.93 12.19
N ASN E 402 84.76 -8.57 10.95
CA ASN E 402 85.17 -7.22 10.60
C ASN E 402 83.97 -6.28 10.63
N TYR E 403 83.64 -5.78 11.80
CA TYR E 403 82.47 -4.95 12.02
C TYR E 403 82.84 -3.70 12.78
N TYR E 404 82.45 -2.55 12.25
CA TYR E 404 82.62 -1.28 12.95
C TYR E 404 81.26 -0.71 13.28
N GLN E 405 81.25 0.26 14.19
CA GLN E 405 80.02 0.89 14.59
C GLN E 405 80.26 2.37 14.78
N ALA E 406 79.18 3.13 14.68
CA ALA E 406 79.24 4.58 14.80
C ALA E 406 77.94 5.03 15.42
N PRO E 407 77.95 5.43 16.69
CA PRO E 407 76.76 5.99 17.32
C PRO E 407 76.64 7.48 16.98
N GLU E 408 75.41 7.96 16.89
CA GLU E 408 75.24 9.39 16.60
C GLU E 408 75.38 10.23 17.87
N LYS E 409 74.44 10.09 18.80
CA LYS E 409 74.45 10.92 20.01
C LYS E 409 73.60 10.26 21.06
N ARG E 410 74.19 10.02 22.23
CA ARG E 410 73.55 9.36 23.37
C ARG E 410 73.01 7.99 23.01
N SER E 411 73.74 7.29 22.14
CA SER E 411 73.41 5.93 21.78
C SER E 411 74.25 4.94 22.59
N LYS E 412 74.28 5.12 23.89
CA LYS E 412 74.96 4.17 24.75
C LYS E 412 74.01 3.14 25.32
N HIS E 413 72.73 3.43 25.35
CA HIS E 413 71.72 2.48 25.80
C HIS E 413 71.22 1.61 24.67
N ILE E 414 71.84 1.70 23.49
CA ILE E 414 71.36 1.00 22.30
C ILE E 414 72.49 0.30 21.56
N MET E 415 73.73 0.54 21.97
CA MET E 415 74.91 0.08 21.26
C MET E 415 75.05 -1.43 21.35
N PRO E 416 75.30 -2.12 20.25
CA PRO E 416 75.65 -3.53 20.31
C PRO E 416 77.06 -3.71 20.82
N SER E 417 77.36 -4.90 21.34
CA SER E 417 78.70 -5.14 21.84
C SER E 417 79.51 -6.05 20.95
N GLU E 418 79.16 -7.33 20.83
CA GLU E 418 79.97 -8.27 20.04
C GLU E 418 79.13 -8.71 18.86
N ILE E 419 79.53 -8.33 17.65
CA ILE E 419 78.77 -8.65 16.45
C ILE E 419 79.62 -9.56 15.58
N PHE E 420 79.00 -10.60 15.03
CA PHE E 420 79.64 -11.40 13.98
C PHE E 420 78.55 -11.95 13.08
N ASP E 421 78.90 -12.92 12.25
CA ASP E 421 77.94 -13.56 11.35
C ASP E 421 78.34 -15.01 11.11
N ASP E 422 77.63 -15.66 10.19
CA ASP E 422 78.05 -16.98 9.71
C ASP E 422 77.99 -17.10 8.19
N GLY E 423 77.83 -15.99 7.48
CA GLY E 423 77.62 -16.02 6.06
C GLY E 423 76.16 -16.06 5.66
N THR E 424 75.27 -16.48 6.56
CA THR E 424 73.83 -16.46 6.32
C THR E 424 73.12 -15.52 7.28
N PHE E 425 73.35 -15.69 8.57
CA PHE E 425 72.70 -14.90 9.60
C PHE E 425 73.72 -13.95 10.21
N THR E 426 73.26 -12.84 10.76
CA THR E 426 74.13 -11.90 11.45
C THR E 426 73.74 -11.85 12.92
N TYR E 427 74.69 -12.17 13.79
CA TYR E 427 74.45 -12.25 15.22
C TYR E 427 74.96 -10.98 15.88
N PHE E 428 74.04 -10.18 16.41
CA PHE E 428 74.38 -9.05 17.26
C PHE E 428 74.41 -9.52 18.70
N GLY E 429 75.35 -9.00 19.46
CA GLY E 429 75.38 -9.32 20.86
C GLY E 429 75.32 -8.07 21.70
N PHE E 430 74.22 -7.92 22.42
CA PHE E 430 73.96 -6.79 23.28
C PHE E 430 74.39 -7.14 24.70
N LYS E 431 74.48 -6.12 25.53
CA LYS E 431 74.52 -6.34 26.97
C LYS E 431 73.09 -6.46 27.47
N ASN E 432 72.90 -6.45 28.78
CA ASN E 432 71.54 -6.37 29.30
C ASN E 432 71.19 -4.99 29.83
N ILE E 433 72.20 -4.16 30.10
CA ILE E 433 71.92 -2.79 30.50
C ILE E 433 71.43 -1.99 29.29
N THR E 434 71.75 -2.43 28.09
CA THR E 434 71.23 -1.80 26.90
C THR E 434 69.81 -2.27 26.62
N LEU E 435 69.13 -1.50 25.80
CA LEU E 435 67.75 -1.81 25.41
C LEU E 435 67.79 -2.66 24.15
N GLN E 436 66.65 -2.78 23.47
CA GLN E 436 66.53 -3.58 22.26
C GLN E 436 66.16 -2.69 21.10
N PRO E 437 67.09 -2.40 20.19
CA PRO E 437 66.79 -1.52 19.07
C PRO E 437 65.87 -2.16 18.04
N ALA E 438 65.37 -1.30 17.15
CA ALA E 438 64.79 -1.79 15.91
C ALA E 438 65.91 -1.90 14.89
N ILE E 439 66.22 -3.13 14.50
CA ILE E 439 67.27 -3.37 13.54
C ILE E 439 66.76 -3.10 12.13
N PHE E 440 67.63 -2.56 11.28
CA PHE E 440 67.23 -2.28 9.91
C PHE E 440 68.41 -2.53 8.99
N VAL E 441 68.11 -3.07 7.82
CA VAL E 441 69.09 -3.30 6.77
C VAL E 441 69.03 -2.13 5.80
N VAL E 442 70.17 -1.50 5.58
CA VAL E 442 70.25 -0.38 4.65
C VAL E 442 70.22 -0.92 3.23
N GLN E 443 69.17 -0.59 2.49
CA GLN E 443 69.13 -0.90 1.08
C GLN E 443 70.19 -0.09 0.33
N PRO E 444 70.73 -0.63 -0.77
CA PRO E 444 71.85 0.04 -1.44
C PRO E 444 71.53 1.37 -2.10
N ASP E 445 70.27 1.79 -2.17
CA ASP E 445 69.98 3.17 -2.54
C ASP E 445 70.16 4.13 -1.37
N GLY E 446 70.29 3.61 -0.16
CA GLY E 446 70.34 4.42 1.04
C GLY E 446 69.12 4.25 1.93
N LYS E 447 68.06 3.64 1.42
CA LYS E 447 66.84 3.51 2.18
C LYS E 447 66.95 2.34 3.16
N LEU E 448 65.89 2.12 3.91
CA LEU E 448 65.88 1.10 4.95
C LEU E 448 65.02 -0.09 4.54
N SER E 449 65.19 -1.19 5.26
CA SER E 449 64.36 -2.37 5.02
C SER E 449 64.22 -3.13 6.33
N MET E 450 63.01 -3.19 6.84
CA MET E 450 62.72 -4.00 8.02
C MET E 450 62.83 -5.47 7.68
N THR E 451 63.65 -6.19 8.43
CA THR E 451 63.83 -7.62 8.23
C THR E 451 63.39 -8.40 9.46
N ASP E 452 63.05 -9.66 9.23
CA ASP E 452 62.71 -10.54 10.33
C ASP E 452 63.94 -10.85 11.17
N ALA E 453 63.72 -10.97 12.47
CA ALA E 453 64.81 -11.15 13.41
C ALA E 453 64.23 -11.76 14.68
N ALA E 454 65.09 -12.38 15.46
CA ALA E 454 64.66 -12.95 16.71
C ALA E 454 65.83 -12.97 17.67
N ILE E 455 65.51 -12.90 18.95
CA ILE E 455 66.50 -13.14 19.99
C ILE E 455 66.78 -14.63 19.99
N ASP E 456 68.03 -15.00 19.79
CA ASP E 456 68.39 -16.40 19.72
C ASP E 456 68.57 -16.96 21.12
N PRO E 457 67.70 -17.87 21.57
CA PRO E 457 67.80 -18.32 22.97
C PRO E 457 68.90 -19.33 23.20
N ASN E 458 69.45 -19.92 22.14
CA ASN E 458 70.45 -20.95 22.33
C ASN E 458 71.82 -20.35 22.64
N MET E 459 72.14 -19.22 22.02
CA MET E 459 73.46 -18.63 22.19
C MET E 459 73.49 -17.77 23.44
N THR E 460 74.43 -18.07 24.33
CA THR E 460 74.70 -17.25 25.51
C THR E 460 76.20 -17.04 25.62
N ASN E 461 76.84 -16.73 24.49
CA ASN E 461 78.28 -16.55 24.47
C ASN E 461 78.65 -15.27 25.19
N SER E 462 79.60 -15.39 26.13
CA SER E 462 80.19 -14.28 26.88
C SER E 462 79.18 -13.55 27.77
N GLY E 463 78.02 -14.16 28.01
CA GLY E 463 77.01 -13.53 28.83
C GLY E 463 76.39 -12.32 28.17
N LEU E 464 75.90 -12.50 26.96
CA LEU E 464 75.31 -11.42 26.18
C LEU E 464 73.87 -11.76 25.86
N ARG E 465 73.18 -10.83 25.22
CA ARG E 465 71.89 -11.11 24.62
C ARG E 465 72.08 -11.17 23.12
N TRP E 466 71.93 -12.35 22.55
CA TRP E 466 72.18 -12.51 21.13
C TRP E 466 70.90 -12.30 20.35
N TYR E 467 71.05 -11.66 19.20
CA TYR E 467 69.91 -11.21 18.41
C TYR E 467 70.32 -11.38 16.96
N ARG E 468 69.76 -12.36 16.27
CA ARG E 468 70.16 -12.64 14.91
C ARG E 468 69.20 -12.00 13.93
N VAL E 469 69.74 -11.53 12.82
CA VAL E 469 68.93 -11.13 11.69
C VAL E 469 69.27 -12.08 10.55
N ASN E 470 68.34 -12.19 9.60
CA ASN E 470 68.39 -13.21 8.57
C ASN E 470 68.91 -12.67 7.25
N GLU E 471 69.82 -11.70 7.29
CA GLU E 471 70.41 -11.16 6.08
C GLU E 471 71.86 -10.82 6.33
N ILE E 472 72.61 -10.71 5.24
CA ILE E 472 74.01 -10.28 5.27
C ILE E 472 74.09 -9.03 4.41
N ALA E 473 74.31 -7.89 5.03
CA ALA E 473 74.40 -6.64 4.29
C ALA E 473 75.55 -5.80 4.81
N GLU E 474 75.70 -4.61 4.23
CA GLU E 474 76.88 -3.83 4.51
C GLU E 474 76.65 -2.76 5.58
N LYS E 475 75.47 -2.17 5.64
CA LYS E 475 75.17 -1.20 6.67
C LYS E 475 73.90 -1.58 7.41
N PHE E 476 73.97 -1.56 8.74
CA PHE E 476 72.87 -1.93 9.61
C PHE E 476 72.54 -0.75 10.51
N LYS E 477 71.35 -0.20 10.36
CA LYS E 477 70.91 0.80 11.31
C LYS E 477 70.34 0.12 12.53
N LEU E 478 70.61 0.66 13.70
CA LEU E 478 69.98 0.22 14.92
C LEU E 478 69.30 1.46 15.47
N ILE E 479 67.98 1.49 15.39
CA ILE E 479 67.23 2.72 15.54
C ILE E 479 66.24 2.55 16.68
N LYS E 480 66.31 3.45 17.65
CA LYS E 480 65.18 3.84 18.46
C LYS E 480 64.95 5.32 18.15
N ASP E 481 64.02 5.96 18.87
CA ASP E 481 63.30 7.15 18.39
C ASP E 481 64.23 8.31 18.07
N LYS E 482 65.26 8.54 18.88
CA LYS E 482 66.28 9.52 18.53
C LYS E 482 67.67 8.92 18.49
N ALA E 483 67.99 8.02 19.41
CA ALA E 483 69.30 7.40 19.39
C ALA E 483 69.36 6.35 18.30
N LEU E 484 70.46 6.34 17.56
CA LEU E 484 70.69 5.31 16.57
C LEU E 484 72.18 5.05 16.48
N VAL E 485 72.52 3.90 15.91
CA VAL E 485 73.92 3.56 15.70
C VAL E 485 74.02 2.76 14.40
N THR E 486 74.98 3.14 13.56
CA THR E 486 75.17 2.50 12.27
C THR E 486 76.31 1.51 12.36
N VAL E 487 76.06 0.27 11.93
CA VAL E 487 77.05 -0.79 11.90
C VAL E 487 77.53 -0.95 10.46
N ILE E 488 78.84 -0.86 10.28
CA ILE E 488 79.47 -0.93 8.97
C ILE E 488 80.12 -2.30 8.84
N ASN E 489 79.73 -3.06 7.82
CA ASN E 489 80.32 -4.35 7.50
C ASN E 489 81.52 -4.10 6.62
N LYS E 490 82.71 -4.05 7.20
CA LYS E 490 83.90 -3.99 6.37
C LYS E 490 84.44 -5.36 6.02
N GLY E 491 83.68 -6.41 6.29
CA GLY E 491 84.03 -7.74 5.83
C GLY E 491 82.97 -8.30 4.91
N TYR E 492 82.25 -7.41 4.23
CA TYR E 492 81.14 -7.84 3.40
C TYR E 492 81.65 -8.53 2.14
N GLY E 493 81.17 -9.75 1.91
CA GLY E 493 81.51 -10.47 0.71
C GLY E 493 82.92 -11.01 0.66
N LYS E 494 83.63 -11.07 1.79
CA LYS E 494 84.97 -11.61 1.76
C LYS E 494 85.00 -13.11 1.99
N ASN E 495 84.17 -13.60 2.91
CA ASN E 495 84.01 -15.04 3.14
C ASN E 495 82.52 -15.37 3.05
N PRO E 496 82.02 -15.69 1.88
CA PRO E 496 80.66 -16.23 1.79
C PRO E 496 80.69 -17.74 1.93
N LEU E 497 79.55 -18.40 1.75
CA LEU E 497 79.55 -19.84 1.61
C LEU E 497 79.78 -20.20 0.15
N THR E 498 79.77 -21.49 -0.17
CA THR E 498 79.69 -21.84 -1.59
C THR E 498 78.23 -21.83 -2.04
N LYS E 499 77.44 -22.77 -1.53
CA LYS E 499 75.97 -22.81 -1.63
C LYS E 499 75.46 -23.90 -0.72
N ASN E 500 74.46 -23.61 0.11
CA ASN E 500 73.83 -24.63 0.94
C ASN E 500 72.34 -24.31 1.08
N TYR E 501 71.61 -25.24 1.69
CA TYR E 501 70.16 -25.20 1.81
C TYR E 501 69.65 -25.07 3.23
N ASN E 502 70.33 -25.66 4.21
CA ASN E 502 69.96 -25.60 5.61
C ASN E 502 71.05 -24.83 6.35
N ILE E 503 70.79 -24.49 7.62
CA ILE E 503 71.76 -23.70 8.39
C ILE E 503 73.00 -24.52 8.71
N LYS E 504 72.84 -25.68 9.33
CA LYS E 504 73.97 -26.59 9.41
C LYS E 504 73.99 -27.39 8.12
N ASN E 505 75.18 -27.83 7.73
CA ASN E 505 75.33 -28.50 6.44
C ASN E 505 75.24 -30.01 6.59
N TYR E 506 74.15 -30.47 7.22
CA TYR E 506 73.67 -31.85 7.18
C TYR E 506 72.18 -31.74 6.94
N GLY E 507 71.79 -31.51 5.68
CA GLY E 507 70.48 -31.01 5.36
C GLY E 507 69.61 -32.08 4.71
N GLU E 508 68.30 -31.88 4.86
CA GLU E 508 67.31 -32.83 4.41
C GLU E 508 66.45 -32.18 3.33
N LEU E 509 65.83 -33.03 2.52
CA LEU E 509 65.11 -32.58 1.33
C LEU E 509 64.02 -33.57 0.98
N GLU E 510 62.93 -33.07 0.39
CA GLU E 510 61.92 -33.94 -0.20
C GLU E 510 61.18 -33.19 -1.30
N ALA F 349 37.44 -81.54 52.96
CA ALA F 349 38.23 -80.42 53.44
C ALA F 349 39.47 -80.22 52.58
N TYR F 350 39.42 -79.21 51.69
CA TYR F 350 40.54 -78.89 50.81
C TYR F 350 41.11 -77.54 51.26
N ILE F 351 42.07 -77.62 52.19
CA ILE F 351 42.73 -76.42 52.70
C ILE F 351 43.80 -75.92 51.74
N ASN F 352 44.13 -76.70 50.71
CA ASN F 352 45.13 -76.32 49.74
C ASN F 352 44.73 -75.11 48.90
N ARG F 353 43.43 -74.89 48.69
CA ARG F 353 43.01 -73.73 47.93
C ARG F 353 43.12 -72.45 48.76
N VAL F 354 43.09 -72.57 50.09
CA VAL F 354 43.38 -71.43 50.94
C VAL F 354 44.86 -71.04 50.82
N MET F 355 45.74 -72.04 50.74
CA MET F 355 47.16 -71.78 50.52
C MET F 355 47.42 -71.25 49.12
N MET F 356 46.64 -71.67 48.12
CA MET F 356 46.74 -71.10 46.78
C MET F 356 46.00 -69.78 46.65
N ALA F 357 45.25 -69.39 47.69
CA ALA F 357 44.77 -68.02 47.84
C ALA F 357 45.79 -67.14 48.55
N SER F 358 47.05 -67.58 48.65
CA SER F 358 48.15 -66.76 49.13
C SER F 358 49.10 -66.37 48.02
N ASN F 359 48.60 -66.14 46.81
CA ASN F 359 49.37 -65.48 45.77
C ASN F 359 49.12 -63.98 45.73
N GLU F 360 48.19 -63.48 46.53
CA GLU F 360 48.02 -62.05 46.70
C GLU F 360 48.85 -61.47 47.84
N GLN F 361 49.70 -62.27 48.48
CA GLN F 361 50.73 -61.67 49.31
C GLN F 361 51.87 -61.12 48.45
N ILE F 362 52.05 -61.68 47.25
CA ILE F 362 52.86 -61.03 46.24
C ILE F 362 52.25 -59.68 45.87
N ILE F 363 50.93 -59.65 45.69
CA ILE F 363 50.22 -58.41 45.38
C ILE F 363 50.31 -57.45 46.55
N ASN F 364 50.31 -57.98 47.77
CA ASN F 364 50.43 -57.17 48.98
C ASN F 364 51.79 -56.50 49.05
N LYS F 365 52.86 -57.26 48.84
CA LYS F 365 54.19 -56.66 48.97
C LYS F 365 54.47 -55.74 47.77
N GLU F 366 53.88 -56.03 46.60
CA GLU F 366 54.10 -55.13 45.47
C GLU F 366 53.29 -53.85 45.61
N LYS F 367 52.12 -53.90 46.26
CA LYS F 367 51.42 -52.63 46.44
C LYS F 367 52.05 -51.81 47.54
N ILE F 368 52.65 -52.45 48.55
CA ILE F 368 53.47 -51.70 49.50
C ILE F 368 54.69 -51.10 48.80
N ARG F 369 55.26 -51.81 47.83
CA ARG F 369 56.39 -51.30 47.08
C ARG F 369 56.02 -50.07 46.24
N GLU F 370 54.93 -50.17 45.46
CA GLU F 370 54.55 -49.00 44.67
C GLU F 370 53.99 -47.89 45.55
N GLU F 371 53.49 -48.23 46.73
CA GLU F 371 52.98 -47.20 47.63
C GLU F 371 54.11 -46.40 48.26
N LYS F 372 55.19 -47.06 48.68
CA LYS F 372 56.34 -46.30 49.16
C LYS F 372 57.03 -45.57 48.02
N GLN F 373 56.94 -46.09 46.79
CA GLN F 373 57.40 -45.34 45.62
C GLN F 373 56.56 -44.08 45.42
N LYS F 374 55.24 -44.19 45.59
CA LYS F 374 54.35 -43.05 45.50
C LYS F 374 54.63 -42.01 46.57
N ILE F 375 54.90 -42.46 47.80
CA ILE F 375 55.15 -41.54 48.90
C ILE F 375 56.48 -40.83 48.72
N ILE F 376 57.52 -41.54 48.28
CA ILE F 376 58.79 -40.84 48.07
C ILE F 376 58.71 -39.94 46.84
N LEU F 377 57.86 -40.28 45.86
CA LEU F 377 57.72 -39.45 44.68
C LEU F 377 57.02 -38.14 44.98
N ASP F 378 55.85 -38.20 45.62
CA ASP F 378 55.18 -36.92 45.89
C ASP F 378 55.81 -36.19 47.07
N GLN F 379 56.60 -36.87 47.90
CA GLN F 379 57.38 -36.15 48.90
C GLN F 379 58.50 -35.37 48.24
N ALA F 380 59.14 -35.94 47.22
CA ALA F 380 60.13 -35.19 46.46
C ALA F 380 59.50 -34.06 45.68
N LYS F 381 58.29 -34.28 45.15
CA LYS F 381 57.55 -33.22 44.47
C LYS F 381 57.23 -32.06 45.40
N ALA F 382 56.71 -32.37 46.60
CA ALA F 382 56.36 -31.33 47.56
C ALA F 382 57.60 -30.63 48.08
N LEU F 383 58.70 -31.35 48.27
CA LEU F 383 59.96 -30.76 48.68
C LEU F 383 60.49 -29.78 47.64
N GLU F 384 60.48 -30.18 46.37
CA GLU F 384 61.07 -29.29 45.39
C GLU F 384 60.14 -28.12 45.08
N THR F 385 58.83 -28.30 45.18
CA THR F 385 57.97 -27.13 44.98
C THR F 385 58.01 -26.22 46.20
N GLN F 386 58.32 -26.75 47.38
CA GLN F 386 58.56 -25.91 48.53
C GLN F 386 59.82 -25.08 48.33
N TYR F 387 60.87 -25.69 47.80
CA TYR F 387 62.09 -24.95 47.55
C TYR F 387 61.92 -23.91 46.44
N VAL F 388 61.28 -24.28 45.34
CA VAL F 388 61.16 -23.35 44.23
C VAL F 388 60.07 -22.32 44.49
N HIS F 389 59.22 -22.53 45.48
CA HIS F 389 58.32 -21.47 45.90
C HIS F 389 58.97 -20.58 46.94
N ASN F 390 59.90 -21.12 47.73
CA ASN F 390 60.57 -20.34 48.74
C ASN F 390 61.62 -19.43 48.12
N ALA F 391 62.39 -19.96 47.17
CA ALA F 391 63.45 -19.22 46.52
C ALA F 391 63.01 -18.61 45.20
N LEU F 392 61.72 -18.31 45.04
CA LEU F 392 61.32 -17.53 43.89
C LEU F 392 61.07 -16.09 44.28
N LYS F 393 60.69 -15.87 45.53
CA LYS F 393 60.29 -14.56 46.03
C LYS F 393 61.12 -14.17 47.24
N ARG F 394 62.35 -14.69 47.33
CA ARG F 394 63.14 -14.60 48.55
C ARG F 394 63.49 -13.17 48.92
N ASN F 395 64.38 -12.54 48.15
CA ASN F 395 64.84 -11.15 48.22
C ASN F 395 65.79 -10.90 47.07
N PRO F 396 65.90 -9.65 46.60
CA PRO F 396 66.97 -9.32 45.66
C PRO F 396 68.19 -8.81 46.39
N VAL F 397 69.35 -9.18 45.88
CA VAL F 397 70.57 -8.53 46.38
C VAL F 397 70.69 -7.15 45.73
N PRO F 398 71.05 -6.11 46.48
CA PRO F 398 71.19 -4.80 45.86
C PRO F 398 72.42 -4.75 44.99
N ARG F 399 72.41 -3.85 44.01
CA ARG F 399 73.53 -3.77 43.07
C ARG F 399 74.29 -2.47 43.14
N ASN F 400 73.63 -1.31 43.01
CA ASN F 400 74.33 -0.06 43.33
C ASN F 400 73.38 0.92 44.01
N TYR F 401 73.97 1.91 44.67
CA TYR F 401 73.26 2.81 45.54
C TYR F 401 73.32 4.24 45.07
N ASN F 402 74.10 4.52 44.02
CA ASN F 402 74.49 5.88 43.67
C ASN F 402 73.31 6.62 43.04
N TYR F 403 72.46 7.17 43.90
CA TYR F 403 71.23 7.83 43.48
C TYR F 403 71.12 9.20 44.11
N TYR F 404 70.89 10.22 43.28
CA TYR F 404 70.62 11.55 43.79
C TYR F 404 69.20 11.94 43.44
N GLN F 405 68.71 12.98 44.10
CA GLN F 405 67.37 13.45 43.85
C GLN F 405 67.36 14.97 43.89
N ALA F 406 66.37 15.53 43.23
CA ALA F 406 66.22 16.98 43.14
C ALA F 406 64.75 17.29 43.08
N PRO F 407 64.17 17.81 44.17
CA PRO F 407 62.78 18.25 44.16
C PRO F 407 62.68 19.65 43.58
N GLU F 408 61.56 19.93 42.91
CA GLU F 408 61.39 21.26 42.36
C GLU F 408 60.89 22.24 43.41
N LYS F 409 59.67 22.06 43.89
CA LYS F 409 59.09 23.01 44.85
C LYS F 409 57.92 22.33 45.55
N ARG F 410 57.98 22.31 46.88
CA ARG F 410 56.98 21.69 47.76
C ARG F 410 56.79 20.22 47.42
N SER F 411 57.88 19.57 47.05
CA SER F 411 57.86 18.13 46.81
C SER F 411 58.38 17.36 48.04
N LYS F 412 57.84 17.69 49.20
CA LYS F 412 58.18 16.95 50.39
C LYS F 412 57.18 15.84 50.68
N HIS F 413 55.98 15.94 50.15
CA HIS F 413 54.97 14.90 50.28
C HIS F 413 55.09 13.84 49.19
N ILE F 414 56.14 13.90 48.38
CA ILE F 414 56.28 13.02 47.23
C ILE F 414 57.69 12.43 47.14
N MET F 415 58.60 12.90 47.97
CA MET F 415 60.01 12.56 47.88
C MET F 415 60.24 11.10 48.27
N PRO F 416 61.00 10.36 47.49
CA PRO F 416 61.43 9.02 47.91
C PRO F 416 62.50 9.12 48.98
N SER F 417 62.66 8.05 49.75
CA SER F 417 63.67 8.07 50.79
C SER F 417 64.88 7.22 50.47
N GLU F 418 64.74 5.89 50.41
CA GLU F 418 65.89 5.01 50.19
C GLU F 418 65.68 4.33 48.85
N ILE F 419 66.52 4.64 47.88
CA ILE F 419 66.38 4.07 46.54
C ILE F 419 67.59 3.22 46.25
N PHE F 420 67.37 2.05 45.66
CA PHE F 420 68.48 1.26 45.10
C PHE F 420 67.93 0.45 43.94
N ASP F 421 68.71 -0.54 43.49
CA ASP F 421 68.28 -1.40 42.40
C ASP F 421 68.88 -2.79 42.58
N ASP F 422 68.71 -3.63 41.57
CA ASP F 422 69.41 -4.91 41.51
C ASP F 422 70.01 -5.20 40.14
N GLY F 423 70.07 -4.21 39.26
CA GLY F 423 70.48 -4.41 37.90
C GLY F 423 69.34 -4.73 36.95
N THR F 424 68.21 -5.18 37.46
CA THR F 424 67.01 -5.41 36.65
C THR F 424 65.87 -4.50 37.08
N PHE F 425 65.54 -4.49 38.36
CA PHE F 425 64.44 -3.71 38.89
C PHE F 425 65.02 -2.56 39.70
N THR F 426 64.25 -1.48 39.83
CA THR F 426 64.65 -0.35 40.66
C THR F 426 63.68 -0.21 41.81
N TYR F 427 64.18 -0.29 43.03
CA TYR F 427 63.37 -0.25 44.24
C TYR F 427 63.43 1.15 44.83
N PHE F 428 62.29 1.84 44.81
CA PHE F 428 62.13 3.09 45.53
C PHE F 428 61.58 2.79 46.91
N GLY F 429 62.05 3.52 47.90
CA GLY F 429 61.52 3.35 49.23
C GLY F 429 60.98 4.66 49.76
N PHE F 430 59.67 4.71 49.93
CA PHE F 430 58.96 5.87 50.41
C PHE F 430 58.78 5.74 51.91
N LYS F 431 58.40 6.85 52.54
CA LYS F 431 57.86 6.77 53.89
C LYS F 431 56.36 6.49 53.77
N ASN F 432 55.63 6.61 54.87
CA ASN F 432 54.18 6.53 54.76
C ASN F 432 53.51 7.88 54.88
N ILE F 433 54.21 8.89 55.41
CA ILE F 433 53.66 10.23 55.43
C ILE F 433 53.66 10.82 54.02
N THR F 434 54.51 10.31 53.14
CA THR F 434 54.48 10.73 51.75
C THR F 434 53.36 10.03 51.00
N LEU F 435 53.02 10.59 49.85
CA LEU F 435 51.99 10.02 48.99
C LEU F 435 52.64 9.06 48.01
N GLN F 436 51.91 8.70 46.96
CA GLN F 436 52.41 7.77 45.95
C GLN F 436 52.48 8.46 44.61
N PRO F 437 53.67 8.80 44.13
CA PRO F 437 53.80 9.51 42.85
C PRO F 437 53.46 8.63 41.65
N ALA F 438 53.31 9.29 40.52
CA ALA F 438 53.36 8.61 39.24
C ALA F 438 54.81 8.56 38.81
N ILE F 439 55.38 7.35 38.77
CA ILE F 439 56.77 7.18 38.38
C ILE F 439 56.88 7.23 36.86
N PHE F 440 57.97 7.80 36.36
CA PHE F 440 58.18 7.87 34.93
C PHE F 440 59.65 7.72 34.61
N VAL F 441 59.92 7.02 33.53
CA VAL F 441 61.27 6.83 33.03
C VAL F 441 61.52 7.87 31.95
N VAL F 442 62.58 8.65 32.11
CA VAL F 442 62.94 9.66 31.12
C VAL F 442 63.57 8.98 29.93
N GLN F 443 62.91 9.07 28.78
CA GLN F 443 63.50 8.61 27.54
C GLN F 443 64.70 9.49 27.18
N PRO F 444 65.70 8.93 26.49
CA PRO F 444 66.93 9.69 26.24
C PRO F 444 66.79 10.88 25.32
N ASP F 445 65.64 11.09 24.66
CA ASP F 445 65.42 12.36 23.99
C ASP F 445 64.99 13.45 24.96
N GLY F 446 64.64 13.09 26.19
CA GLY F 446 64.10 14.01 27.16
C GLY F 446 62.64 13.76 27.49
N LYS F 447 61.95 12.93 26.69
CA LYS F 447 60.54 12.69 26.89
C LYS F 447 60.34 11.66 28.00
N LEU F 448 59.08 11.36 28.29
CA LEU F 448 58.74 10.47 29.39
C LEU F 448 58.25 9.12 28.85
N SER F 449 58.20 8.15 29.74
CA SER F 449 57.68 6.83 29.38
C SER F 449 57.08 6.20 30.61
N MET F 450 55.76 6.00 30.59
CA MET F 450 55.08 5.30 31.66
C MET F 450 55.47 3.83 31.63
N THR F 451 55.95 3.32 32.76
CA THR F 451 56.35 1.92 32.88
C THR F 451 55.49 1.22 33.92
N ASP F 452 55.41 -0.11 33.78
CA ASP F 452 54.72 -0.91 34.77
C ASP F 452 55.50 -0.93 36.08
N ALA F 453 54.76 -0.94 37.18
CA ALA F 453 55.36 -0.86 38.49
C ALA F 453 54.35 -1.40 39.49
N ALA F 454 54.86 -1.80 40.65
CA ALA F 454 53.99 -2.31 41.69
C ALA F 454 54.64 -2.04 43.03
N ILE F 455 53.80 -1.90 44.04
CA ILE F 455 54.26 -1.87 45.42
C ILE F 455 54.67 -3.29 45.77
N ASP F 456 55.91 -3.47 46.16
CA ASP F 456 56.39 -4.81 46.46
C ASP F 456 56.02 -5.18 47.89
N PRO F 457 55.13 -6.16 48.09
CA PRO F 457 54.67 -6.44 49.46
C PRO F 457 55.66 -7.24 50.26
N ASN F 458 56.66 -7.85 49.64
CA ASN F 458 57.59 -8.69 50.38
C ASN F 458 58.62 -7.85 51.12
N MET F 459 59.07 -6.75 50.52
CA MET F 459 60.12 -5.95 51.11
C MET F 459 59.54 -4.97 52.11
N THR F 460 60.02 -5.03 53.34
CA THR F 460 59.69 -4.06 54.38
C THR F 460 60.97 -3.60 55.06
N ASN F 461 62.00 -3.33 54.26
CA ASN F 461 63.29 -2.92 54.80
C ASN F 461 63.19 -1.53 55.39
N SER F 462 63.65 -1.41 56.64
CA SER F 462 63.76 -0.15 57.39
C SER F 462 62.40 0.50 57.67
N GLY F 463 61.31 -0.24 57.50
CA GLY F 463 59.99 0.30 57.73
C GLY F 463 59.61 1.33 56.69
N LEU F 464 59.70 0.95 55.42
CA LEU F 464 59.39 1.84 54.32
C LEU F 464 58.26 1.24 53.49
N ARG F 465 57.83 1.98 52.48
CA ARG F 465 56.95 1.45 51.46
C ARG F 465 57.77 1.26 50.20
N TRP F 466 57.98 0.01 49.81
CA TRP F 466 58.83 -0.24 48.67
C TRP F 466 57.99 -0.32 47.41
N TYR F 467 58.55 0.20 46.33
CA TYR F 467 57.82 0.39 45.08
C TYR F 467 58.82 0.15 43.98
N ARG F 468 58.71 -0.98 43.29
CA ARG F 468 59.69 -1.34 42.27
C ARG F 468 59.17 -0.95 40.90
N VAL F 469 60.09 -0.52 40.05
CA VAL F 469 59.80 -0.38 38.63
C VAL F 469 60.68 -1.38 37.89
N ASN F 470 60.26 -1.73 36.68
CA ASN F 470 60.85 -2.82 35.94
C ASN F 470 61.82 -2.35 34.88
N GLU F 471 62.52 -1.25 35.13
CA GLU F 471 63.52 -0.76 34.20
C GLU F 471 64.68 -0.17 34.96
N ILE F 472 65.82 -0.06 34.28
CA ILE F 472 67.01 0.58 34.79
C ILE F 472 67.33 1.73 33.86
N ALA F 473 67.16 2.96 34.33
CA ALA F 473 67.43 4.11 33.50
C ALA F 473 68.17 5.17 34.30
N GLU F 474 68.43 6.30 33.65
CA GLU F 474 69.31 7.30 34.26
C GLU F 474 68.53 8.41 34.96
N LYS F 475 67.38 8.81 34.43
CA LYS F 475 66.58 9.83 35.09
C LYS F 475 65.17 9.33 35.29
N PHE F 476 64.66 9.52 36.51
CA PHE F 476 63.33 9.06 36.91
C PHE F 476 62.54 10.27 37.39
N LYS F 477 61.48 10.60 36.69
CA LYS F 477 60.59 11.62 37.20
C LYS F 477 59.62 10.98 38.16
N LEU F 478 59.31 11.69 39.24
CA LEU F 478 58.26 11.28 40.16
C LEU F 478 57.30 12.44 40.18
N ILE F 479 56.14 12.26 39.56
CA ILE F 479 55.28 13.37 39.19
C ILE F 479 53.92 13.17 39.84
N LYS F 480 53.49 14.15 40.59
CA LYS F 480 52.08 14.45 40.80
C LYS F 480 51.86 15.84 40.18
N ASP F 481 50.65 16.39 40.36
CA ASP F 481 50.11 17.40 39.45
C ASP F 481 50.97 18.66 39.35
N LYS F 482 51.53 19.13 40.46
CA LYS F 482 52.49 20.20 40.40
C LYS F 482 53.82 19.84 41.04
N ALA F 483 53.81 19.10 42.13
CA ALA F 483 55.05 18.69 42.75
C ALA F 483 55.67 17.55 41.96
N LEU F 484 56.98 17.63 41.76
CA LEU F 484 57.71 16.55 41.12
C LEU F 484 59.11 16.52 41.68
N VAL F 485 59.77 15.38 41.49
CA VAL F 485 61.16 15.25 41.92
C VAL F 485 61.87 14.35 40.93
N THR F 486 63.05 14.78 40.51
CA THR F 486 63.84 14.05 39.52
C THR F 486 64.93 13.25 40.23
N VAL F 487 65.00 11.96 39.93
CA VAL F 487 66.02 11.07 40.48
C VAL F 487 67.07 10.83 39.42
N ILE F 488 68.32 11.11 39.76
CA ILE F 488 69.45 11.00 38.87
C ILE F 488 70.22 9.74 39.24
N ASN F 489 70.36 8.83 38.29
CA ASN F 489 71.17 7.62 38.45
C ASN F 489 72.60 7.96 38.09
N LYS F 490 73.42 8.25 39.10
CA LYS F 490 74.83 8.42 38.83
C LYS F 490 75.60 7.11 38.94
N GLY F 491 74.91 5.98 39.06
CA GLY F 491 75.56 4.69 38.99
C GLY F 491 75.04 3.88 37.82
N TYR F 492 74.60 4.56 36.77
CA TYR F 492 73.99 3.88 35.64
C TYR F 492 75.05 3.15 34.82
N GLY F 493 74.84 1.86 34.62
CA GLY F 493 75.73 1.08 33.80
C GLY F 493 77.07 0.77 34.41
N LYS F 494 77.22 0.94 35.72
CA LYS F 494 78.51 0.61 36.34
C LYS F 494 78.57 -0.83 36.80
N ASN F 495 77.48 -1.35 37.36
CA ASN F 495 77.38 -2.76 37.72
C ASN F 495 76.11 -3.32 37.09
N PRO F 496 76.20 -3.85 35.88
CA PRO F 496 75.06 -4.59 35.34
C PRO F 496 75.18 -6.06 35.72
N LEU F 497 74.29 -6.90 35.20
CA LEU F 497 74.48 -8.33 35.29
C LEU F 497 75.35 -8.80 34.14
N THR F 498 75.60 -10.10 34.04
CA THR F 498 76.16 -10.61 32.80
C THR F 498 75.05 -10.86 31.80
N LYS F 499 74.21 -11.86 32.07
CA LYS F 499 72.94 -12.13 31.40
C LYS F 499 72.19 -13.20 32.17
N ASN F 500 70.90 -12.98 32.47
CA ASN F 500 70.08 -13.99 33.12
C ASN F 500 68.66 -13.89 32.58
N TYR F 501 67.83 -14.86 32.99
CA TYR F 501 66.48 -15.04 32.50
C TYR F 501 65.40 -14.83 33.55
N ASN F 502 65.66 -15.20 34.80
CA ASN F 502 64.71 -15.07 35.89
C ASN F 502 65.30 -14.06 36.89
N ILE F 503 64.51 -13.63 37.87
CA ILE F 503 64.97 -12.62 38.82
C ILE F 503 66.03 -13.20 39.75
N LYS F 504 65.73 -14.30 40.43
CA LYS F 504 66.80 -15.02 41.10
C LYS F 504 67.44 -15.94 40.08
N ASN F 505 68.72 -16.22 40.27
CA ASN F 505 69.47 -16.99 39.30
C ASN F 505 69.47 -18.48 39.63
N TYR F 506 68.27 -19.02 39.82
CA TYR F 506 67.99 -20.47 39.82
C TYR F 506 66.73 -20.62 38.97
N GLY F 507 66.91 -20.58 37.65
CA GLY F 507 65.81 -20.32 36.74
C GLY F 507 65.41 -21.56 35.97
N GLU F 508 64.16 -21.56 35.54
CA GLU F 508 63.54 -22.70 34.88
C GLU F 508 63.17 -22.31 33.46
N LEU F 509 63.03 -23.32 32.60
CA LEU F 509 62.86 -23.11 31.18
C LEU F 509 62.12 -24.30 30.57
N GLU F 510 61.34 -24.04 29.53
CA GLU F 510 60.77 -25.09 28.72
C GLU F 510 60.51 -24.60 27.31
N ALA G 349 18.45 -68.38 75.79
CA ALA G 349 18.90 -67.11 76.36
C ALA G 349 20.37 -66.86 76.01
N TYR G 350 20.60 -65.98 75.03
CA TYR G 350 21.95 -65.62 74.61
C TYR G 350 22.22 -64.18 75.01
N ILE G 351 22.71 -64.00 76.23
CA ILE G 351 23.03 -62.68 76.77
C ILE G 351 24.36 -62.17 76.23
N ASN G 352 25.13 -63.02 75.54
CA ASN G 352 26.41 -62.64 74.97
C ASN G 352 26.29 -61.60 73.87
N ARG G 353 25.16 -61.58 73.15
CA ARG G 353 25.00 -60.57 72.10
C ARG G 353 24.68 -59.21 72.69
N VAL G 354 24.13 -59.17 73.90
CA VAL G 354 23.98 -57.90 74.61
C VAL G 354 25.35 -57.34 75.00
N MET G 355 26.26 -58.23 75.44
CA MET G 355 27.62 -57.82 75.73
C MET G 355 28.38 -57.43 74.47
N MET G 356 28.10 -58.06 73.34
CA MET G 356 28.68 -57.66 72.07
C MET G 356 27.97 -56.47 71.44
N ALA G 357 26.84 -56.04 72.03
CA ALA G 357 26.25 -54.75 71.77
C ALA G 357 26.84 -53.66 72.66
N SER G 358 27.97 -53.92 73.31
CA SER G 358 28.73 -52.91 74.03
C SER G 358 30.02 -52.54 73.33
N ASN G 359 30.02 -52.53 71.99
CA ASN G 359 31.10 -51.89 71.25
C ASN G 359 30.78 -50.46 70.87
N GLU G 360 29.57 -49.99 71.15
CA GLU G 360 29.25 -48.58 71.02
C GLU G 360 29.52 -47.78 72.28
N GLN G 361 30.09 -48.38 73.31
CA GLN G 361 30.66 -47.54 74.37
C GLN G 361 32.00 -46.96 73.93
N ILE G 362 32.68 -47.65 73.01
CA ILE G 362 33.79 -47.02 72.29
C ILE G 362 33.29 -45.82 71.50
N ILE G 363 32.15 -45.98 70.82
CA ILE G 363 31.53 -44.89 70.07
C ILE G 363 31.09 -43.78 71.02
N ASN G 364 30.62 -44.16 72.21
CA ASN G 364 30.20 -43.20 73.22
C ASN G 364 31.36 -42.35 73.70
N LYS G 365 32.47 -42.99 74.05
CA LYS G 365 33.60 -42.21 74.57
C LYS G 365 34.28 -41.43 73.45
N GLU G 366 34.22 -41.91 72.20
CA GLU G 366 34.81 -41.14 71.12
C GLU G 366 33.92 -39.97 70.72
N LYS G 367 32.60 -40.08 70.87
CA LYS G 367 31.79 -38.91 70.56
C LYS G 367 31.88 -37.89 71.67
N ILE G 368 32.06 -38.32 72.92
CA ILE G 368 32.38 -37.36 73.98
C ILE G 368 33.74 -36.69 73.71
N ARG G 369 34.69 -37.45 73.17
CA ARG G 369 36.00 -36.88 72.84
C ARG G 369 35.90 -35.83 71.73
N GLU G 370 35.23 -36.15 70.62
CA GLU G 370 35.11 -35.15 69.57
C GLU G 370 34.17 -34.03 69.96
N GLU G 371 33.25 -34.27 70.91
CA GLU G 371 32.36 -33.21 71.36
C GLU G 371 33.08 -32.21 72.23
N LYS G 372 33.95 -32.67 73.13
CA LYS G 372 34.75 -31.72 73.89
C LYS G 372 35.79 -31.05 73.00
N GLN G 373 36.24 -31.73 71.94
CA GLN G 373 37.07 -31.06 70.93
C GLN G 373 36.30 -29.95 70.23
N LYS G 374 35.04 -30.22 69.89
CA LYS G 374 34.17 -29.22 69.28
C LYS G 374 33.94 -28.03 70.19
N ILE G 375 33.72 -28.29 71.47
CA ILE G 375 33.44 -27.22 72.43
C ILE G 375 34.68 -26.36 72.65
N ILE G 376 35.86 -26.99 72.79
CA ILE G 376 37.05 -26.16 72.97
C ILE G 376 37.41 -25.43 71.67
N LEU G 377 37.04 -25.99 70.52
CA LEU G 377 37.33 -25.35 69.24
C LEU G 377 36.48 -24.11 69.03
N ASP G 378 35.16 -24.23 69.17
CA ASP G 378 34.35 -23.03 68.96
C ASP G 378 34.40 -22.09 70.15
N GLN G 379 34.84 -22.56 71.32
CA GLN G 379 35.09 -21.62 72.42
C GLN G 379 36.34 -20.79 72.12
N ALA G 380 37.37 -21.39 71.53
CA ALA G 380 38.53 -20.62 71.10
C ALA G 380 38.17 -19.68 69.95
N LYS G 381 37.30 -20.13 69.06
CA LYS G 381 36.82 -19.25 67.98
C LYS G 381 36.07 -18.05 68.52
N ALA G 382 35.14 -18.27 69.45
CA ALA G 382 34.37 -17.17 70.02
C ALA G 382 35.24 -16.26 70.86
N LEU G 383 36.23 -16.81 71.56
CA LEU G 383 37.17 -16.01 72.33
C LEU G 383 38.00 -15.11 71.44
N GLU G 384 38.53 -15.65 70.34
CA GLU G 384 39.40 -14.82 69.53
C GLU G 384 38.59 -13.83 68.71
N THR G 385 37.36 -14.17 68.31
CA THR G 385 36.57 -13.15 67.62
C THR G 385 36.04 -12.10 68.58
N GLN G 386 35.91 -12.43 69.87
CA GLN G 386 35.60 -11.44 70.88
C GLN G 386 36.78 -10.48 71.03
N TYR G 387 37.99 -11.02 71.06
CA TYR G 387 39.17 -10.15 71.18
C TYR G 387 39.38 -9.29 69.93
N VAL G 388 39.25 -9.88 68.74
CA VAL G 388 39.52 -9.11 67.54
C VAL G 388 38.35 -8.19 67.20
N HIS G 389 37.20 -8.39 67.81
CA HIS G 389 36.13 -7.41 67.67
C HIS G 389 36.24 -6.33 68.72
N ASN G 390 36.82 -6.66 69.88
CA ASN G 390 36.97 -5.67 70.93
C ASN G 390 38.11 -4.73 70.62
N ALA G 391 39.22 -5.26 70.14
CA ALA G 391 40.41 -4.47 69.84
C ALA G 391 40.49 -4.08 68.38
N LEU G 392 39.36 -3.97 67.69
CA LEU G 392 39.39 -3.40 66.35
C LEU G 392 38.90 -1.97 66.38
N LYS G 393 38.04 -1.65 67.33
CA LYS G 393 37.40 -0.35 67.42
C LYS G 393 37.64 0.29 68.78
N ARG G 394 38.76 -0.05 69.41
CA ARG G 394 38.99 0.29 70.81
C ARG G 394 39.06 1.78 71.05
N ASN G 395 40.14 2.43 70.59
CA ASN G 395 40.43 3.85 70.61
C ASN G 395 41.74 4.10 69.89
N PRO G 396 41.94 5.26 69.30
CA PRO G 396 43.27 5.62 68.80
C PRO G 396 44.07 6.38 69.84
N VAL G 397 45.35 6.10 69.91
CA VAL G 397 46.22 6.96 70.72
C VAL G 397 46.49 8.25 69.95
N PRO G 398 46.44 9.41 70.59
CA PRO G 398 46.73 10.64 69.88
C PRO G 398 48.21 10.74 69.55
N ARG G 399 48.52 11.51 68.51
CA ARG G 399 49.90 11.62 68.07
C ARG G 399 50.49 13.01 68.22
N ASN G 400 49.86 14.05 67.65
CA ASN G 400 50.27 15.40 68.01
C ASN G 400 49.06 16.33 68.11
N TYR G 401 49.28 17.46 68.77
CA TYR G 401 48.21 18.36 69.15
C TYR G 401 48.36 19.73 68.51
N ASN G 402 49.47 19.97 67.82
CA ASN G 402 49.86 21.31 67.41
C ASN G 402 48.99 21.81 66.29
N TYR G 403 47.83 22.35 66.63
CA TYR G 403 46.83 22.79 65.67
C TYR G 403 46.38 24.20 65.99
N TYR G 404 46.42 25.07 64.99
CA TYR G 404 45.89 26.40 65.13
C TYR G 404 44.70 26.57 64.20
N GLN G 405 43.92 27.61 64.45
CA GLN G 405 42.76 27.87 63.63
C GLN G 405 42.63 29.37 63.41
N ALA G 406 41.94 29.72 62.34
CA ALA G 406 41.74 31.11 61.96
C ALA G 406 40.39 31.21 61.30
N PRO G 407 39.40 31.79 61.98
CA PRO G 407 38.10 32.04 61.36
C PRO G 407 38.14 33.33 60.56
N GLU G 408 37.36 33.39 59.49
CA GLU G 408 37.33 34.62 58.69
C GLU G 408 36.39 35.64 59.31
N LYS G 409 35.10 35.36 59.30
CA LYS G 409 34.12 36.33 59.79
C LYS G 409 32.82 35.61 60.10
N ARG G 410 32.34 35.75 61.33
CA ARG G 410 31.12 35.12 61.84
C ARG G 410 31.18 33.60 61.70
N SER G 411 32.37 33.05 61.89
CA SER G 411 32.56 31.61 61.91
C SER G 411 32.59 31.07 63.33
N LYS G 412 31.61 31.46 64.13
CA LYS G 412 31.49 30.92 65.47
C LYS G 412 30.55 29.74 65.53
N HIS G 413 29.65 29.61 64.56
CA HIS G 413 28.75 28.48 64.45
C HIS G 413 29.37 27.32 63.69
N ILE G 414 30.66 27.42 63.34
CA ILE G 414 31.30 26.43 62.50
C ILE G 414 32.66 26.01 63.05
N MET G 415 33.14 26.70 64.08
CA MET G 415 34.48 26.53 64.60
C MET G 415 34.64 25.17 65.27
N PRO G 416 35.70 24.45 64.98
CA PRO G 416 36.01 23.23 65.75
C PRO G 416 36.56 23.61 67.11
N SER G 417 36.47 22.67 68.05
CA SER G 417 36.99 22.95 69.38
C SER G 417 38.28 22.22 69.69
N GLU G 418 38.27 20.89 69.80
CA GLU G 418 39.46 20.14 70.18
C GLU G 418 39.86 19.28 69.00
N ILE G 419 40.99 19.57 68.39
CA ILE G 419 41.43 18.84 67.21
C ILE G 419 42.73 18.12 67.55
N PHE G 420 42.85 16.87 67.12
CA PHE G 420 44.12 16.17 67.17
C PHE G 420 44.15 15.15 66.02
N ASP G 421 45.11 14.23 66.07
CA ASP G 421 45.21 13.19 65.06
C ASP G 421 45.79 11.93 65.68
N ASP G 422 46.09 10.95 64.83
CA ASP G 422 46.84 9.78 65.26
C ASP G 422 47.97 9.41 64.29
N GLY G 423 48.30 10.29 63.35
CA GLY G 423 49.23 9.96 62.31
C GLY G 423 48.60 9.40 61.06
N THR G 424 47.38 8.87 61.15
CA THR G 424 46.64 8.39 60.00
C THR G 424 45.36 9.19 59.79
N PHE G 425 44.54 9.31 60.84
CA PHE G 425 43.26 10.01 60.77
C PHE G 425 43.39 11.31 61.55
N THR G 426 42.56 12.28 61.19
CA THR G 426 42.52 13.55 61.92
C THR G 426 41.15 13.70 62.56
N TYR G 427 41.14 13.83 63.88
CA TYR G 427 39.91 13.91 64.66
C TYR G 427 39.63 15.37 64.99
N PHE G 428 38.54 15.91 64.43
CA PHE G 428 38.02 17.19 64.82
C PHE G 428 37.00 17.00 65.92
N GLY G 429 36.97 17.90 66.87
CA GLY G 429 35.97 17.83 67.89
C GLY G 429 35.18 19.11 67.96
N PHE G 430 33.91 19.01 67.60
CA PHE G 430 32.98 20.12 67.58
C PHE G 430 32.22 20.16 68.89
N LYS G 431 31.56 21.27 69.14
CA LYS G 431 30.52 21.29 70.16
C LYS G 431 29.23 20.80 69.53
N ASN G 432 28.10 20.96 70.23
CA ASN G 432 26.83 20.68 69.59
C ASN G 432 26.07 21.95 69.21
N ILE G 433 26.43 23.09 69.80
CA ILE G 433 25.83 24.34 69.39
C ILE G 433 26.35 24.74 68.02
N THR G 434 27.51 24.25 67.62
CA THR G 434 28.01 24.49 66.28
C THR G 434 27.34 23.55 65.30
N LEU G 435 27.45 23.93 64.02
CA LEU G 435 26.89 23.14 62.94
C LEU G 435 27.93 22.15 62.45
N GLN G 436 27.72 21.58 61.27
CA GLN G 436 28.64 20.60 60.70
C GLN G 436 29.20 21.14 59.39
N PRO G 437 30.45 21.56 59.36
CA PRO G 437 31.02 22.11 58.13
C PRO G 437 31.26 21.06 57.06
N ALA G 438 31.53 21.56 55.87
CA ALA G 438 32.14 20.74 54.83
C ALA G 438 33.64 20.83 55.00
N ILE G 439 34.26 19.71 55.39
CA ILE G 439 35.69 19.68 55.59
C ILE G 439 36.39 19.54 54.24
N PHE G 440 37.55 20.19 54.12
CA PHE G 440 38.31 20.12 52.88
C PHE G 440 39.79 20.12 53.19
N VAL G 441 40.52 19.33 52.43
CA VAL G 441 41.97 19.26 52.51
C VAL G 441 42.56 20.18 51.46
N VAL G 442 43.40 21.11 51.90
CA VAL G 442 44.05 22.03 50.97
C VAL G 442 45.16 21.29 50.24
N GLN G 443 45.01 21.16 48.92
CA GLN G 443 46.08 20.63 48.10
C GLN G 443 47.25 21.60 48.09
N PRO G 444 48.48 21.11 47.94
CA PRO G 444 49.66 21.98 48.06
C PRO G 444 49.81 23.02 46.97
N ASP G 445 49.01 23.00 45.91
CA ASP G 445 48.98 24.14 45.01
C ASP G 445 48.12 25.28 45.53
N GLY G 446 47.35 25.02 46.58
CA GLY G 446 46.39 25.98 47.11
C GLY G 446 44.94 25.58 46.88
N LYS G 447 44.70 24.59 46.03
CA LYS G 447 43.34 24.19 45.71
C LYS G 447 42.79 23.28 46.81
N LEU G 448 41.54 22.86 46.64
CA LEU G 448 40.85 22.06 47.64
C LEU G 448 40.72 20.62 47.18
N SER G 449 40.38 19.75 48.13
CA SER G 449 40.14 18.35 47.82
C SER G 449 39.14 17.80 48.81
N MET G 450 37.97 17.44 48.32
CA MET G 450 36.97 16.78 49.13
C MET G 450 37.43 15.39 49.50
N THR G 451 37.46 15.09 50.80
CA THR G 451 37.87 13.78 51.28
C THR G 451 36.73 13.10 52.02
N ASP G 452 36.80 11.77 52.07
CA ASP G 452 35.83 11.02 52.84
C ASP G 452 36.02 11.25 54.33
N ALA G 453 34.91 11.27 55.04
CA ALA G 453 34.92 11.60 56.46
C ALA G 453 33.64 11.05 57.07
N ALA G 454 33.67 10.86 58.38
CA ALA G 454 32.50 10.37 59.07
C ALA G 454 32.53 10.88 60.50
N ILE G 455 31.36 11.04 61.06
CA ILE G 455 31.24 11.30 62.49
C ILE G 455 31.56 10.00 63.19
N ASP G 456 32.55 10.02 64.06
CA ASP G 456 32.97 8.80 64.74
C ASP G 456 32.07 8.56 65.95
N PRO G 457 31.25 7.52 65.94
CA PRO G 457 30.31 7.34 67.05
C PRO G 457 30.95 6.78 68.30
N ASN G 458 32.15 6.23 68.22
CA ASN G 458 32.77 5.61 69.38
C ASN G 458 33.35 6.66 70.31
N MET G 459 33.92 7.72 69.76
CA MET G 459 34.60 8.72 70.58
C MET G 459 33.60 9.73 71.11
N THR G 460 33.55 9.88 72.43
CA THR G 460 32.77 10.92 73.08
C THR G 460 33.64 11.61 74.12
N ASN G 461 34.87 11.92 73.73
CA ASN G 461 35.81 12.55 74.66
C ASN G 461 35.38 13.98 74.93
N SER G 462 35.30 14.32 76.23
CA SER G 462 35.00 15.66 76.74
C SER G 462 33.61 16.15 76.36
N GLY G 463 32.73 15.26 75.92
CA GLY G 463 31.39 15.66 75.52
C GLY G 463 31.40 16.49 74.27
N LEU G 464 32.00 15.98 73.21
CA LEU G 464 32.10 16.68 71.94
C LEU G 464 31.44 15.85 70.86
N ARG G 465 31.40 16.40 69.65
CA ARG G 465 31.03 15.64 68.47
C ARG G 465 32.30 15.40 67.67
N TRP G 466 32.74 14.16 67.61
CA TRP G 466 33.99 13.87 66.93
C TRP G 466 33.73 13.54 65.48
N TYR G 467 34.64 14.00 64.63
CA TYR G 467 34.46 13.94 63.18
C TYR G 467 35.84 13.70 62.60
N ARG G 468 36.09 12.49 62.12
CA ARG G 468 37.40 12.14 61.63
C ARG G 468 37.45 12.28 60.12
N VAL G 469 38.60 12.71 59.62
CA VAL G 469 38.90 12.65 58.22
C VAL G 469 40.07 11.69 58.05
N ASN G 470 40.19 11.16 56.84
CA ASN G 470 41.10 10.05 56.57
C ASN G 470 42.38 10.52 55.90
N GLU G 471 42.84 11.72 56.22
CA GLU G 471 44.09 12.22 55.68
C GLU G 471 44.81 13.05 56.72
N ILE G 472 46.10 13.21 56.51
CA ILE G 472 46.95 14.06 57.34
C ILE G 472 47.54 15.12 56.43
N ALA G 473 47.11 16.35 56.59
CA ALA G 473 47.61 17.43 55.75
C ALA G 473 47.88 18.67 56.59
N GLU G 474 48.31 19.73 55.92
CA GLU G 474 48.78 20.90 56.65
C GLU G 474 47.72 21.98 56.80
N LYS G 475 46.85 22.16 55.82
CA LYS G 475 45.79 23.14 55.94
C LYS G 475 44.45 22.50 55.67
N PHE G 476 43.49 22.75 56.54
CA PHE G 476 42.15 22.19 56.47
C PHE G 476 41.14 23.32 56.41
N LYS G 477 40.44 23.44 55.30
CA LYS G 477 39.34 24.38 55.26
C LYS G 477 38.11 23.75 55.88
N LEU G 478 37.36 24.54 56.62
CA LEU G 478 36.06 24.11 57.12
C LEU G 478 35.09 25.14 56.58
N ILE G 479 34.29 24.73 55.60
CA ILE G 479 33.57 25.67 54.75
C ILE G 479 32.09 25.37 54.84
N LYS G 480 31.31 26.38 55.21
CA LYS G 480 29.93 26.52 54.81
C LYS G 480 29.88 27.78 53.94
N ASP G 481 28.67 28.19 53.54
CA ASP G 481 28.45 29.00 52.34
C ASP G 481 29.20 30.34 52.37
N LYS G 482 29.23 31.00 53.52
CA LYS G 482 30.06 32.19 53.67
C LYS G 482 31.04 32.06 54.82
N ALA G 483 30.64 31.47 55.93
CA ALA G 483 31.56 31.30 57.05
C ALA G 483 32.53 30.17 56.74
N LEU G 484 33.81 30.40 57.04
CA LEU G 484 34.79 29.35 56.92
C LEU G 484 35.85 29.56 57.97
N VAL G 485 36.61 28.51 58.24
CA VAL G 485 37.72 28.61 59.18
C VAL G 485 38.84 27.69 58.71
N THR G 486 40.06 28.22 58.71
CA THR G 486 41.21 27.48 58.24
C THR G 486 41.98 26.92 59.43
N VAL G 487 42.26 25.62 59.40
CA VAL G 487 43.03 24.94 60.43
C VAL G 487 44.43 24.72 59.91
N ILE G 488 45.41 25.19 60.66
CA ILE G 488 46.82 25.11 60.29
C ILE G 488 47.46 24.03 61.13
N ASN G 489 48.04 23.04 60.46
CA ASN G 489 48.80 21.96 61.11
C ASN G 489 50.23 22.44 61.29
N LYS G 490 50.54 22.96 62.47
CA LYS G 490 51.93 23.26 62.75
C LYS G 490 52.68 22.09 63.36
N GLY G 491 52.09 20.91 63.37
CA GLY G 491 52.80 19.72 63.77
C GLY G 491 52.85 18.72 62.64
N TYR G 492 52.81 19.20 61.41
CA TYR G 492 52.76 18.31 60.26
C TYR G 492 54.10 17.63 60.04
N GLY G 493 54.09 16.31 59.99
CA GLY G 493 55.29 15.56 59.71
C GLY G 493 56.28 15.49 60.83
N LYS G 494 55.89 15.84 62.05
CA LYS G 494 56.84 15.76 63.16
C LYS G 494 56.82 14.40 63.83
N ASN G 495 55.63 13.82 64.01
CA ASN G 495 55.49 12.46 64.53
C ASN G 495 54.63 11.66 63.56
N PRO G 496 55.22 11.02 62.58
CA PRO G 496 54.46 10.07 61.77
C PRO G 496 54.51 8.70 62.40
N LEU G 497 53.98 7.68 61.72
CA LEU G 497 54.21 6.30 62.11
C LEU G 497 55.50 5.82 61.48
N THR G 498 55.86 4.57 61.70
CA THR G 498 56.91 3.99 60.87
C THR G 498 56.31 3.47 59.56
N LYS G 499 55.50 2.41 59.66
CA LYS G 499 54.63 1.90 58.60
C LYS G 499 53.70 0.84 59.19
N ASN G 500 52.39 0.93 58.93
CA ASN G 500 51.46 -0.09 59.37
C ASN G 500 50.36 -0.24 58.32
N TYR G 501 49.50 -1.25 58.52
CA TYR G 501 48.48 -1.66 57.58
C TYR G 501 47.06 -1.48 58.09
N ASN G 502 46.83 -1.65 59.38
CA ASN G 502 45.52 -1.50 60.00
C ASN G 502 45.59 -0.31 60.96
N ILE G 503 44.43 0.12 61.47
CA ILE G 503 44.41 1.29 62.36
C ILE G 503 45.05 0.97 63.70
N LYS G 504 44.58 -0.06 64.39
CA LYS G 504 45.34 -0.55 65.52
C LYS G 504 46.40 -1.50 65.00
N ASN G 505 47.51 -1.59 65.70
CA ASN G 505 48.64 -2.37 65.22
C ASN G 505 48.61 -3.79 65.78
N TYR G 506 47.47 -4.46 65.58
CA TYR G 506 47.33 -5.93 65.70
C TYR G 506 46.52 -6.33 64.47
N GLY G 507 47.21 -6.44 63.33
CA GLY G 507 46.55 -6.43 62.04
C GLY G 507 46.58 -7.80 61.39
N GLU G 508 45.61 -8.01 60.51
CA GLU G 508 45.38 -9.29 59.86
C GLU G 508 45.58 -9.13 58.37
N LEU G 509 45.87 -10.24 57.70
CA LEU G 509 46.26 -10.24 56.30
C LEU G 509 45.92 -11.58 55.66
N GLU G 510 45.61 -11.54 54.37
CA GLU G 510 45.47 -12.76 53.58
C GLU G 510 45.76 -12.47 52.12
N ALA H 349 -9.22 -55.11 86.96
CA ALA H 349 -9.13 -53.75 87.44
C ALA H 349 -7.68 -53.35 87.67
N TYR H 350 -7.12 -52.57 86.74
CA TYR H 350 -5.74 -52.09 86.83
C TYR H 350 -5.78 -50.58 87.06
N ILE H 351 -5.85 -50.19 88.34
CA ILE H 351 -5.87 -48.79 88.71
C ILE H 351 -4.49 -48.17 88.67
N ASN H 352 -3.44 -48.99 88.50
CA ASN H 352 -2.07 -48.51 88.45
C ASN H 352 -1.79 -47.65 87.23
N ARG H 353 -2.51 -47.87 86.12
CA ARG H 353 -2.29 -47.04 84.94
C ARG H 353 -2.91 -45.66 85.11
N VAL H 354 -3.92 -45.54 85.98
CA VAL H 354 -4.45 -44.23 86.34
C VAL H 354 -3.41 -43.45 87.14
N MET H 355 -2.71 -44.14 88.05
CA MET H 355 -1.62 -43.52 88.79
C MET H 355 -0.43 -43.19 87.90
N MET H 356 -0.18 -44.00 86.88
CA MET H 356 0.86 -43.68 85.90
C MET H 356 0.38 -42.69 84.84
N ALA H 357 -0.90 -42.35 84.85
CA ALA H 357 -1.42 -41.18 84.16
C ALA H 357 -1.34 -39.92 85.00
N SER H 358 -0.56 -39.95 86.09
CA SER H 358 -0.25 -38.76 86.87
C SER H 358 1.19 -38.31 86.70
N ASN H 359 1.75 -38.48 85.49
CA ASN H 359 2.99 -37.80 85.14
C ASN H 359 2.77 -36.49 84.42
N GLU H 360 1.52 -36.15 84.12
CA GLU H 360 1.18 -34.82 83.62
C GLU H 360 0.84 -33.84 84.72
N GLN H 361 0.97 -34.22 86.00
CA GLN H 361 0.99 -33.19 87.04
C GLN H 361 2.34 -32.50 87.08
N ILE H 362 3.40 -33.18 86.64
CA ILE H 362 4.65 -32.51 86.33
C ILE H 362 4.44 -31.50 85.21
N ILE H 363 3.71 -31.90 84.17
CA ILE H 363 3.39 -31.01 83.07
C ILE H 363 2.51 -29.86 83.54
N ASN H 364 1.62 -30.14 84.49
CA ASN H 364 0.75 -29.12 85.06
C ASN H 364 1.54 -28.07 85.83
N LYS H 365 2.46 -28.51 86.69
CA LYS H 365 3.20 -27.53 87.48
C LYS H 365 4.23 -26.81 86.61
N GLU H 366 4.72 -27.45 85.55
CA GLU H 366 5.67 -26.75 84.68
C GLU H 366 4.95 -25.77 83.77
N LYS H 367 3.69 -26.04 83.40
CA LYS H 367 3.01 -25.04 82.58
C LYS H 367 2.55 -23.87 83.45
N ILE H 368 2.22 -24.11 84.71
CA ILE H 368 2.00 -23.00 85.64
C ILE H 368 3.29 -22.20 85.82
N ARG H 369 4.44 -22.88 85.83
CA ARG H 369 5.72 -22.19 85.97
C ARG H 369 6.02 -21.31 84.76
N GLU H 370 5.90 -21.85 83.55
CA GLU H 370 6.17 -21.03 82.38
C GLU H 370 5.07 -19.99 82.16
N GLU H 371 3.86 -20.23 82.69
CA GLU H 371 2.79 -19.26 82.56
C GLU H 371 3.02 -18.07 83.46
N LYS H 372 3.46 -18.29 84.71
CA LYS H 372 3.80 -17.15 85.55
C LYS H 372 5.06 -16.46 85.05
N GLN H 373 5.96 -17.20 84.38
CA GLN H 373 7.09 -16.57 83.70
C GLN H 373 6.60 -15.66 82.56
N LYS H 374 5.63 -16.14 81.79
CA LYS H 374 5.02 -15.36 80.72
C LYS H 374 4.35 -14.10 81.25
N ILE H 375 3.63 -14.22 82.36
CA ILE H 375 2.91 -13.08 82.93
C ILE H 375 3.88 -12.05 83.48
N ILE H 376 4.93 -12.49 84.18
CA ILE H 376 5.89 -11.49 84.68
C ILE H 376 6.69 -10.90 83.54
N LEU H 377 6.88 -11.64 82.44
CA LEU H 377 7.64 -11.12 81.31
C LEU H 377 6.85 -10.05 80.56
N ASP H 378 5.61 -10.33 80.18
CA ASP H 378 4.89 -9.29 79.46
C ASP H 378 4.37 -8.20 80.39
N GLN H 379 4.30 -8.45 81.70
CA GLN H 379 4.02 -7.37 82.62
C GLN H 379 5.21 -6.41 82.72
N ALA H 380 6.43 -6.95 82.70
CA ALA H 380 7.61 -6.09 82.65
C ALA H 380 7.70 -5.36 81.32
N LYS H 381 7.32 -6.03 80.22
CA LYS H 381 7.27 -5.37 78.92
C LYS H 381 6.28 -4.21 78.90
N ALA H 382 5.06 -4.44 79.39
CA ALA H 382 4.05 -3.40 79.42
C ALA H 382 4.43 -2.26 80.37
N LEU H 383 5.07 -2.60 81.49
CA LEU H 383 5.55 -1.58 82.42
C LEU H 383 6.60 -0.70 81.79
N GLU H 384 7.59 -1.30 81.12
CA GLU H 384 8.66 -0.48 80.59
C GLU H 384 8.19 0.30 79.36
N THR H 385 7.27 -0.25 78.57
CA THR H 385 6.78 0.56 77.46
C THR H 385 5.82 1.64 77.93
N GLN H 386 5.18 1.45 79.08
CA GLN H 386 4.42 2.52 79.71
C GLN H 386 5.35 3.63 80.15
N TYR H 387 6.48 3.27 80.76
CA TYR H 387 7.43 4.30 81.19
C TYR H 387 8.08 5.01 80.01
N VAL H 388 8.50 4.27 78.99
CA VAL H 388 9.19 4.91 77.88
C VAL H 388 8.22 5.61 76.94
N HIS H 389 6.93 5.33 77.06
CA HIS H 389 5.95 6.14 76.34
C HIS H 389 5.54 7.36 77.15
N ASN H 390 5.60 7.25 78.47
CA ASN H 390 5.23 8.37 79.32
C ASN H 390 6.33 9.42 79.33
N ALA H 391 7.58 8.99 79.44
CA ALA H 391 8.72 9.88 79.50
C ALA H 391 9.38 10.08 78.16
N LEU H 392 8.64 9.95 77.07
CA LEU H 392 9.18 10.35 75.78
C LEU H 392 8.63 11.70 75.36
N LYS H 393 7.43 12.02 75.82
CA LYS H 393 6.71 13.21 75.42
C LYS H 393 6.32 14.04 76.64
N ARG H 394 7.11 13.95 77.71
CA ARG H 394 6.70 14.48 79.00
C ARG H 394 6.56 16.00 78.99
N ASN H 395 7.68 16.71 78.90
CA ASN H 395 7.84 18.16 78.79
C ASN H 395 9.31 18.48 78.62
N PRO H 396 9.65 19.59 77.98
CA PRO H 396 11.04 20.04 78.00
C PRO H 396 11.27 21.03 79.13
N VAL H 397 12.45 20.93 79.75
CA VAL H 397 12.83 21.99 80.68
C VAL H 397 13.30 23.21 79.88
N PRO H 398 12.91 24.42 80.24
CA PRO H 398 13.39 25.58 79.49
C PRO H 398 14.85 25.84 79.78
N ARG H 399 15.51 26.50 78.84
CA ARG H 399 16.94 26.74 78.98
C ARG H 399 17.31 28.20 79.11
N ASN H 400 16.91 29.06 78.17
CA ASN H 400 17.04 30.50 78.43
C ASN H 400 15.84 31.25 77.87
N TYR H 401 15.67 32.48 78.36
CA TYR H 401 14.49 33.28 78.12
C TYR H 401 14.80 34.55 77.36
N ASN H 402 16.07 34.85 77.15
CA ASN H 402 16.51 36.18 76.73
C ASN H 402 16.15 36.40 75.26
N TYR H 403 14.92 36.83 75.02
CA TYR H 403 14.38 37.00 73.68
C TYR H 403 13.75 38.36 73.55
N TYR H 404 14.14 39.10 72.51
CA TYR H 404 13.51 40.36 72.19
C TYR H 404 12.81 40.25 70.85
N GLN H 405 11.93 41.20 70.58
CA GLN H 405 11.19 41.19 69.33
C GLN H 405 11.06 42.61 68.83
N ALA H 406 10.87 42.72 67.53
CA ALA H 406 10.75 44.03 66.87
C ALA H 406 9.79 43.86 65.72
N PRO H 407 8.57 44.38 65.84
CA PRO H 407 7.64 44.38 64.71
C PRO H 407 7.91 45.55 63.79
N GLU H 408 7.66 45.36 62.49
CA GLU H 408 7.88 46.46 61.56
C GLU H 408 6.69 47.42 61.57
N LYS H 409 5.53 46.97 61.09
CA LYS H 409 4.38 47.86 60.96
C LYS H 409 3.14 47.01 60.85
N ARG H 410 2.17 47.24 61.74
CA ARG H 410 0.89 46.52 61.82
C ARG H 410 1.12 45.03 61.97
N SER H 411 2.16 44.67 62.72
CA SER H 411 2.42 43.27 63.05
C SER H 411 1.88 42.94 64.44
N LYS H 412 0.64 43.29 64.69
CA LYS H 412 0.01 42.91 65.94
C LYS H 412 -0.79 41.63 65.82
N HIS H 413 -1.18 41.26 64.61
CA HIS H 413 -1.88 40.01 64.35
C HIS H 413 -0.92 38.87 64.11
N ILE H 414 0.38 39.09 64.29
CA ILE H 414 1.39 38.09 63.96
C ILE H 414 2.41 37.94 65.08
N MET H 415 2.37 38.80 66.08
CA MET H 415 3.39 38.89 67.12
C MET H 415 3.34 37.66 68.01
N PRO H 416 4.48 37.05 68.31
CA PRO H 416 4.52 36.00 69.32
C PRO H 416 4.43 36.62 70.71
N SER H 417 4.02 35.79 71.68
CA SER H 417 3.91 36.31 73.03
C SER H 417 5.01 35.79 73.96
N GLU H 418 5.03 34.50 74.28
CA GLU H 418 6.01 33.98 75.23
C GLU H 418 6.92 33.04 74.48
N ILE H 419 8.19 33.40 74.33
CA ILE H 419 9.13 32.59 73.57
C ILE H 419 10.21 32.10 74.51
N PHE H 420 10.58 30.83 74.39
CA PHE H 420 11.77 30.32 75.07
C PHE H 420 12.34 29.18 74.23
N ASP H 421 13.25 28.40 74.82
CA ASP H 421 13.84 27.28 74.12
C ASP H 421 14.20 26.18 75.12
N ASP H 422 14.89 25.15 74.65
CA ASP H 422 15.47 24.17 75.54
C ASP H 422 16.92 23.83 75.18
N GLY H 423 17.55 24.61 74.32
CA GLY H 423 18.86 24.29 73.80
C GLY H 423 18.85 23.49 72.52
N THR H 424 17.73 22.81 72.22
CA THR H 424 17.57 22.10 70.96
C THR H 424 16.45 22.69 70.13
N PHE H 425 15.27 22.83 70.71
CA PHE H 425 14.09 23.34 70.02
C PHE H 425 13.79 24.73 70.55
N THR H 426 13.11 25.53 69.74
CA THR H 426 12.68 26.86 70.15
C THR H 426 11.17 26.91 70.16
N TYR H 427 10.59 27.21 71.31
CA TYR H 427 9.16 27.22 71.50
C TYR H 427 8.66 28.66 71.44
N PHE H 428 7.88 28.96 70.41
CA PHE H 428 7.15 30.22 70.33
C PHE H 428 5.78 30.02 70.94
N GLY H 429 5.30 31.03 71.64
CA GLY H 429 3.96 30.96 72.16
C GLY H 429 3.14 32.12 71.69
N PHE H 430 2.14 31.80 70.87
CA PHE H 430 1.23 32.76 70.29
C PHE H 430 -0.01 32.86 71.16
N LYS H 431 -0.80 33.91 70.93
CA LYS H 431 -2.17 33.92 71.42
C LYS H 431 -3.05 33.18 70.42
N ASN H 432 -4.35 33.27 70.57
CA ASN H 432 -5.22 32.75 69.53
C ASN H 432 -5.84 33.84 68.68
N ILE H 433 -5.84 35.08 69.16
CA ILE H 433 -6.29 36.19 68.32
C ILE H 433 -5.29 36.48 67.22
N THR H 434 -4.03 36.09 67.43
CA THR H 434 -3.04 36.23 66.38
C THR H 434 -3.16 35.10 65.37
N LEU H 435 -2.56 35.31 64.22
CA LEU H 435 -2.57 34.33 63.15
C LEU H 435 -1.34 33.43 63.30
N GLN H 436 -1.01 32.70 62.25
CA GLN H 436 0.14 31.78 62.27
C GLN H 436 1.15 32.22 61.23
N PRO H 437 2.27 32.80 61.63
CA PRO H 437 3.27 33.27 60.66
C PRO H 437 4.00 32.13 59.97
N ALA H 438 4.70 32.50 58.92
CA ALA H 438 5.74 31.64 58.37
C ALA H 438 7.04 31.95 59.12
N ILE H 439 7.50 30.98 59.90
CA ILE H 439 8.72 31.16 60.67
C ILE H 439 9.93 30.97 59.76
N PHE H 440 10.99 31.73 60.00
CA PHE H 440 12.19 31.61 59.20
C PHE H 440 13.40 31.84 60.08
N VAL H 441 14.45 31.08 59.82
CA VAL H 441 15.73 31.20 60.49
C VAL H 441 16.63 32.05 59.62
N VAL H 442 17.15 33.13 60.20
CA VAL H 442 18.06 34.01 59.47
C VAL H 442 19.42 33.35 59.38
N GLN H 443 19.84 33.02 58.16
CA GLN H 443 21.19 32.55 57.94
C GLN H 443 22.19 33.67 58.23
N PRO H 444 23.41 33.31 58.68
CA PRO H 444 24.36 34.35 59.11
C PRO H 444 24.88 35.25 58.01
N ASP H 445 24.60 34.99 56.74
CA ASP H 445 24.87 35.99 55.71
C ASP H 445 23.80 37.06 55.65
N GLY H 446 22.67 36.85 56.33
CA GLY H 446 21.52 37.72 56.26
C GLY H 446 20.33 37.11 55.54
N LYS H 447 20.53 35.99 54.85
CA LYS H 447 19.46 35.38 54.08
C LYS H 447 18.57 34.54 55.00
N LEU H 448 17.54 33.94 54.42
CA LEU H 448 16.54 33.20 55.17
C LEU H 448 16.72 31.71 54.96
N SER H 449 16.08 30.93 55.83
CA SER H 449 16.10 29.48 55.69
C SER H 449 14.81 28.93 56.27
N MET H 450 13.98 28.35 55.42
CA MET H 450 12.78 27.68 55.87
C MET H 450 13.14 26.41 56.63
N THR H 451 12.65 26.28 57.85
CA THR H 451 12.91 25.12 58.68
C THR H 451 11.61 24.38 58.99
N ASP H 452 11.75 23.11 59.29
CA ASP H 452 10.60 22.33 59.72
C ASP H 452 10.13 22.77 61.10
N ALA H 453 8.83 22.74 61.30
CA ALA H 453 8.22 23.23 62.52
C ALA H 453 6.85 22.60 62.65
N ALA H 454 6.34 22.58 63.87
CA ALA H 454 5.02 22.04 64.11
C ALA H 454 4.42 22.73 65.32
N ILE H 455 3.10 22.79 65.33
CA ILE H 455 2.38 23.21 66.52
C ILE H 455 2.47 22.06 67.51
N ASP H 456 3.01 22.34 68.68
CA ASP H 456 3.19 21.28 69.66
C ASP H 456 1.90 21.08 70.43
N PRO H 457 1.23 19.93 70.28
CA PRO H 457 -0.09 19.77 70.93
C PRO H 457 0.01 19.47 72.41
N ASN H 458 1.17 19.08 72.90
CA ASN H 458 1.29 18.71 74.31
C ASN H 458 1.35 19.93 75.20
N MET H 459 2.02 20.98 74.75
CA MET H 459 2.24 22.16 75.59
C MET H 459 1.03 23.09 75.48
N THR H 460 0.42 23.39 76.62
CA THR H 460 -0.63 24.40 76.72
C THR H 460 -0.32 25.32 77.89
N ASN H 461 0.94 25.74 77.99
CA ASN H 461 1.36 26.61 79.08
C ASN H 461 0.75 27.99 78.92
N SER H 462 0.12 28.47 79.98
CA SER H 462 -0.46 29.81 80.11
C SER H 462 -1.60 30.06 79.12
N GLY H 463 -2.14 29.02 78.51
CA GLY H 463 -3.21 29.17 77.57
C GLY H 463 -2.75 29.83 76.28
N LEU H 464 -1.72 29.28 75.67
CA LEU H 464 -1.15 29.82 74.45
C LEU H 464 -1.24 28.77 73.35
N ARG H 465 -0.81 29.16 72.16
CA ARG H 465 -0.60 28.21 71.07
C ARG H 465 0.90 28.04 70.91
N TRP H 466 1.42 26.88 71.24
CA TRP H 466 2.85 26.67 71.18
C TRP H 466 3.23 26.13 69.82
N TYR H 467 4.38 26.59 69.35
CA TYR H 467 4.82 26.32 67.99
C TYR H 467 6.34 26.19 68.06
N ARG H 468 6.84 24.98 67.93
CA ARG H 468 8.27 24.76 68.07
C ARG H 468 8.94 24.71 66.72
N VAL H 469 10.15 25.23 66.65
CA VAL H 469 11.02 25.02 65.52
C VAL H 469 12.22 24.22 66.00
N ASN H 470 12.87 23.55 65.04
CA ASN H 470 13.88 22.55 65.36
C ASN H 470 15.29 23.10 65.21
N GLU H 471 15.49 24.38 65.47
CA GLU H 471 16.81 24.98 65.40
C GLU H 471 16.97 26.02 66.48
N ILE H 472 18.23 26.33 66.79
CA ILE H 472 18.58 27.38 67.73
C ILE H 472 19.42 28.38 66.96
N ALA H 473 18.88 29.57 66.71
CA ALA H 473 19.60 30.59 65.98
C ALA H 473 19.41 31.94 66.65
N GLU H 474 20.01 32.96 66.02
CA GLU H 474 20.05 34.26 66.67
C GLU H 474 18.95 35.20 66.20
N LYS H 475 18.56 35.14 64.93
CA LYS H 475 17.48 35.98 64.45
C LYS H 475 16.43 35.12 63.77
N PHE H 476 15.18 35.36 64.13
CA PHE H 476 14.03 34.61 63.63
C PHE H 476 13.07 35.59 62.97
N LYS H 477 12.88 35.46 61.67
CA LYS H 477 11.83 36.24 61.03
C LYS H 477 10.51 35.54 61.20
N LEU H 478 9.46 36.30 61.44
CA LEU H 478 8.11 35.77 61.43
C LEU H 478 7.38 36.58 60.38
N ILE H 479 7.10 35.96 59.24
CA ILE H 479 6.73 36.67 58.04
C ILE H 479 5.37 36.19 57.58
N LYS H 480 4.45 37.13 57.42
CA LYS H 480 3.35 37.02 56.48
C LYS H 480 3.58 38.15 55.46
N ASP H 481 2.62 38.34 54.54
CA ASP H 481 2.88 38.96 53.24
C ASP H 481 3.44 40.37 53.35
N LYS H 482 2.94 41.17 54.27
CA LYS H 482 3.54 42.47 54.54
C LYS H 482 3.97 42.63 55.98
N ALA H 483 3.19 42.13 56.93
CA ALA H 483 3.57 42.23 58.33
C ALA H 483 4.65 41.20 58.64
N LEU H 484 5.66 41.63 59.38
CA LEU H 484 6.68 40.71 59.85
C LEU H 484 7.18 41.21 61.19
N VAL H 485 7.83 40.31 61.91
CA VAL H 485 8.44 40.68 63.19
C VAL H 485 9.71 39.86 63.37
N THR H 486 10.77 40.54 63.77
CA THR H 486 12.08 39.91 63.93
C THR H 486 12.31 39.62 65.40
N VAL H 487 12.67 38.38 65.71
CA VAL H 487 12.99 37.94 67.07
C VAL H 487 14.49 37.84 67.21
N ILE H 488 15.03 38.53 68.19
CA ILE H 488 16.46 38.60 68.44
C ILE H 488 16.77 37.72 69.64
N ASN H 489 17.64 36.74 69.44
CA ASN H 489 18.13 35.87 70.51
C ASN H 489 19.32 36.55 71.16
N LYS H 490 19.08 37.25 72.26
CA LYS H 490 20.20 37.78 73.01
C LYS H 490 20.70 36.80 74.07
N GLY H 491 20.23 35.56 74.05
CA GLY H 491 20.79 34.53 74.90
C GLY H 491 21.39 33.41 74.07
N TYR H 492 21.84 33.73 72.86
CA TYR H 492 22.33 32.71 71.95
C TYR H 492 23.68 32.20 72.42
N GLY H 493 23.78 30.88 72.58
CA GLY H 493 25.04 30.27 72.95
C GLY H 493 25.48 30.48 74.38
N LYS H 494 24.59 30.92 75.25
CA LYS H 494 24.99 31.11 76.63
C LYS H 494 24.78 29.86 77.47
N ASN H 495 23.67 29.15 77.26
CA ASN H 495 23.43 27.86 77.90
C ASN H 495 23.10 26.84 76.82
N PRO H 496 24.10 26.16 76.27
CA PRO H 496 23.81 25.02 75.41
C PRO H 496 23.69 23.75 76.23
N LEU H 497 23.56 22.61 75.57
CA LEU H 497 23.70 21.34 76.26
C LEU H 497 25.17 20.95 76.28
N THR H 498 25.48 19.79 76.84
CA THR H 498 26.83 19.26 76.62
C THR H 498 26.86 18.50 75.29
N LYS H 499 26.16 17.36 75.23
CA LYS H 499 25.85 16.61 74.02
C LYS H 499 24.84 15.53 74.36
N ASN H 500 23.76 15.41 73.59
CA ASN H 500 22.80 14.33 73.78
C ASN H 500 22.26 13.90 72.41
N TYR H 501 21.47 12.83 72.43
CA TYR H 501 20.95 12.17 71.24
C TYR H 501 19.44 12.22 71.09
N ASN H 502 18.71 12.18 72.20
CA ASN H 502 17.26 12.23 72.20
C ASN H 502 16.84 13.53 72.89
N ILE H 503 15.54 13.87 72.81
CA ILE H 503 15.07 15.12 73.40
C ILE H 503 15.11 15.07 74.92
N LYS H 504 14.47 14.07 75.53
CA LYS H 504 14.71 13.84 76.93
C LYS H 504 15.97 12.98 77.05
N ASN H 505 16.68 13.13 78.15
CA ASN H 505 17.96 12.45 78.31
C ASN H 505 17.80 11.13 79.04
N TYR H 506 16.90 10.29 78.52
CA TYR H 506 16.81 8.85 78.81
C TYR H 506 16.63 8.19 77.45
N GLY H 507 17.74 8.03 76.72
CA GLY H 507 17.67 7.78 75.30
C GLY H 507 18.08 6.36 74.95
N GLU H 508 17.57 5.90 73.81
CA GLU H 508 17.72 4.54 73.35
C GLU H 508 18.53 4.54 72.06
N LEU H 509 19.15 3.39 71.76
CA LEU H 509 20.08 3.27 70.67
C LEU H 509 20.13 1.84 70.18
N GLU H 510 20.38 1.67 68.89
CA GLU H 510 20.68 0.35 68.33
C GLU H 510 21.53 0.49 67.08
N ALA I 349 -86.35 -53.27 -16.13
CA ALA I 349 -86.36 -52.28 -17.20
C ALA I 349 -87.09 -51.02 -16.78
N TYR I 350 -86.31 -49.98 -16.44
CA TYR I 350 -86.87 -48.69 -16.03
C TYR I 350 -86.56 -47.67 -17.12
N ILE I 351 -87.47 -47.58 -18.10
CA ILE I 351 -87.33 -46.64 -19.20
C ILE I 351 -87.73 -45.23 -18.79
N ASN I 352 -88.32 -45.08 -17.61
CA ASN I 352 -88.75 -43.77 -17.11
C ASN I 352 -87.57 -42.83 -16.85
N ARG I 353 -86.40 -43.36 -16.51
CA ARG I 353 -85.25 -42.50 -16.27
C ARG I 353 -84.67 -41.97 -17.58
N VAL I 354 -84.90 -42.68 -18.68
CA VAL I 354 -84.55 -42.16 -19.99
C VAL I 354 -85.45 -40.97 -20.35
N MET I 355 -86.73 -41.07 -20.02
CA MET I 355 -87.65 -39.95 -20.20
C MET I 355 -87.34 -38.79 -19.26
N MET I 356 -86.85 -39.08 -18.05
CA MET I 356 -86.41 -38.02 -17.16
C MET I 356 -85.00 -37.53 -17.48
N ALA I 357 -84.32 -38.19 -18.41
CA ALA I 357 -83.13 -37.65 -19.06
C ALA I 357 -83.49 -36.80 -20.27
N SER I 358 -84.75 -36.39 -20.40
CA SER I 358 -85.17 -35.42 -21.40
C SER I 358 -85.53 -34.07 -20.78
N ASN I 359 -84.82 -33.67 -19.73
CA ASN I 359 -84.89 -32.29 -19.27
C ASN I 359 -83.77 -31.43 -19.84
N GLU I 360 -82.84 -32.04 -20.59
CA GLU I 360 -81.86 -31.27 -21.34
C GLU I 360 -82.32 -30.93 -22.75
N GLN I 361 -83.56 -31.25 -23.12
CA GLN I 361 -84.11 -30.62 -24.32
C GLN I 361 -84.54 -29.19 -24.03
N ILE I 362 -84.86 -28.90 -22.77
CA ILE I 362 -84.96 -27.51 -22.32
C ILE I 362 -83.61 -26.81 -22.48
N ILE I 363 -82.54 -27.50 -22.07
CA ILE I 363 -81.19 -26.97 -22.22
C ILE I 363 -80.83 -26.82 -23.69
N ASN I 364 -81.31 -27.74 -24.52
CA ASN I 364 -81.08 -27.70 -25.95
C ASN I 364 -81.74 -26.47 -26.58
N LYS I 365 -83.01 -26.25 -26.28
CA LYS I 365 -83.69 -25.12 -26.90
C LYS I 365 -83.20 -23.80 -26.32
N GLU I 366 -82.75 -23.79 -25.06
CA GLU I 366 -82.22 -22.54 -24.51
C GLU I 366 -80.82 -22.25 -25.03
N LYS I 367 -80.03 -23.28 -25.36
CA LYS I 367 -78.74 -22.95 -25.94
C LYS I 367 -78.88 -22.54 -27.40
N ILE I 368 -79.87 -23.08 -28.11
CA ILE I 368 -80.18 -22.54 -29.43
C ILE I 368 -80.67 -21.10 -29.33
N ARG I 369 -81.41 -20.78 -28.26
CA ARG I 369 -81.90 -19.41 -28.05
C ARG I 369 -80.74 -18.44 -27.79
N GLU I 370 -79.84 -18.79 -26.86
CA GLU I 370 -78.72 -17.88 -26.60
C GLU I 370 -77.72 -17.89 -27.75
N GLU I 371 -77.69 -18.97 -28.55
CA GLU I 371 -76.79 -19.00 -29.69
C GLU I 371 -77.27 -18.10 -30.81
N LYS I 372 -78.58 -18.09 -31.09
CA LYS I 372 -79.07 -17.13 -32.08
C LYS I 372 -79.02 -15.71 -31.54
N GLN I 373 -79.10 -15.54 -30.21
CA GLN I 373 -78.84 -14.23 -29.61
C GLN I 373 -77.39 -13.80 -29.84
N LYS I 374 -76.45 -14.74 -29.68
CA LYS I 374 -75.04 -14.48 -29.92
C LYS I 374 -74.77 -14.12 -31.38
N ILE I 375 -75.42 -14.83 -32.30
CA ILE I 375 -75.21 -14.59 -33.72
C ILE I 375 -75.78 -13.24 -34.14
N ILE I 376 -76.98 -12.89 -33.66
CA ILE I 376 -77.51 -11.58 -34.02
C ILE I 376 -76.73 -10.46 -33.33
N LEU I 377 -76.14 -10.75 -32.16
CA LEU I 377 -75.37 -9.73 -31.45
C LEU I 377 -74.06 -9.43 -32.17
N ASP I 378 -73.27 -10.45 -32.47
CA ASP I 378 -72.01 -10.14 -33.14
C ASP I 378 -72.21 -9.83 -34.62
N GLN I 379 -73.36 -10.19 -35.21
CA GLN I 379 -73.65 -9.72 -36.55
C GLN I 379 -73.97 -8.24 -36.54
N ALA I 380 -74.68 -7.76 -35.51
CA ALA I 380 -74.89 -6.32 -35.38
C ALA I 380 -73.59 -5.59 -35.06
N LYS I 381 -72.72 -6.22 -34.28
CA LYS I 381 -71.40 -5.65 -34.01
C LYS I 381 -70.57 -5.51 -35.27
N ALA I 382 -70.50 -6.57 -36.07
CA ALA I 382 -69.74 -6.54 -37.31
C ALA I 382 -70.35 -5.58 -38.33
N LEU I 383 -71.68 -5.49 -38.37
CA LEU I 383 -72.35 -4.54 -39.25
C LEU I 383 -72.02 -3.11 -38.87
N GLU I 384 -72.09 -2.78 -37.58
CA GLU I 384 -71.87 -1.39 -37.22
C GLU I 384 -70.40 -1.03 -37.31
N THR I 385 -69.49 -1.98 -37.05
CA THR I 385 -68.08 -1.64 -37.23
C THR I 385 -67.71 -1.58 -38.70
N GLN I 386 -68.44 -2.29 -39.56
CA GLN I 386 -68.28 -2.13 -41.00
C GLN I 386 -68.72 -0.74 -41.42
N TYR I 387 -69.84 -0.27 -40.89
CA TYR I 387 -70.31 1.07 -41.24
C TYR I 387 -69.40 2.15 -40.70
N VAL I 388 -68.97 2.04 -39.44
CA VAL I 388 -68.17 3.10 -38.86
C VAL I 388 -66.72 3.02 -39.34
N HIS I 389 -66.32 1.90 -39.95
CA HIS I 389 -65.03 1.87 -40.60
C HIS I 389 -65.13 2.36 -42.04
N ASN I 390 -66.30 2.18 -42.66
CA ASN I 390 -66.48 2.64 -44.03
C ASN I 390 -66.66 4.14 -44.09
N ALA I 391 -67.44 4.68 -43.17
CA ALA I 391 -67.73 6.11 -43.14
C ALA I 391 -66.85 6.86 -42.17
N LEU I 392 -65.64 6.37 -41.91
CA LEU I 392 -64.68 7.17 -41.17
C LEU I 392 -63.66 7.79 -42.10
N LYS I 393 -63.41 7.12 -43.22
CA LYS I 393 -62.36 7.52 -44.16
C LYS I 393 -62.94 7.71 -45.55
N ARG I 394 -64.22 8.05 -45.64
CA ARG I 394 -64.95 8.02 -46.90
C ARG I 394 -64.41 8.99 -47.93
N ASN I 395 -64.61 10.29 -47.70
CA ASN I 395 -64.13 11.44 -48.47
C ASN I 395 -64.56 12.71 -47.77
N PRO I 396 -63.82 13.80 -47.92
CA PRO I 396 -64.32 15.09 -47.45
C PRO I 396 -65.06 15.83 -48.55
N VAL I 397 -66.13 16.51 -48.17
CA VAL I 397 -66.75 17.43 -49.13
C VAL I 397 -65.92 18.70 -49.20
N PRO I 398 -65.65 19.25 -50.38
CA PRO I 398 -64.88 20.48 -50.45
C PRO I 398 -65.70 21.66 -49.95
N ARG I 399 -65.01 22.70 -49.48
CA ARG I 399 -65.70 23.84 -48.92
C ARG I 399 -65.51 25.13 -49.70
N ASN I 400 -64.27 25.56 -49.97
CA ASN I 400 -64.09 26.63 -50.95
C ASN I 400 -62.85 26.40 -51.78
N TYR I 401 -62.80 27.09 -52.92
CA TYR I 401 -61.81 26.86 -53.94
C TYR I 401 -60.91 28.07 -54.17
N ASN I 402 -61.22 29.19 -53.53
CA ASN I 402 -60.63 30.48 -53.90
C ASN I 402 -59.18 30.55 -53.45
N TYR I 403 -58.29 30.02 -54.27
CA TYR I 403 -56.88 29.90 -53.97
C TYR I 403 -56.04 30.44 -55.11
N TYR I 404 -55.13 31.35 -54.79
CA TYR I 404 -54.18 31.84 -55.77
C TYR I 404 -52.79 31.42 -55.36
N GLN I 405 -51.86 31.51 -56.30
CA GLN I 405 -50.48 31.12 -56.03
C GLN I 405 -49.56 32.10 -56.73
N ALA I 406 -48.35 32.19 -56.22
CA ALA I 406 -47.34 33.10 -56.75
C ALA I 406 -46.00 32.44 -56.56
N PRO I 407 -45.38 31.94 -57.62
CA PRO I 407 -44.02 31.41 -57.54
C PRO I 407 -43.01 32.54 -57.63
N GLU I 408 -41.86 32.37 -56.95
CA GLU I 408 -40.84 33.40 -57.02
C GLU I 408 -40.00 33.27 -58.28
N LYS I 409 -39.23 32.19 -58.39
CA LYS I 409 -38.32 32.02 -59.53
C LYS I 409 -37.93 30.57 -59.62
N ARG I 410 -38.17 29.97 -60.79
CA ARG I 410 -37.88 28.56 -61.08
C ARG I 410 -38.59 27.63 -60.10
N SER I 411 -39.78 28.02 -59.69
CA SER I 411 -40.62 27.18 -58.85
C SER I 411 -41.65 26.42 -59.69
N LYS I 412 -41.18 25.77 -60.74
CA LYS I 412 -42.07 24.93 -61.53
C LYS I 412 -42.01 23.48 -61.10
N HIS I 413 -40.94 23.07 -60.43
CA HIS I 413 -40.81 21.73 -59.89
C HIS I 413 -41.39 21.61 -58.50
N ILE I 414 -42.07 22.65 -58.01
CA ILE I 414 -42.56 22.69 -56.65
C ILE I 414 -44.00 23.18 -56.58
N MET I 415 -44.54 23.65 -57.69
CA MET I 415 -45.85 24.30 -57.74
C MET I 415 -46.96 23.30 -57.47
N PRO I 416 -47.91 23.63 -56.61
CA PRO I 416 -49.11 22.81 -56.47
C PRO I 416 -50.03 23.01 -57.66
N SER I 417 -50.91 22.05 -57.89
CA SER I 417 -51.83 22.19 -59.01
C SER I 417 -53.25 22.49 -58.58
N GLU I 418 -53.94 21.56 -57.92
CA GLU I 418 -55.34 21.76 -57.56
C GLU I 418 -55.42 21.81 -56.04
N ILE I 419 -55.76 22.97 -55.49
CA ILE I 419 -55.81 23.13 -54.05
C ILE I 419 -57.24 23.44 -53.65
N PHE I 420 -57.70 22.81 -52.57
CA PHE I 420 -58.97 23.20 -51.95
C PHE I 420 -58.88 22.89 -50.46
N ASP I 421 -60.02 22.91 -49.78
CA ASP I 421 -60.07 22.60 -48.36
C ASP I 421 -61.41 21.96 -48.02
N ASP I 422 -61.65 21.76 -46.72
CA ASP I 422 -62.97 21.37 -46.25
C ASP I 422 -63.43 22.18 -45.04
N GLY I 423 -62.75 23.27 -44.72
CA GLY I 423 -63.01 24.01 -43.51
C GLY I 423 -62.18 23.57 -42.32
N THR I 424 -61.65 22.35 -42.34
CA THR I 424 -60.75 21.87 -41.31
C THR I 424 -59.36 21.60 -41.86
N PHE I 425 -59.27 20.81 -42.92
CA PHE I 425 -58.00 20.43 -43.53
C PHE I 425 -57.86 21.14 -44.86
N THR I 426 -56.63 21.34 -45.30
CA THR I 426 -56.36 21.93 -46.60
C THR I 426 -55.67 20.91 -47.48
N TYR I 427 -56.28 20.60 -48.62
CA TYR I 427 -55.78 19.58 -49.53
C TYR I 427 -55.05 20.25 -50.68
N PHE I 428 -53.75 20.05 -50.75
CA PHE I 428 -52.95 20.42 -51.90
C PHE I 428 -52.90 19.27 -52.87
N GLY I 429 -52.95 19.57 -54.15
CA GLY I 429 -52.81 18.53 -55.13
C GLY I 429 -51.68 18.83 -56.07
N PHE I 430 -50.65 18.00 -55.99
CA PHE I 430 -49.44 18.11 -56.79
C PHE I 430 -49.58 17.22 -58.01
N LYS I 431 -48.71 17.43 -58.98
CA LYS I 431 -48.50 16.43 -60.02
C LYS I 431 -47.50 15.41 -59.50
N ASN I 432 -47.00 14.55 -60.37
CA ASN I 432 -45.90 13.68 -59.96
C ASN I 432 -44.57 14.11 -60.53
N ILE I 433 -44.57 14.95 -61.57
CA ILE I 433 -43.33 15.51 -62.08
C ILE I 433 -42.77 16.54 -61.11
N THR I 434 -43.63 17.11 -60.27
CA THR I 434 -43.16 18.01 -59.24
C THR I 434 -42.63 17.24 -58.05
N LEU I 435 -41.86 17.93 -57.22
CA LEU I 435 -41.28 17.35 -56.04
C LEU I 435 -42.24 17.56 -54.87
N GLN I 436 -41.75 17.38 -53.65
CA GLN I 436 -42.56 17.53 -52.45
C GLN I 436 -42.01 18.66 -51.60
N PRO I 437 -42.68 19.81 -51.55
CA PRO I 437 -42.17 20.94 -50.77
C PRO I 437 -42.29 20.71 -49.28
N ALA I 438 -41.61 21.59 -48.55
CA ALA I 438 -41.89 21.77 -47.14
C ALA I 438 -42.99 22.79 -47.01
N ILE I 439 -44.17 22.35 -46.56
CA ILE I 439 -45.30 23.25 -46.41
C ILE I 439 -45.15 24.05 -45.12
N PHE I 440 -45.58 25.31 -45.15
CA PHE I 440 -45.50 26.14 -43.97
C PHE I 440 -46.70 27.07 -43.91
N VAL I 441 -47.21 27.27 -42.71
CA VAL I 441 -48.30 28.18 -42.44
C VAL I 441 -47.71 29.52 -42.01
N VAL I 442 -48.09 30.58 -42.70
CA VAL I 442 -47.62 31.92 -42.36
C VAL I 442 -48.36 32.40 -41.13
N GLN I 443 -47.64 32.59 -40.04
CA GLN I 443 -48.21 33.22 -38.86
C GLN I 443 -48.56 34.68 -39.17
N PRO I 444 -49.59 35.23 -38.52
CA PRO I 444 -50.05 36.58 -38.87
C PRO I 444 -49.08 37.71 -38.56
N ASP I 445 -47.98 37.46 -37.86
CA ASP I 445 -46.93 38.47 -37.79
C ASP I 445 -46.06 38.48 -39.03
N GLY I 446 -46.18 37.47 -39.89
CA GLY I 446 -45.32 37.29 -41.04
C GLY I 446 -44.39 36.12 -40.92
N LYS I 447 -44.24 35.54 -39.74
CA LYS I 447 -43.32 34.43 -39.53
C LYS I 447 -43.95 33.13 -40.00
N LEU I 448 -43.19 32.05 -39.88
CA LEU I 448 -43.60 30.75 -40.37
C LEU I 448 -43.97 29.83 -39.21
N SER I 449 -44.66 28.75 -39.55
CA SER I 449 -45.00 27.74 -38.55
C SER I 449 -45.08 26.39 -39.23
N MET I 450 -44.18 25.49 -38.88
CA MET I 450 -44.22 24.13 -39.36
C MET I 450 -45.42 23.41 -38.77
N THR I 451 -46.27 22.84 -39.63
CA THR I 451 -47.44 22.10 -39.18
C THR I 451 -47.34 20.65 -39.62
N ASP I 452 -48.06 19.80 -38.90
CA ASP I 452 -48.15 18.40 -39.27
C ASP I 452 -48.95 18.24 -40.56
N ALA I 453 -48.54 17.28 -41.37
CA ALA I 453 -49.12 17.08 -42.69
C ALA I 453 -48.81 15.66 -43.11
N ALA I 454 -49.61 15.16 -44.05
CA ALA I 454 -49.38 13.83 -44.57
C ALA I 454 -49.90 13.77 -45.98
N ILE I 455 -49.29 12.90 -46.77
CA ILE I 455 -49.83 12.56 -48.07
C ILE I 455 -51.05 11.70 -47.83
N ASP I 456 -52.19 12.14 -48.34
CA ASP I 456 -53.43 11.41 -48.10
C ASP I 456 -53.55 10.28 -49.11
N PRO I 457 -53.48 9.01 -48.68
CA PRO I 457 -53.48 7.92 -49.66
C PRO I 457 -54.85 7.60 -50.21
N ASN I 458 -55.92 8.09 -49.58
CA ASN I 458 -57.25 7.75 -50.04
C ASN I 458 -57.65 8.57 -51.26
N MET I 459 -57.25 9.84 -51.31
CA MET I 459 -57.66 10.72 -52.39
C MET I 459 -56.74 10.54 -53.59
N THR I 460 -57.33 10.22 -54.73
CA THR I 460 -56.62 10.18 -56.01
C THR I 460 -57.44 10.92 -57.05
N ASN I 461 -57.96 12.09 -56.66
CA ASN I 461 -58.79 12.88 -57.57
C ASN I 461 -57.94 13.45 -58.69
N SER I 462 -58.40 13.23 -59.93
CA SER I 462 -57.81 13.77 -61.17
C SER I 462 -56.39 13.26 -61.43
N GLY I 463 -55.98 12.20 -60.74
CA GLY I 463 -54.65 11.68 -60.92
C GLY I 463 -53.58 12.60 -60.39
N LEU I 464 -53.70 12.99 -59.13
CA LEU I 464 -52.77 13.90 -58.50
C LEU I 464 -52.14 13.22 -57.29
N ARG I 465 -51.21 13.93 -56.65
CA ARG I 465 -50.72 13.52 -55.35
C ARG I 465 -51.30 14.47 -54.33
N TRP I 466 -52.18 13.97 -53.48
CA TRP I 466 -52.84 14.83 -52.52
C TRP I 466 -52.06 14.86 -51.23
N TYR I 467 -52.03 16.04 -50.63
CA TYR I 467 -51.18 16.31 -49.48
C TYR I 467 -51.96 17.26 -48.59
N ARG I 468 -52.46 16.77 -47.47
CA ARG I 468 -53.30 17.58 -46.61
C ARG I 468 -52.48 18.17 -45.48
N VAL I 469 -52.81 19.39 -45.10
CA VAL I 469 -52.32 19.97 -43.87
C VAL I 469 -53.51 20.18 -42.96
N ASN I 470 -53.23 20.27 -41.66
CA ASN I 470 -54.26 20.23 -40.64
C ASN I 470 -54.59 21.61 -40.11
N GLU I 471 -54.50 22.63 -40.95
CA GLU I 471 -54.85 23.98 -40.54
C GLU I 471 -55.50 24.71 -41.70
N ILE I 472 -56.22 25.77 -41.36
CA ILE I 472 -56.84 26.66 -42.34
C ILE I 472 -56.26 28.05 -42.09
N ALA I 473 -55.44 28.53 -43.01
CA ALA I 473 -54.84 29.85 -42.85
C ALA I 473 -54.86 30.60 -44.17
N GLU I 474 -54.31 31.80 -44.15
CA GLU I 474 -54.45 32.69 -45.29
C GLU I 474 -53.26 32.63 -46.24
N LYS I 475 -52.05 32.46 -45.74
CA LYS I 475 -50.89 32.35 -46.61
C LYS I 475 -50.12 31.08 -46.29
N PHE I 476 -49.78 30.34 -47.33
CA PHE I 476 -49.07 29.07 -47.22
C PHE I 476 -47.79 29.16 -48.02
N LYS I 477 -46.66 29.08 -47.35
CA LYS I 477 -45.41 28.98 -48.08
C LYS I 477 -45.17 27.54 -48.46
N LEU I 478 -44.65 27.31 -49.66
CA LEU I 478 -44.21 26.00 -50.07
C LEU I 478 -42.75 26.19 -50.42
N ILE I 479 -41.87 25.67 -49.57
CA ILE I 479 -40.47 26.06 -49.57
C ILE I 479 -39.63 24.81 -49.78
N LYS I 480 -38.78 24.85 -50.80
CA LYS I 480 -37.53 24.12 -50.84
C LYS I 480 -36.43 25.18 -50.87
N ASP I 481 -35.18 24.75 -51.03
CA ASP I 481 -34.00 25.51 -50.58
C ASP I 481 -33.90 26.90 -51.21
N LYS I 482 -34.20 27.01 -52.50
CA LYS I 482 -34.29 28.32 -53.12
C LYS I 482 -35.64 28.58 -53.77
N ALA I 483 -36.22 27.57 -54.40
CA ALA I 483 -37.53 27.75 -55.00
C ALA I 483 -38.60 27.74 -53.92
N LEU I 484 -39.55 28.67 -54.03
CA LEU I 484 -40.68 28.68 -53.14
C LEU I 484 -41.87 29.24 -53.89
N VAL I 485 -43.06 28.98 -53.34
CA VAL I 485 -44.28 29.51 -53.93
C VAL I 485 -45.26 29.81 -52.81
N THR I 486 -45.86 30.99 -52.86
CA THR I 486 -46.79 31.43 -51.82
C THR I 486 -48.21 31.24 -52.30
N VAL I 487 -49.02 30.56 -51.48
CA VAL I 487 -50.43 30.33 -51.76
C VAL I 487 -51.25 31.29 -50.94
N ILE I 488 -52.10 32.05 -51.61
CA ILE I 488 -52.94 33.07 -50.98
C ILE I 488 -54.35 32.52 -50.91
N ASN I 489 -54.89 32.46 -49.70
CA ASN I 489 -56.28 32.08 -49.45
C ASN I 489 -57.14 33.31 -49.58
N LYS I 490 -57.73 33.51 -50.74
CA LYS I 490 -58.70 34.59 -50.86
C LYS I 490 -60.11 34.14 -50.53
N GLY I 491 -60.28 32.94 -49.99
CA GLY I 491 -61.56 32.50 -49.49
C GLY I 491 -61.50 32.21 -48.01
N TYR I 492 -60.58 32.88 -47.30
CA TYR I 492 -60.38 32.60 -45.90
C TYR I 492 -61.54 33.12 -45.06
N GLY I 493 -62.14 32.25 -44.27
CA GLY I 493 -63.20 32.65 -43.38
C GLY I 493 -64.52 32.96 -44.04
N LYS I 494 -64.72 32.55 -45.28
CA LYS I 494 -65.99 32.81 -45.92
C LYS I 494 -66.99 31.68 -45.70
N ASN I 495 -66.53 30.43 -45.76
CA ASN I 495 -67.36 29.27 -45.43
C ASN I 495 -66.63 28.45 -44.38
N PRO I 496 -66.85 28.72 -43.11
CA PRO I 496 -66.35 27.81 -42.08
C PRO I 496 -67.38 26.73 -41.79
N LEU I 497 -67.13 25.90 -40.79
CA LEU I 497 -68.17 25.02 -40.27
C LEU I 497 -68.98 25.77 -39.22
N THR I 498 -69.96 25.11 -38.62
CA THR I 498 -70.54 25.69 -37.41
C THR I 498 -69.68 25.33 -36.20
N LYS I 499 -69.68 24.04 -35.84
CA LYS I 499 -68.76 23.42 -34.89
C LYS I 499 -68.93 21.91 -34.94
N ASN I 500 -67.84 21.16 -35.05
CA ASN I 500 -67.90 19.71 -35.02
C ASN I 500 -66.67 19.17 -34.31
N TYR I 501 -66.66 17.85 -34.08
CA TYR I 501 -65.64 17.16 -33.30
C TYR I 501 -64.82 16.17 -34.10
N ASN I 502 -65.42 15.50 -35.08
CA ASN I 502 -64.75 14.53 -35.92
C ASN I 502 -64.73 15.07 -37.35
N ILE I 503 -63.97 14.42 -38.25
CA ILE I 503 -63.85 14.91 -39.61
C ILE I 503 -65.15 14.74 -40.38
N LYS I 504 -65.69 13.53 -40.43
CA LYS I 504 -67.05 13.37 -40.90
C LYS I 504 -67.97 13.62 -39.73
N ASN I 505 -69.17 14.11 -40.03
CA ASN I 505 -70.09 14.50 -38.97
C ASN I 505 -71.05 13.37 -38.61
N TYR I 506 -70.47 12.20 -38.30
CA TYR I 506 -71.14 11.10 -37.60
C TYR I 506 -70.12 10.64 -36.55
N GLY I 507 -70.06 11.39 -35.44
CA GLY I 507 -68.93 11.33 -34.55
C GLY I 507 -69.27 10.63 -33.25
N GLU I 508 -68.22 10.09 -32.63
CA GLU I 508 -68.35 9.27 -31.43
C GLU I 508 -67.63 9.98 -30.29
N LEU I 509 -68.03 9.62 -29.07
CA LEU I 509 -67.56 10.31 -27.87
C LEU I 509 -67.63 9.38 -26.67
N GLU I 510 -66.73 9.58 -25.72
CA GLU I 510 -66.81 8.92 -24.43
C GLU I 510 -66.11 9.73 -23.37
N ALA J 349 -92.93 -42.99 13.42
CA ALA J 349 -93.21 -41.84 12.58
C ALA J 349 -93.52 -40.60 13.42
N TYR J 350 -92.54 -39.71 13.53
CA TYR J 350 -92.70 -38.47 14.29
C TYR J 350 -92.69 -37.30 13.30
N ILE J 351 -93.88 -36.98 12.80
CA ILE J 351 -94.06 -35.88 11.86
C ILE J 351 -94.06 -34.53 12.56
N ASN J 352 -94.11 -34.53 13.90
CA ASN J 352 -94.12 -33.29 14.68
C ASN J 352 -92.81 -32.51 14.57
N ARG J 353 -91.69 -33.19 14.33
CA ARG J 353 -90.44 -32.48 14.19
C ARG J 353 -90.33 -31.79 12.83
N VAL J 354 -91.07 -32.28 11.84
CA VAL J 354 -91.18 -31.57 10.57
C VAL J 354 -91.96 -30.27 10.76
N MET J 355 -93.03 -30.32 11.58
CA MET J 355 -93.77 -29.10 11.92
C MET J 355 -92.95 -28.16 12.79
N MET J 356 -92.09 -28.68 13.65
CA MET J 356 -91.18 -27.84 14.41
C MET J 356 -89.96 -27.42 13.61
N ALA J 357 -89.79 -27.97 12.40
CA ALA J 357 -88.89 -27.42 11.41
C ALA J 357 -89.54 -26.35 10.56
N SER J 358 -90.69 -25.82 11.00
CA SER J 358 -91.33 -24.66 10.39
C SER J 358 -91.21 -23.42 11.26
N ASN J 359 -90.11 -23.26 11.98
CA ASN J 359 -89.79 -21.98 12.59
C ASN J 359 -88.87 -21.13 11.73
N GLU J 360 -88.40 -21.66 10.61
CA GLU J 360 -87.68 -20.87 9.61
C GLU J 360 -88.60 -20.26 8.57
N GLN J 361 -89.92 -20.40 8.70
CA GLN J 361 -90.79 -19.54 7.91
C GLN J 361 -90.86 -18.14 8.52
N ILE J 362 -90.63 -18.05 9.84
CA ILE J 362 -90.34 -16.75 10.45
C ILE J 362 -89.08 -16.16 9.85
N ILE J 363 -88.05 -16.99 9.70
CA ILE J 363 -86.80 -16.55 9.09
C ILE J 363 -87.01 -16.19 7.63
N ASN J 364 -87.91 -16.90 6.95
CA ASN J 364 -88.24 -16.64 5.56
C ASN J 364 -88.91 -15.27 5.41
N LYS J 365 -89.92 -15.00 6.24
CA LYS J 365 -90.62 -13.73 6.09
C LYS J 365 -89.75 -12.57 6.58
N GLU J 366 -88.85 -12.82 7.54
CA GLU J 366 -87.99 -11.73 7.98
C GLU J 366 -86.88 -11.46 6.97
N LYS J 367 -86.43 -12.49 6.23
CA LYS J 367 -85.42 -12.17 5.22
C LYS J 367 -86.05 -11.51 4.02
N ILE J 368 -87.31 -11.83 3.69
CA ILE J 368 -88.03 -11.05 2.70
C ILE J 368 -88.22 -9.61 3.17
N ARG J 369 -88.45 -9.41 4.47
CA ARG J 369 -88.61 -8.08 5.03
C ARG J 369 -87.31 -7.27 4.92
N GLU J 370 -86.18 -7.83 5.35
CA GLU J 370 -84.94 -7.08 5.24
C GLU J 370 -84.47 -6.98 3.80
N GLU J 371 -84.91 -7.90 2.93
CA GLU J 371 -84.54 -7.81 1.52
C GLU J 371 -85.27 -6.69 0.82
N LYS J 372 -86.57 -6.53 1.08
CA LYS J 372 -87.26 -5.38 0.52
C LYS J 372 -86.79 -4.08 1.16
N GLN J 373 -86.34 -4.14 2.42
CA GLN J 373 -85.68 -2.97 3.02
C GLN J 373 -84.39 -2.64 2.28
N LYS J 374 -83.60 -3.66 1.93
CA LYS J 374 -82.38 -3.47 1.16
C LYS J 374 -82.65 -2.90 -0.22
N ILE J 375 -83.70 -3.38 -0.87
CA ILE J 375 -84.01 -2.92 -2.22
C ILE J 375 -84.50 -1.48 -2.20
N ILE J 376 -85.35 -1.12 -1.22
CA ILE J 376 -85.79 0.28 -1.19
C ILE J 376 -84.65 1.19 -0.73
N LEU J 377 -83.70 0.67 0.05
CA LEU J 377 -82.58 1.48 0.51
C LEU J 377 -81.62 1.79 -0.62
N ASP J 378 -81.16 0.76 -1.36
CA ASP J 378 -80.23 1.09 -2.43
C ASP J 378 -80.94 1.66 -3.65
N GLN J 379 -82.26 1.49 -3.77
CA GLN J 379 -82.99 2.21 -4.80
C GLN J 379 -83.06 3.70 -4.48
N ALA J 380 -83.24 4.04 -3.20
CA ALA J 380 -83.17 5.45 -2.82
C ALA J 380 -81.77 6.01 -2.96
N LYS J 381 -80.75 5.19 -2.68
CA LYS J 381 -79.36 5.60 -2.90
C LYS J 381 -79.08 5.88 -4.37
N ALA J 382 -79.49 4.96 -5.25
CA ALA J 382 -79.26 5.15 -6.68
C ALA J 382 -80.06 6.31 -7.23
N LEU J 383 -81.29 6.51 -6.72
CA LEU J 383 -82.10 7.65 -7.13
C LEU J 383 -81.45 8.97 -6.75
N GLU J 384 -80.96 9.07 -5.51
CA GLU J 384 -80.43 10.36 -5.10
C GLU J 384 -79.06 10.61 -5.72
N THR J 385 -78.27 9.56 -5.97
CA THR J 385 -77.01 9.81 -6.66
C THR J 385 -77.23 10.09 -8.14
N GLN J 386 -78.34 9.60 -8.71
CA GLN J 386 -78.72 9.99 -10.06
C GLN J 386 -79.08 11.46 -10.10
N TYR J 387 -79.84 11.93 -9.11
CA TYR J 387 -80.21 13.33 -9.06
C TYR J 387 -79.00 14.24 -8.80
N VAL J 388 -78.15 13.87 -7.85
CA VAL J 388 -77.03 14.75 -7.53
C VAL J 388 -75.92 14.62 -8.55
N HIS J 389 -75.95 13.61 -9.41
CA HIS J 389 -75.03 13.59 -10.53
C HIS J 389 -75.61 14.32 -11.72
N ASN J 390 -76.93 14.35 -11.83
CA ASN J 390 -77.56 15.04 -12.95
C ASN J 390 -77.53 16.54 -12.74
N ALA J 391 -77.82 16.99 -11.53
CA ALA J 391 -77.86 18.40 -11.20
C ALA J 391 -76.57 18.89 -10.59
N LEU J 392 -75.45 18.27 -10.90
CA LEU J 392 -74.17 18.85 -10.52
C LEU J 392 -73.51 19.53 -11.70
N LYS J 393 -73.81 19.06 -12.90
CA LYS J 393 -73.17 19.52 -14.12
C LYS J 393 -74.20 19.98 -15.13
N ARG J 394 -75.35 20.45 -14.64
CA ARG J 394 -76.50 20.69 -15.50
C ARG J 394 -76.26 21.78 -16.53
N ASN J 395 -76.17 23.03 -16.08
CA ASN J 395 -75.87 24.25 -16.83
C ASN J 395 -75.81 25.41 -15.85
N PRO J 396 -75.04 26.45 -16.16
CA PRO J 396 -75.13 27.67 -15.37
C PRO J 396 -76.12 28.65 -15.98
N VAL J 397 -76.86 29.34 -15.12
CA VAL J 397 -77.66 30.45 -15.62
C VAL J 397 -76.73 31.65 -15.87
N PRO J 398 -76.87 32.37 -16.97
CA PRO J 398 -76.02 33.53 -17.20
C PRO J 398 -76.40 34.66 -16.26
N ARG J 399 -75.44 35.54 -15.99
CA ARG J 399 -75.69 36.63 -15.06
C ARG J 399 -75.63 38.01 -15.69
N ASN J 400 -74.55 38.38 -16.37
CA ASN J 400 -74.60 39.59 -17.20
C ASN J 400 -73.83 39.40 -18.49
N TYR J 401 -74.13 40.27 -19.45
CA TYR J 401 -73.66 40.14 -20.81
C TYR J 401 -72.75 41.28 -21.24
N ASN J 402 -72.62 42.30 -20.38
CA ASN J 402 -72.05 43.58 -20.79
C ASN J 402 -70.55 43.45 -20.97
N TYR J 403 -70.13 43.00 -22.14
CA TYR J 403 -68.73 42.72 -22.43
C TYR J 403 -68.34 43.38 -23.75
N TYR J 404 -67.25 44.15 -23.72
CA TYR J 404 -66.69 44.71 -24.92
C TYR J 404 -65.32 44.11 -25.17
N GLN J 405 -64.84 44.28 -26.39
CA GLN J 405 -63.53 43.75 -26.75
C GLN J 405 -62.81 44.76 -27.64
N ALA J 406 -61.51 44.65 -27.65
CA ALA J 406 -60.65 45.55 -28.41
C ALA J 406 -59.45 44.76 -28.87
N PRO J 407 -59.38 44.40 -30.15
CA PRO J 407 -58.18 43.76 -30.68
C PRO J 407 -57.12 44.79 -31.04
N GLU J 408 -55.86 44.41 -30.90
CA GLU J 408 -54.80 45.36 -31.26
C GLU J 408 -54.55 45.36 -32.75
N LYS J 409 -54.03 44.27 -33.30
CA LYS J 409 -53.68 44.23 -34.71
C LYS J 409 -53.55 42.78 -35.14
N ARG J 410 -54.31 42.41 -36.18
CA ARG J 410 -54.38 41.05 -36.73
C ARG J 410 -54.77 40.03 -35.67
N SER J 411 -55.64 40.45 -34.78
CA SER J 411 -56.20 39.54 -33.78
C SER J 411 -57.57 39.02 -34.20
N LYS J 412 -57.65 38.53 -35.43
CA LYS J 412 -58.88 37.91 -35.90
C LYS J 412 -58.87 36.40 -35.71
N HIS J 413 -57.69 35.81 -35.59
CA HIS J 413 -57.56 34.39 -35.32
C HIS J 413 -57.57 34.08 -33.84
N ILE J 414 -57.85 35.08 -32.99
CA ILE J 414 -57.76 34.92 -31.55
C ILE J 414 -58.97 35.50 -30.85
N MET J 415 -59.83 36.20 -31.58
CA MET J 415 -60.94 36.95 -31.02
C MET J 415 -62.00 36.02 -30.45
N PRO J 416 -62.49 36.27 -29.24
CA PRO J 416 -63.64 35.54 -28.74
C PRO J 416 -64.91 36.03 -29.41
N SER J 417 -65.94 35.19 -29.39
CA SER J 417 -67.19 35.59 -30.01
C SER J 417 -68.28 35.93 -29.01
N GLU J 418 -68.78 34.96 -28.25
CA GLU J 418 -69.89 35.22 -27.33
C GLU J 418 -69.37 35.01 -25.92
N ILE J 419 -69.29 36.08 -25.14
CA ILE J 419 -68.76 36.01 -23.79
C ILE J 419 -69.87 36.35 -22.81
N PHE J 420 -69.97 35.58 -21.72
CA PHE J 420 -70.82 35.97 -20.60
C PHE J 420 -70.22 35.40 -19.33
N ASP J 421 -70.99 35.39 -18.25
CA ASP J 421 -70.52 34.84 -16.98
C ASP J 421 -71.70 34.27 -16.21
N ASP J 422 -71.45 33.88 -14.96
CA ASP J 422 -72.53 33.53 -14.05
C ASP J 422 -72.37 34.15 -12.67
N GLY J 423 -71.47 35.11 -12.52
CA GLY J 423 -71.13 35.65 -11.23
C GLY J 423 -69.98 34.94 -10.53
N THR J 424 -69.67 33.71 -10.93
CA THR J 424 -68.52 32.99 -10.41
C THR J 424 -67.51 32.69 -11.51
N PHE J 425 -67.95 32.10 -12.60
CA PHE J 425 -67.09 31.72 -13.70
C PHE J 425 -67.37 32.65 -14.88
N THR J 426 -66.38 32.80 -15.75
CA THR J 426 -66.56 33.58 -16.97
C THR J 426 -66.42 32.68 -18.17
N TYR J 427 -67.45 32.61 -18.99
CA TYR J 427 -67.51 31.73 -20.15
C TYR J 427 -67.19 32.53 -21.40
N PHE J 428 -66.05 32.23 -22.02
CA PHE J 428 -65.73 32.74 -23.33
C PHE J 428 -66.22 31.76 -24.37
N GLY J 429 -66.71 32.29 -25.48
CA GLY J 429 -67.11 31.42 -26.56
C GLY J 429 -66.40 31.77 -27.82
N PHE J 430 -65.55 30.87 -28.27
CA PHE J 430 -64.74 31.01 -29.46
C PHE J 430 -65.47 30.36 -30.63
N LYS J 431 -65.02 30.66 -31.84
CA LYS J 431 -65.38 29.84 -32.98
C LYS J 431 -64.41 28.66 -33.04
N ASN J 432 -64.42 27.93 -34.15
CA ASN J 432 -63.39 26.92 -34.32
C ASN J 432 -62.32 27.34 -35.32
N ILE J 433 -62.61 28.33 -36.16
CA ILE J 433 -61.60 28.86 -37.06
C ILE J 433 -60.56 29.65 -36.26
N THR J 434 -60.95 30.15 -35.10
CA THR J 434 -59.99 30.82 -34.24
C THR J 434 -59.16 29.81 -33.48
N LEU J 435 -58.04 30.29 -32.95
CA LEU J 435 -57.13 29.47 -32.18
C LEU J 435 -57.52 29.54 -30.71
N GLN J 436 -56.63 29.13 -29.82
CA GLN J 436 -56.89 29.14 -28.39
C GLN J 436 -55.90 30.05 -27.69
N PRO J 437 -56.31 31.22 -27.25
CA PRO J 437 -55.39 32.16 -26.60
C PRO J 437 -54.95 31.70 -25.23
N ALA J 438 -53.92 32.37 -24.73
CA ALA J 438 -53.61 32.33 -23.32
C ALA J 438 -54.42 33.40 -22.63
N ILE J 439 -55.38 32.99 -21.80
CA ILE J 439 -56.22 33.94 -21.10
C ILE J 439 -55.47 34.49 -19.89
N PHE J 440 -55.70 35.76 -19.58
CA PHE J 440 -55.06 36.38 -18.44
C PHE J 440 -55.99 37.37 -17.80
N VAL J 441 -55.95 37.41 -16.47
CA VAL J 441 -56.71 38.36 -15.68
C VAL J 441 -55.82 39.54 -15.35
N VAL J 442 -56.28 40.73 -15.70
CA VAL J 442 -55.51 41.94 -15.42
C VAL J 442 -55.66 42.27 -13.94
N GLN J 443 -54.55 42.21 -13.22
CA GLN J 443 -54.52 42.68 -11.85
C GLN J 443 -54.75 44.19 -11.80
N PRO J 444 -55.36 44.70 -10.72
CA PRO J 444 -55.73 46.12 -10.69
C PRO J 444 -54.56 47.10 -10.66
N ASP J 445 -53.32 46.65 -10.49
CA ASP J 445 -52.19 47.54 -10.73
C ASP J 445 -51.87 47.70 -12.21
N GLY J 446 -52.46 46.86 -13.06
CA GLY J 446 -52.15 46.81 -14.47
C GLY J 446 -51.42 45.55 -14.89
N LYS J 447 -50.92 44.77 -13.95
CA LYS J 447 -50.15 43.59 -14.27
C LYS J 447 -51.10 42.43 -14.61
N LEU J 448 -50.50 41.29 -14.94
CA LEU J 448 -51.26 40.13 -15.37
C LEU J 448 -51.28 39.07 -14.30
N SER J 449 -52.19 38.11 -14.46
CA SER J 449 -52.27 36.97 -13.54
C SER J 449 -52.80 35.78 -14.29
N MET J 450 -51.97 34.76 -14.44
CA MET J 450 -52.40 33.50 -15.03
C MET J 450 -53.36 32.79 -14.10
N THR J 451 -54.53 32.46 -14.61
CA THR J 451 -55.54 31.75 -13.84
C THR J 451 -55.83 30.39 -14.44
N ASP J 452 -56.34 29.49 -13.60
CA ASP J 452 -56.75 28.19 -14.08
C ASP J 452 -58.01 28.32 -14.95
N ALA J 453 -58.08 27.49 -15.97
CA ALA J 453 -59.14 27.56 -16.95
C ALA J 453 -59.24 26.21 -17.64
N ALA J 454 -60.40 25.94 -18.23
CA ALA J 454 -60.58 24.71 -18.96
C ALA J 454 -61.62 24.93 -20.04
N ILE J 455 -61.49 24.17 -21.10
CA ILE J 455 -62.52 24.10 -22.11
C ILE J 455 -63.68 23.32 -21.50
N ASP J 456 -64.85 23.93 -21.44
CA ASP J 456 -65.99 23.27 -20.82
C ASP J 456 -66.65 22.34 -21.83
N PRO J 457 -66.60 21.02 -21.63
CA PRO J 457 -67.14 20.12 -22.64
C PRO J 457 -68.64 20.02 -22.63
N ASN J 458 -69.30 20.47 -21.57
CA ASN J 458 -70.75 20.33 -21.49
C ASN J 458 -71.46 21.38 -22.33
N MET J 459 -70.93 22.59 -22.38
CA MET J 459 -71.60 23.68 -23.08
C MET J 459 -71.25 23.64 -24.56
N THR J 460 -72.27 23.57 -25.40
CA THR J 460 -72.12 23.69 -26.85
C THR J 460 -73.16 24.67 -27.37
N ASN J 461 -73.33 25.78 -26.67
CA ASN J 461 -74.32 26.78 -27.06
C ASN J 461 -73.90 27.47 -28.34
N SER J 462 -74.81 27.50 -29.31
CA SER J 462 -74.68 28.19 -30.60
C SER J 462 -73.56 27.62 -31.46
N GLY J 463 -73.08 26.42 -31.14
CA GLY J 463 -72.00 25.83 -31.91
C GLY J 463 -70.70 26.56 -31.75
N LEU J 464 -70.27 26.74 -30.51
CA LEU J 464 -69.05 27.45 -30.20
C LEU J 464 -68.11 26.52 -29.44
N ARG J 465 -66.92 27.02 -29.15
CA ARG J 465 -66.01 26.36 -28.22
C ARG J 465 -66.00 27.17 -26.94
N TRP J 466 -66.56 26.60 -25.88
CA TRP J 466 -66.67 27.34 -24.64
C TRP J 466 -65.45 27.08 -23.78
N TYR J 467 -65.02 28.14 -23.10
CA TYR J 467 -63.77 28.14 -22.37
C TYR J 467 -63.99 28.99 -21.12
N ARG J 468 -64.09 28.35 -19.97
CA ARG J 468 -64.41 29.08 -18.75
C ARG J 468 -63.14 29.37 -17.98
N VAL J 469 -63.12 30.55 -17.36
CA VAL J 469 -62.11 30.87 -16.36
C VAL J 469 -62.81 31.02 -15.03
N ASN J 470 -62.04 30.85 -13.96
CA ASN J 470 -62.58 30.72 -12.62
C ASN J 470 -62.49 32.03 -11.83
N GLU J 471 -62.58 33.16 -12.51
CA GLU J 471 -62.55 34.45 -11.83
C GLU J 471 -63.49 35.42 -12.53
N ILE J 472 -63.87 36.45 -11.80
CA ILE J 472 -64.67 37.55 -12.32
C ILE J 472 -63.85 38.82 -12.16
N ALA J 473 -63.39 39.38 -13.26
CA ALA J 473 -62.59 40.59 -13.20
C ALA J 473 -63.02 41.56 -14.28
N GLU J 474 -62.31 42.69 -14.35
CA GLU J 474 -62.77 43.77 -15.21
C GLU J 474 -62.06 43.77 -16.56
N LYS J 475 -60.79 43.43 -16.62
CA LYS J 475 -60.09 43.37 -17.89
C LYS J 475 -59.45 42.00 -18.06
N PHE J 476 -59.65 41.43 -19.24
CA PHE J 476 -59.14 40.10 -19.59
C PHE J 476 -58.27 40.23 -20.83
N LYS J 477 -56.99 39.94 -20.67
CA LYS J 477 -56.14 39.86 -21.85
C LYS J 477 -56.28 38.48 -22.47
N LEU J 478 -56.31 38.44 -23.79
CA LEU J 478 -56.25 37.18 -24.52
C LEU J 478 -55.02 37.30 -25.39
N ILE J 479 -53.97 36.58 -25.04
CA ILE J 479 -52.64 36.83 -25.57
C ILE J 479 -52.13 35.58 -26.25
N LYS J 480 -51.75 35.73 -27.51
CA LYS J 480 -50.73 34.90 -28.14
C LYS J 480 -49.59 35.87 -28.48
N ASP J 481 -48.57 35.37 -29.19
CA ASP J 481 -47.22 35.94 -29.16
C ASP J 481 -47.17 37.40 -29.60
N LYS J 482 -47.92 37.76 -30.63
CA LYS J 482 -48.05 39.16 -31.00
C LYS J 482 -49.49 39.64 -31.00
N ALA J 483 -50.42 38.80 -31.47
CA ALA J 483 -51.81 39.20 -31.46
C ALA J 483 -52.38 39.08 -30.06
N LEU J 484 -53.14 40.10 -29.65
CA LEU J 484 -53.84 40.05 -28.38
C LEU J 484 -55.13 40.81 -28.52
N VAL J 485 -56.03 40.57 -27.59
CA VAL J 485 -57.30 41.30 -27.55
C VAL J 485 -57.71 41.47 -26.10
N THR J 486 -58.11 42.69 -25.75
CA THR J 486 -58.48 43.02 -24.39
C THR J 486 -60.00 43.03 -24.27
N VAL J 487 -60.52 42.30 -23.29
CA VAL J 487 -61.95 42.22 -23.01
C VAL J 487 -62.24 43.10 -21.80
N ILE J 488 -63.16 44.03 -21.97
CA ILE J 488 -63.53 45.00 -20.93
C ILE J 488 -64.87 44.56 -20.36
N ASN J 489 -64.90 44.33 -19.05
CA ASN J 489 -66.13 44.03 -18.33
C ASN J 489 -66.79 45.33 -17.93
N LYS J 490 -67.75 45.78 -18.73
CA LYS J 490 -68.53 46.94 -18.31
C LYS J 490 -69.75 46.56 -17.49
N GLY J 491 -69.86 45.30 -17.09
CA GLY J 491 -70.89 44.89 -16.17
C GLY J 491 -70.31 44.34 -14.89
N TYR J 492 -69.11 44.81 -14.54
CA TYR J 492 -68.42 44.27 -13.38
C TYR J 492 -69.08 44.74 -12.09
N GLY J 493 -69.44 43.79 -11.24
CA GLY J 493 -70.01 44.12 -9.96
C GLY J 493 -71.42 44.64 -9.98
N LYS J 494 -72.15 44.47 -11.08
CA LYS J 494 -73.52 44.95 -11.12
C LYS J 494 -74.50 43.89 -10.66
N ASN J 495 -74.29 42.63 -11.04
CA ASN J 495 -75.07 41.50 -10.55
C ASN J 495 -74.13 40.45 -9.99
N PRO J 496 -73.79 40.52 -8.72
CA PRO J 496 -73.07 39.41 -8.11
C PRO J 496 -74.05 38.39 -7.56
N LEU J 497 -73.56 37.38 -6.85
CA LEU J 497 -74.44 36.52 -6.08
C LEU J 497 -74.65 37.13 -4.71
N THR J 498 -75.41 36.46 -3.84
CA THR J 498 -75.39 36.87 -2.44
C THR J 498 -74.19 36.24 -1.74
N LYS J 499 -74.23 34.91 -1.58
CA LYS J 499 -73.12 34.07 -1.15
C LYS J 499 -73.52 32.61 -1.33
N ASN J 500 -72.67 31.79 -1.96
CA ASN J 500 -72.92 30.36 -2.08
C ASN J 500 -71.59 29.62 -2.01
N TYR J 501 -71.69 28.29 -1.96
CA TYR J 501 -70.56 27.40 -1.76
C TYR J 501 -70.28 26.48 -2.94
N ASN J 502 -71.29 26.05 -3.67
CA ASN J 502 -71.14 25.18 -4.83
C ASN J 502 -71.59 25.96 -6.06
N ILE J 503 -71.35 25.41 -7.25
CA ILE J 503 -71.70 26.12 -8.48
C ILE J 503 -73.21 26.18 -8.66
N LYS J 504 -73.89 25.04 -8.66
CA LYS J 504 -75.33 25.09 -8.55
C LYS J 504 -75.69 25.22 -7.08
N ASN J 505 -76.82 25.84 -6.81
CA ASN J 505 -77.19 26.11 -5.43
C ASN J 505 -78.09 25.03 -4.86
N TYR J 506 -77.61 23.78 -4.95
CA TYR J 506 -78.10 22.62 -4.19
C TYR J 506 -76.85 21.92 -3.71
N GLY J 507 -76.25 22.46 -2.63
CA GLY J 507 -74.88 22.14 -2.29
C GLY J 507 -74.79 21.27 -1.06
N GLU J 508 -73.67 20.55 -0.98
CA GLU J 508 -73.44 19.55 0.05
C GLU J 508 -72.25 19.98 0.89
N LEU J 509 -72.18 19.46 2.11
CA LEU J 509 -71.20 19.90 3.09
C LEU J 509 -70.94 18.79 4.09
N GLU J 510 -69.72 18.74 4.61
CA GLU J 510 -69.39 17.87 5.73
C GLU J 510 -68.22 18.44 6.51
N ALA K 349 -84.57 -38.01 43.89
CA ALA K 349 -85.01 -36.72 43.38
C ALA K 349 -84.83 -35.63 44.42
N TYR K 350 -83.78 -34.82 44.25
CA TYR K 350 -83.49 -33.72 45.17
C TYR K 350 -83.71 -32.40 44.42
N ILE K 351 -84.96 -31.93 44.48
CA ILE K 351 -85.33 -30.68 43.82
C ILE K 351 -84.90 -29.47 44.64
N ASN K 352 -84.46 -29.69 45.88
CA ASN K 352 -84.01 -28.60 46.75
C ASN K 352 -82.77 -27.89 46.24
N ARG K 353 -81.90 -28.60 45.49
CA ARG K 353 -80.72 -27.94 44.96
C ARG K 353 -81.06 -27.05 43.77
N VAL K 354 -82.17 -27.32 43.10
CA VAL K 354 -82.67 -26.40 42.08
C VAL K 354 -83.15 -25.11 42.72
N MET K 355 -83.83 -25.22 43.88
CA MET K 355 -84.23 -24.04 44.64
C MET K 355 -83.04 -23.30 45.23
N MET K 356 -81.99 -24.02 45.61
CA MET K 356 -80.75 -23.37 46.05
C MET K 356 -79.88 -22.90 44.90
N ALA K 357 -80.25 -23.24 43.67
CA ALA K 357 -79.74 -22.59 42.47
C ALA K 357 -80.54 -21.36 42.10
N SER K 358 -81.36 -20.84 43.01
CA SER K 358 -82.03 -19.56 42.86
C SER K 358 -81.44 -18.49 43.77
N ASN K 359 -80.14 -18.52 44.01
CA ASN K 359 -79.46 -17.38 44.61
C ASN K 359 -78.84 -16.46 43.57
N GLU K 360 -78.90 -16.83 42.30
CA GLU K 360 -78.52 -15.93 41.21
C GLU K 360 -79.69 -15.10 40.70
N GLN K 361 -80.86 -15.18 41.32
CA GLN K 361 -81.85 -14.15 41.06
C GLN K 361 -81.53 -12.87 41.82
N ILE K 362 -80.80 -13.00 42.94
CA ILE K 362 -80.15 -11.85 43.55
C ILE K 362 -79.14 -11.24 42.58
N ILE K 363 -78.35 -12.09 41.93
CA ILE K 363 -77.39 -11.65 40.94
C ILE K 363 -78.10 -11.03 39.75
N ASN K 364 -79.26 -11.57 39.39
CA ASN K 364 -80.06 -11.05 38.28
C ASN K 364 -80.56 -9.65 38.59
N LYS K 365 -81.14 -9.45 39.78
CA LYS K 365 -81.69 -8.13 40.08
C LYS K 365 -80.58 -7.13 40.34
N GLU K 366 -79.40 -7.58 40.82
CA GLU K 366 -78.31 -6.64 41.02
C GLU K 366 -77.64 -6.28 39.71
N LYS K 367 -77.63 -7.19 38.72
CA LYS K 367 -77.06 -6.77 37.45
C LYS K 367 -78.01 -5.88 36.68
N ILE K 368 -79.33 -6.07 36.85
CA ILE K 368 -80.27 -5.09 36.32
C ILE K 368 -80.10 -3.74 37.01
N ARG K 369 -79.79 -3.76 38.31
CA ARG K 369 -79.56 -2.52 39.05
C ARG K 369 -78.31 -1.78 38.54
N GLU K 370 -77.19 -2.48 38.42
CA GLU K 370 -75.99 -1.80 37.94
C GLU K 370 -76.10 -1.49 36.44
N GLU K 371 -76.94 -2.22 35.71
CA GLU K 371 -77.12 -1.93 34.30
C GLU K 371 -77.93 -0.66 34.08
N LYS K 372 -79.00 -0.46 34.87
CA LYS K 372 -79.70 0.80 34.77
C LYS K 372 -78.88 1.95 35.34
N GLN K 373 -77.99 1.66 36.29
CA GLN K 373 -77.02 2.66 36.73
C GLN K 373 -76.07 3.04 35.60
N LYS K 374 -75.60 2.04 34.84
CA LYS K 374 -74.75 2.26 33.68
C LYS K 374 -75.45 3.08 32.61
N ILE K 375 -76.73 2.79 32.35
CA ILE K 375 -77.47 3.48 31.31
C ILE K 375 -77.74 4.93 31.71
N ILE K 376 -78.10 5.17 32.98
CA ILE K 376 -78.32 6.56 33.38
C ILE K 376 -77.00 7.31 33.45
N LEU K 377 -75.89 6.61 33.73
CA LEU K 377 -74.58 7.26 33.81
C LEU K 377 -74.10 7.70 32.43
N ASP K 378 -74.09 6.79 31.46
CA ASP K 378 -73.60 7.23 30.15
C ASP K 378 -74.64 8.03 29.40
N GLN K 379 -75.91 7.97 29.79
CA GLN K 379 -76.89 8.90 29.22
C GLN K 379 -76.64 10.31 29.74
N ALA K 380 -76.28 10.45 31.01
CA ALA K 380 -75.91 11.76 31.53
C ALA K 380 -74.61 12.26 30.90
N LYS K 381 -73.67 11.33 30.66
CA LYS K 381 -72.43 11.69 29.97
C LYS K 381 -72.69 12.19 28.56
N ALA K 382 -73.51 11.47 27.79
CA ALA K 382 -73.82 11.87 26.43
C ALA K 382 -74.63 13.16 26.39
N LEU K 383 -75.53 13.35 27.36
CA LEU K 383 -76.29 14.58 27.45
C LEU K 383 -75.39 15.78 27.72
N GLU K 384 -74.46 15.65 28.67
CA GLU K 384 -73.66 16.81 29.00
C GLU K 384 -72.62 17.07 27.93
N THR K 385 -72.11 16.03 27.25
CA THR K 385 -71.19 16.33 26.17
C THR K 385 -71.92 16.85 24.94
N GLN K 386 -73.21 16.54 24.79
CA GLN K 386 -74.02 17.16 23.76
C GLN K 386 -74.19 18.65 24.07
N TYR K 387 -74.45 18.98 25.33
CA TYR K 387 -74.60 20.38 25.68
C TYR K 387 -73.30 21.15 25.57
N VAL K 388 -72.19 20.58 26.05
CA VAL K 388 -70.93 21.32 26.03
C VAL K 388 -70.31 21.30 24.63
N HIS K 389 -70.79 20.45 23.74
CA HIS K 389 -70.38 20.56 22.35
C HIS K 389 -71.27 21.51 21.59
N ASN K 390 -72.53 21.64 22.00
CA ASN K 390 -73.44 22.54 21.32
C ASN K 390 -73.15 23.98 21.70
N ALA K 391 -72.90 24.23 22.98
CA ALA K 391 -72.65 25.58 23.47
C ALA K 391 -71.17 25.89 23.59
N LEU K 392 -70.33 25.25 22.78
CA LEU K 392 -68.95 25.69 22.71
C LEU K 392 -68.71 26.51 21.46
N LYS K 393 -69.49 26.25 20.42
CA LYS K 393 -69.31 26.86 19.11
C LYS K 393 -70.59 27.56 18.66
N ARG K 394 -71.40 28.02 19.62
CA ARG K 394 -72.76 28.46 19.32
C ARG K 394 -72.79 29.69 18.43
N ASN K 395 -72.39 30.84 18.97
CA ASN K 395 -72.24 32.15 18.33
C ASN K 395 -71.68 33.13 19.34
N PRO K 396 -70.96 34.15 18.89
CA PRO K 396 -70.60 35.24 19.80
C PRO K 396 -71.63 36.36 19.76
N VAL K 397 -71.88 36.94 20.92
CA VAL K 397 -72.68 38.17 20.93
C VAL K 397 -71.78 39.33 20.50
N PRO K 398 -72.24 40.22 19.63
CA PRO K 398 -71.40 41.35 19.26
C PRO K 398 -71.26 42.34 20.40
N ARG K 399 -70.17 43.10 20.38
CA ARG K 399 -69.91 44.03 21.47
C ARG K 399 -69.93 45.49 21.05
N ASN K 400 -69.15 45.90 20.04
CA ASN K 400 -69.36 47.22 19.47
C ASN K 400 -69.18 47.21 17.97
N TYR K 401 -69.70 48.25 17.33
CA TYR K 401 -69.80 48.31 15.88
C TYR K 401 -68.99 49.45 15.29
N ASN K 402 -68.42 50.30 16.14
CA ASN K 402 -67.90 51.59 15.71
C ASN K 402 -66.60 51.41 14.95
N TYR K 403 -66.72 51.14 13.66
CA TYR K 403 -65.59 50.83 12.80
C TYR K 403 -65.64 51.67 11.54
N TYR K 404 -64.54 52.34 11.24
CA TYR K 404 -64.42 53.07 9.99
C TYR K 404 -63.32 52.44 9.14
N GLN K 405 -63.32 52.78 7.87
CA GLN K 405 -62.33 52.24 6.96
C GLN K 405 -61.89 53.33 6.00
N ALA K 406 -60.70 53.14 5.46
CA ALA K 406 -60.11 54.10 4.54
C ALA K 406 -59.26 53.33 3.55
N PRO K 407 -59.73 53.19 2.31
CA PRO K 407 -58.91 52.56 1.27
C PRO K 407 -57.95 53.57 0.67
N GLU K 408 -56.79 53.10 0.24
CA GLU K 408 -55.84 54.03 -0.37
C GLU K 408 -56.17 54.27 -1.84
N LYS K 409 -56.04 53.24 -2.67
CA LYS K 409 -56.25 53.42 -4.11
C LYS K 409 -56.48 52.06 -4.73
N ARG K 410 -57.61 51.92 -5.43
CA ARG K 410 -58.04 50.67 -6.08
C ARG K 410 -58.12 49.51 -5.10
N SER K 411 -58.54 49.83 -3.87
CA SER K 411 -58.79 48.81 -2.86
C SER K 411 -60.26 48.46 -2.79
N LYS K 412 -60.87 48.17 -3.94
CA LYS K 412 -62.24 47.71 -3.95
C LYS K 412 -62.34 46.20 -3.98
N HIS K 413 -61.28 45.53 -4.42
CA HIS K 413 -61.23 44.07 -4.40
C HIS K 413 -60.72 43.52 -3.09
N ILE K 414 -60.53 44.38 -2.08
CA ILE K 414 -59.92 43.98 -0.83
C ILE K 414 -60.71 44.52 0.37
N MET K 415 -61.68 45.38 0.13
CA MET K 415 -62.40 46.10 1.18
C MET K 415 -63.26 45.15 1.99
N PRO K 416 -63.22 45.22 3.31
CA PRO K 416 -64.18 44.49 4.14
C PRO K 416 -65.54 45.16 4.08
N SER K 417 -66.57 44.39 4.40
CA SER K 417 -67.91 44.97 4.38
C SER K 417 -68.49 45.21 5.76
N GLU K 418 -68.78 44.15 6.53
CA GLU K 418 -69.42 44.33 7.82
C GLU K 418 -68.43 43.85 8.88
N ILE K 419 -67.93 44.76 9.71
CA ILE K 419 -66.94 44.43 10.71
C ILE K 419 -67.54 44.68 12.08
N PHE K 420 -67.31 43.75 13.01
CA PHE K 420 -67.62 44.00 14.42
C PHE K 420 -66.66 43.19 15.27
N ASP K 421 -66.95 43.06 16.55
CA ASP K 421 -66.11 42.28 17.45
C ASP K 421 -66.97 41.66 18.55
N ASP K 422 -66.32 41.05 19.53
CA ASP K 422 -67.00 40.60 20.74
C ASP K 422 -66.26 40.98 22.01
N GLY K 423 -65.25 41.86 21.92
CA GLY K 423 -64.39 42.14 23.03
C GLY K 423 -63.16 41.27 23.12
N THR K 424 -63.17 40.10 22.48
CA THR K 424 -62.01 39.23 22.40
C THR K 424 -61.53 39.06 20.97
N PHE K 425 -62.42 38.68 20.07
CA PHE K 425 -62.10 38.45 18.68
C PHE K 425 -62.69 39.56 17.84
N THR K 426 -62.10 39.80 16.67
CA THR K 426 -62.63 40.79 15.74
C THR K 426 -63.07 40.09 14.47
N TYR K 427 -64.34 40.22 14.13
CA TYR K 427 -64.93 39.54 12.98
C TYR K 427 -65.01 40.52 11.82
N PHE K 428 -64.24 40.26 10.77
CA PHE K 428 -64.37 40.96 9.51
C PHE K 428 -65.34 40.20 8.62
N GLY K 429 -66.15 40.94 7.89
CA GLY K 429 -67.03 40.28 6.95
C GLY K 429 -66.82 40.80 5.56
N PHE K 430 -66.31 39.93 4.71
CA PHE K 430 -66.01 40.22 3.32
C PHE K 430 -67.21 39.82 2.46
N LYS K 431 -67.20 40.29 1.22
CA LYS K 431 -68.07 39.70 0.22
C LYS K 431 -67.35 38.49 -0.38
N ASN K 432 -67.87 37.95 -1.47
CA ASN K 432 -67.11 36.92 -2.17
C ASN K 432 -66.46 37.43 -3.44
N ILE K 433 -66.92 38.56 -3.97
CA ILE K 433 -66.26 39.17 -5.11
C ILE K 433 -64.93 39.76 -4.69
N THR K 434 -64.77 40.08 -3.41
CA THR K 434 -63.49 40.53 -2.92
C THR K 434 -62.55 39.36 -2.69
N LEU K 435 -61.27 39.68 -2.59
CA LEU K 435 -60.24 38.68 -2.35
C LEU K 435 -60.04 38.55 -0.85
N GLN K 436 -58.93 37.92 -0.45
CA GLN K 436 -58.63 37.72 0.96
C GLN K 436 -57.35 38.43 1.33
N PRO K 437 -57.41 39.55 2.04
CA PRO K 437 -56.21 40.30 2.39
C PRO K 437 -55.34 39.58 3.41
N ALA K 438 -54.12 40.11 3.55
CA ALA K 438 -53.31 39.80 4.70
C ALA K 438 -53.66 40.80 5.79
N ILE K 439 -54.27 40.33 6.86
CA ILE K 439 -54.66 41.19 7.96
C ILE K 439 -53.45 41.49 8.84
N PHE K 440 -53.39 42.70 9.37
CA PHE K 440 -52.29 43.08 10.23
C PHE K 440 -52.79 44.01 11.32
N VAL K 441 -52.24 43.82 12.51
CA VAL K 441 -52.53 44.67 13.66
C VAL K 441 -51.44 45.71 13.75
N VAL K 442 -51.84 46.98 13.77
CA VAL K 442 -50.90 48.08 13.89
C VAL K 442 -50.43 48.16 15.33
N GLN K 443 -49.14 47.92 15.55
CA GLN K 443 -48.54 48.15 16.85
C GLN K 443 -48.55 49.64 17.16
N PRO K 444 -48.63 50.00 18.45
CA PRO K 444 -48.78 51.42 18.82
C PRO K 444 -47.59 52.31 18.51
N ASP K 445 -46.45 51.75 18.10
CA ASP K 445 -45.39 52.60 17.57
C ASP K 445 -45.64 52.99 16.11
N GLY K 446 -46.60 52.34 15.46
CA GLY K 446 -46.86 52.51 14.05
C GLY K 446 -46.51 51.29 13.22
N LYS K 447 -45.78 50.34 13.77
CA LYS K 447 -45.35 49.17 13.02
C LYS K 447 -46.47 48.15 12.94
N LEU K 448 -46.21 47.05 12.26
CA LEU K 448 -47.20 46.02 12.02
C LEU K 448 -46.94 44.80 12.87
N SER K 449 -47.95 43.93 12.95
CA SER K 449 -47.81 42.69 13.68
C SER K 449 -48.72 41.65 13.05
N MET K 450 -48.14 40.63 12.45
CA MET K 450 -48.91 39.52 11.91
C MET K 450 -49.53 38.72 13.06
N THR K 451 -50.84 38.54 13.01
CA THR K 451 -51.55 37.79 14.02
C THR K 451 -52.22 36.57 13.41
N ASP K 452 -52.47 35.57 14.25
CA ASP K 452 -53.20 34.40 13.82
C ASP K 452 -54.65 34.75 13.54
N ALA K 453 -55.21 34.10 12.53
CA ALA K 453 -56.55 34.40 12.07
C ALA K 453 -57.05 33.20 11.30
N ALA K 454 -58.37 33.10 11.18
CA ALA K 454 -58.97 32.02 10.44
C ALA K 454 -60.30 32.48 9.89
N ILE K 455 -60.68 31.89 8.78
CA ILE K 455 -62.03 32.06 8.25
C ILE K 455 -62.94 31.26 9.15
N ASP K 456 -63.92 31.93 9.74
CA ASP K 456 -64.82 31.24 10.68
C ASP K 456 -65.92 30.54 9.90
N PRO K 457 -65.95 29.21 9.89
CA PRO K 457 -66.94 28.52 9.06
C PRO K 457 -68.33 28.50 9.66
N ASN K 458 -68.48 28.82 10.94
CA ASN K 458 -69.79 28.75 11.56
C ASN K 458 -70.64 29.96 11.21
N MET K 459 -70.03 31.14 11.12
CA MET K 459 -70.77 32.36 10.88
C MET K 459 -71.02 32.55 9.39
N THR K 460 -72.28 32.68 9.01
CA THR K 460 -72.68 33.03 7.66
C THR K 460 -73.72 34.14 7.71
N ASN K 461 -73.46 35.14 8.56
CA ASN K 461 -74.40 36.24 8.73
C ASN K 461 -74.41 37.10 7.48
N SER K 462 -75.62 37.35 6.97
CA SER K 462 -75.90 38.24 5.84
C SER K 462 -75.28 37.76 4.54
N GLY K 463 -74.85 36.50 4.47
CA GLY K 463 -74.23 35.97 3.28
C GLY K 463 -72.88 36.59 3.01
N LEU K 464 -72.00 36.53 3.99
CA LEU K 464 -70.67 37.11 3.88
C LEU K 464 -69.63 36.01 4.08
N ARG K 465 -68.37 36.38 3.94
CA ARG K 465 -67.26 35.52 4.35
C ARG K 465 -66.68 36.10 5.63
N TRP K 466 -66.85 35.39 6.73
CA TRP K 466 -66.39 35.92 7.99
C TRP K 466 -64.97 35.45 8.27
N TYR K 467 -64.20 36.36 8.85
CA TYR K 467 -62.77 36.14 9.02
C TYR K 467 -62.41 36.79 10.35
N ARG K 468 -62.14 35.99 11.36
CA ARG K 468 -61.87 36.51 12.69
C ARG K 468 -60.38 36.61 12.92
N VAL K 469 -59.98 37.65 13.64
CA VAL K 469 -58.64 37.73 14.19
C VAL K 469 -58.77 37.70 15.70
N ASN K 470 -57.67 37.32 16.34
CA ASN K 470 -57.68 37.01 17.77
C ASN K 470 -57.14 38.15 18.61
N GLU K 471 -57.34 39.38 18.18
CA GLU K 471 -56.90 40.53 18.95
C GLU K 471 -57.90 41.66 18.81
N ILE K 472 -57.84 42.59 19.75
CA ILE K 472 -58.65 43.80 19.73
C ILE K 472 -57.69 44.97 19.72
N ALA K 473 -57.61 45.68 18.61
CA ALA K 473 -56.70 46.81 18.52
C ALA K 473 -57.39 47.97 17.82
N GLU K 474 -56.64 49.05 17.64
CA GLU K 474 -57.25 50.28 17.16
C GLU K 474 -57.11 50.48 15.66
N LYS K 475 -56.01 50.06 15.06
CA LYS K 475 -55.85 50.17 13.62
C LYS K 475 -55.50 48.82 13.03
N PHE K 476 -56.19 48.46 11.96
CA PHE K 476 -56.03 47.19 11.28
C PHE K 476 -55.67 47.46 9.83
N LYS K 477 -54.48 47.07 9.41
CA LYS K 477 -54.17 47.14 8.01
C LYS K 477 -54.70 45.89 7.32
N LEU K 478 -55.22 46.07 6.11
CA LEU K 478 -55.59 44.94 5.27
C LEU K 478 -54.79 45.14 4.01
N ILE K 479 -53.78 44.30 3.82
CA ILE K 479 -52.73 44.57 2.86
C ILE K 479 -52.67 43.41 1.86
N LYS K 480 -52.78 43.74 0.59
CA LYS K 480 -52.19 42.98 -0.48
C LYS K 480 -51.16 43.91 -1.12
N ASP K 481 -50.55 43.48 -2.24
CA ASP K 481 -49.22 43.95 -2.66
C ASP K 481 -49.17 45.46 -2.89
N LYS K 482 -50.20 46.03 -3.49
CA LYS K 482 -50.30 47.48 -3.60
C LYS K 482 -51.57 48.03 -2.97
N ALA K 483 -52.69 47.35 -3.13
CA ALA K 483 -53.92 47.81 -2.53
C ALA K 483 -53.91 47.51 -1.05
N LEU K 484 -54.35 48.49 -0.25
CA LEU K 484 -54.50 48.27 1.18
C LEU K 484 -55.64 49.12 1.66
N VAL K 485 -56.15 48.78 2.84
CA VAL K 485 -57.21 49.57 3.45
C VAL K 485 -57.02 49.53 4.96
N THR K 486 -57.11 50.68 5.59
CA THR K 486 -56.90 50.82 7.03
C THR K 486 -58.24 50.89 7.73
N VAL K 487 -58.43 50.04 8.74
CA VAL K 487 -59.64 50.01 9.55
C VAL K 487 -59.35 50.69 10.87
N ILE K 488 -60.14 51.69 11.20
CA ILE K 488 -59.98 52.49 12.41
C ILE K 488 -61.03 52.05 13.40
N ASN K 489 -60.60 51.62 14.58
CA ASN K 489 -61.49 51.26 15.68
C ASN K 489 -61.78 52.53 16.47
N LYS K 490 -62.90 53.16 16.18
CA LYS K 490 -63.32 54.27 17.02
C LYS K 490 -64.18 53.83 18.19
N GLY K 491 -64.28 52.54 18.44
CA GLY K 491 -64.93 52.04 19.64
C GLY K 491 -63.97 51.26 20.50
N TYR K 492 -62.69 51.58 20.41
CA TYR K 492 -61.68 50.82 21.12
C TYR K 492 -61.73 51.12 22.61
N GLY K 493 -61.86 50.06 23.40
CA GLY K 493 -61.85 50.20 24.85
C GLY K 493 -63.09 50.81 25.44
N LYS K 494 -64.19 50.87 24.70
CA LYS K 494 -65.41 51.43 25.27
C LYS K 494 -66.26 50.36 25.94
N ASN K 495 -66.37 49.18 25.34
CA ASN K 495 -67.04 48.04 25.95
C ASN K 495 -66.09 46.85 25.95
N PRO K 496 -65.30 46.68 26.99
CA PRO K 496 -64.53 45.44 27.13
C PRO K 496 -65.35 44.42 27.88
N LEU K 497 -64.75 43.27 28.20
CA LEU K 497 -65.36 42.35 29.13
C LEU K 497 -64.97 42.75 30.54
N THR K 498 -65.42 41.98 31.53
CA THR K 498 -64.82 42.16 32.86
C THR K 498 -63.53 41.34 32.95
N LYS K 499 -63.67 40.01 32.94
CA LYS K 499 -62.59 39.04 32.77
C LYS K 499 -63.20 37.65 32.58
N ASN K 500 -62.76 36.91 31.57
CA ASN K 500 -63.20 35.53 31.38
C ASN K 500 -62.06 34.71 30.82
N TYR K 501 -62.29 33.40 30.73
CA TYR K 501 -61.28 32.41 30.35
C TYR K 501 -61.57 31.69 29.05
N ASN K 502 -62.83 31.45 28.73
CA ASN K 502 -63.25 30.78 27.51
C ASN K 502 -64.04 31.78 26.67
N ILE K 503 -64.33 31.42 25.42
CA ILE K 503 -65.03 32.35 24.52
C ILE K 503 -66.48 32.53 24.95
N LYS K 504 -67.23 31.45 25.08
CA LYS K 504 -68.51 31.57 25.75
C LYS K 504 -68.26 31.46 27.24
N ASN K 505 -69.13 32.10 28.02
CA ASN K 505 -68.91 32.18 29.46
C ASN K 505 -69.65 31.07 30.20
N TYR K 506 -69.39 29.82 29.75
CA TYR K 506 -69.70 28.59 30.50
C TYR K 506 -68.45 27.73 30.36
N GLY K 507 -67.43 28.04 31.17
CA GLY K 507 -66.08 27.61 30.90
C GLY K 507 -65.64 26.52 31.87
N GLU K 508 -64.67 25.73 31.41
CA GLU K 508 -64.19 24.57 32.12
C GLU K 508 -62.73 24.78 32.47
N LEU K 509 -62.26 24.06 33.50
CA LEU K 509 -60.94 24.26 34.06
C LEU K 509 -60.45 22.99 34.72
N GLU K 510 -59.14 22.78 34.70
CA GLU K 510 -58.52 21.72 35.48
C GLU K 510 -57.08 22.08 35.81
N ALA L 349 -66.32 -38.31 69.26
CA ALA L 349 -66.72 -36.91 69.15
C ALA L 349 -65.95 -36.05 70.14
N TYR L 350 -64.94 -35.34 69.65
CA TYR L 350 -64.14 -34.44 70.47
C TYR L 350 -64.44 -33.01 70.06
N ILE L 351 -65.45 -32.43 70.71
CA ILE L 351 -65.86 -31.05 70.45
C ILE L 351 -64.94 -30.06 71.15
N ASN L 352 -64.06 -30.54 72.04
CA ASN L 352 -63.13 -29.68 72.75
C ASN L 352 -62.12 -29.01 71.85
N ARG L 353 -61.77 -29.63 70.73
CA ARG L 353 -60.81 -29.00 69.82
C ARG L 353 -61.47 -27.88 69.02
N VAL L 354 -62.79 -27.92 68.86
CA VAL L 354 -63.50 -26.79 68.28
C VAL L 354 -63.46 -25.60 69.23
N MET L 355 -63.61 -25.86 70.54
CA MET L 355 -63.47 -24.81 71.54
C MET L 355 -62.05 -24.30 71.64
N MET L 356 -61.05 -25.16 71.43
CA MET L 356 -59.67 -24.72 71.39
C MET L 356 -59.28 -24.13 70.04
N ALA L 357 -60.18 -24.21 69.05
CA ALA L 357 -60.10 -23.40 67.85
C ALA L 357 -60.77 -22.05 68.02
N SER L 358 -61.05 -21.64 69.26
CA SER L 358 -61.51 -20.30 69.57
C SER L 358 -60.45 -19.47 70.26
N ASN L 359 -59.17 -19.65 69.91
CA ASN L 359 -58.14 -18.71 70.29
C ASN L 359 -57.86 -17.68 69.21
N GLU L 360 -58.50 -17.80 68.05
CA GLU L 360 -58.46 -16.76 67.05
C GLU L 360 -59.58 -15.75 67.19
N GLN L 361 -60.40 -15.82 68.24
CA GLN L 361 -61.23 -14.68 68.56
C GLN L 361 -60.41 -13.60 69.26
N ILE L 362 -59.34 -14.00 69.93
CA ILE L 362 -58.30 -13.05 70.34
C ILE L 362 -57.71 -12.36 69.13
N ILE L 363 -57.40 -13.16 68.09
CA ILE L 363 -56.87 -12.62 66.84
C ILE L 363 -57.90 -11.73 66.16
N ASN L 364 -59.17 -12.09 66.28
CA ASN L 364 -60.26 -11.31 65.70
C ASN L 364 -60.37 -9.95 66.37
N LYS L 365 -60.37 -9.91 67.70
CA LYS L 365 -60.52 -8.63 68.37
C LYS L 365 -59.25 -7.79 68.25
N GLU L 366 -58.08 -8.44 68.12
CA GLU L 366 -56.87 -7.65 67.95
C GLU L 366 -56.74 -7.12 66.52
N LYS L 367 -57.29 -7.83 65.53
CA LYS L 367 -57.22 -7.24 64.20
C LYS L 367 -58.26 -6.15 64.04
N ILE L 368 -59.40 -6.24 64.73
CA ILE L 368 -60.31 -5.10 64.78
C ILE L 368 -59.65 -3.91 65.50
N ARG L 369 -58.84 -4.20 66.52
CA ARG L 369 -58.13 -3.14 67.25
C ARG L 369 -57.10 -2.44 66.35
N GLU L 370 -56.25 -3.21 65.67
CA GLU L 370 -55.27 -2.56 64.79
C GLU L 370 -55.94 -1.98 63.55
N GLU L 371 -57.11 -2.47 63.17
CA GLU L 371 -57.80 -1.92 62.02
C GLU L 371 -58.42 -0.57 62.34
N LYS L 372 -59.02 -0.42 63.52
CA LYS L 372 -59.49 0.91 63.90
C LYS L 372 -58.34 1.84 64.20
N GLN L 373 -57.19 1.31 64.63
CA GLN L 373 -55.98 2.12 64.72
C GLN L 373 -55.53 2.61 63.35
N LYS L 374 -55.58 1.73 62.35
CA LYS L 374 -55.26 2.08 60.98
C LYS L 374 -56.20 3.15 60.42
N ILE L 375 -57.49 3.01 60.71
CA ILE L 375 -58.48 3.95 60.19
C ILE L 375 -58.32 5.32 60.84
N ILE L 376 -58.10 5.36 62.16
CA ILE L 376 -57.91 6.67 62.78
C ILE L 376 -56.56 7.27 62.37
N LEU L 377 -55.57 6.43 62.06
CA LEU L 377 -54.27 6.94 61.65
C LEU L 377 -54.32 7.57 60.26
N ASP L 378 -54.85 6.86 59.27
CA ASP L 378 -54.89 7.48 57.95
C ASP L 378 -56.01 8.50 57.82
N GLN L 379 -57.00 8.48 58.71
CA GLN L 379 -57.95 9.59 58.75
C GLN L 379 -57.30 10.85 59.28
N ALA L 380 -56.42 10.73 60.28
CA ALA L 380 -55.67 11.89 60.74
C ALA L 380 -54.67 12.36 59.68
N LYS L 381 -54.08 11.41 58.95
CA LYS L 381 -53.20 11.77 57.84
C LYS L 381 -53.94 12.55 56.76
N ALA L 382 -55.10 12.05 56.34
CA ALA L 382 -55.88 12.72 55.30
C ALA L 382 -56.42 14.06 55.78
N LEU L 383 -56.79 14.15 57.06
CA LEU L 383 -57.24 15.41 57.63
C LEU L 383 -56.13 16.45 57.63
N GLU L 384 -54.92 16.07 58.06
CA GLU L 384 -53.88 17.08 58.16
C GLU L 384 -53.35 17.43 56.77
N THR L 385 -53.34 16.49 55.83
CA THR L 385 -52.91 16.89 54.49
C THR L 385 -53.98 17.70 53.78
N GLN L 386 -55.25 17.53 54.17
CA GLN L 386 -56.30 18.41 53.67
C GLN L 386 -56.10 19.81 54.20
N TYR L 387 -55.75 19.93 55.49
CA TYR L 387 -55.52 21.26 56.05
C TYR L 387 -54.27 21.92 55.48
N VAL L 388 -53.17 21.17 55.36
CA VAL L 388 -51.94 21.78 54.89
C VAL L 388 -51.96 21.96 53.37
N HIS L 389 -52.89 21.33 52.67
CA HIS L 389 -53.07 21.66 51.27
C HIS L 389 -54.04 22.81 51.09
N ASN L 390 -54.97 22.97 52.03
CA ASN L 390 -55.93 24.06 51.93
C ASN L 390 -55.28 25.38 52.32
N ALA L 391 -54.49 25.37 53.38
CA ALA L 391 -53.85 26.58 53.89
C ALA L 391 -52.42 26.72 53.38
N LEU L 392 -52.11 26.17 52.22
CA LEU L 392 -50.83 26.48 51.61
C LEU L 392 -51.00 27.50 50.50
N LYS L 393 -52.16 27.50 49.87
CA LYS L 393 -52.44 28.32 48.71
C LYS L 393 -53.65 29.20 48.95
N ARG L 394 -53.92 29.55 50.21
CA ARG L 394 -55.19 30.17 50.59
C ARG L 394 -55.39 31.53 49.97
N ASN L 395 -54.62 32.52 50.41
CA ASN L 395 -54.55 33.91 49.94
C ASN L 395 -53.47 34.63 50.72
N PRO L 396 -52.85 35.65 50.15
CA PRO L 396 -51.97 36.51 50.94
C PRO L 396 -52.72 37.71 51.49
N VAL L 397 -52.38 38.09 52.71
CA VAL L 397 -52.90 39.37 53.21
C VAL L 397 -52.09 40.49 52.58
N PRO L 398 -52.71 41.58 52.13
CA PRO L 398 -51.94 42.68 51.57
C PRO L 398 -51.18 43.41 52.64
N ARG L 399 -50.09 44.06 52.26
CA ARG L 399 -49.26 44.76 53.23
C ARG L 399 -49.21 46.26 53.05
N ASN L 400 -48.87 46.78 51.87
CA ASN L 400 -49.08 48.19 51.63
C ASN L 400 -49.53 48.44 50.19
N TYR L 401 -50.09 49.62 49.97
CA TYR L 401 -50.77 49.95 48.74
C TYR L 401 -50.11 51.11 48.01
N ASN L 402 -49.12 51.74 48.63
CA ASN L 402 -48.62 53.03 48.18
C ASN L 402 -47.80 52.87 46.91
N TYR L 403 -48.47 52.84 45.77
CA TYR L 403 -47.87 52.60 44.48
C TYR L 403 -48.29 53.65 43.49
N TYR L 404 -47.32 54.26 42.82
CA TYR L 404 -47.60 55.20 41.75
C TYR L 404 -47.07 54.63 40.45
N GLN L 405 -47.54 55.20 39.34
CA GLN L 405 -47.11 54.74 38.04
C GLN L 405 -46.94 55.94 37.12
N ALA L 406 -46.12 55.75 36.11
CA ALA L 406 -45.82 56.81 35.16
C ALA L 406 -45.59 56.16 33.81
N PRO L 407 -46.54 56.28 32.89
CA PRO L 407 -46.34 55.79 31.53
C PRO L 407 -45.56 56.80 30.70
N GLU L 408 -44.77 56.31 29.75
CA GLU L 408 -44.02 57.24 28.91
C GLU L 408 -44.87 57.77 27.78
N LYS L 409 -45.27 56.91 26.85
CA LYS L 409 -46.02 57.36 25.68
C LYS L 409 -46.70 56.17 25.05
N ARG L 410 -48.03 56.25 24.91
CA ARG L 410 -48.88 55.20 24.34
C ARG L 410 -48.74 53.89 25.12
N SER L 411 -48.56 54.01 26.42
CA SER L 411 -48.52 52.85 27.30
C SER L 411 -49.88 52.62 27.96
N LYS L 412 -50.93 52.62 27.16
CA LYS L 412 -52.25 52.29 27.68
C LYS L 412 -52.59 50.83 27.51
N HIS L 413 -51.93 50.14 26.58
CA HIS L 413 -52.11 48.72 26.39
C HIS L 413 -51.20 47.90 27.27
N ILE L 414 -50.48 48.53 28.20
CA ILE L 414 -49.48 47.87 29.01
C ILE L 414 -49.61 48.24 30.48
N MET L 415 -50.44 49.21 30.80
CA MET L 415 -50.54 49.79 32.13
C MET L 415 -51.13 48.80 33.11
N PRO L 416 -50.54 48.62 34.28
CA PRO L 416 -51.18 47.84 35.34
C PRO L 416 -52.31 48.62 35.96
N SER L 417 -53.23 47.91 36.60
CA SER L 417 -54.35 48.61 37.23
C SER L 417 -54.25 48.63 38.75
N GLU L 418 -54.37 47.49 39.42
CA GLU L 418 -54.38 47.49 40.89
C GLU L 418 -53.14 46.74 41.33
N ILE L 419 -52.21 47.44 41.97
CA ILE L 419 -50.96 46.84 42.39
C ILE L 419 -50.89 46.89 43.91
N PHE L 420 -50.46 45.79 44.52
CA PHE L 420 -50.12 45.80 45.95
C PHE L 420 -49.03 44.77 46.18
N ASP L 421 -48.79 44.43 47.45
CA ASP L 421 -47.79 43.42 47.79
C ASP L 421 -48.21 42.70 49.06
N ASP L 422 -47.31 41.86 49.57
CA ASP L 422 -47.49 41.27 50.90
C ASP L 422 -46.24 41.34 51.76
N GLY L 423 -45.24 42.11 51.35
CA GLY L 423 -43.96 42.12 52.01
C GLY L 423 -42.97 41.14 51.45
N THR L 424 -43.43 40.11 50.74
CA THR L 424 -42.55 39.17 50.06
C THR L 424 -42.74 39.22 48.55
N PHE L 425 -43.97 39.09 48.09
CA PHE L 425 -44.29 39.08 46.67
C PHE L 425 -45.00 40.38 46.32
N THR L 426 -44.90 40.78 45.05
CA THR L 426 -45.60 41.96 44.57
C THR L 426 -46.63 41.55 43.53
N TYR L 427 -47.89 41.85 43.79
CA TYR L 427 -48.99 41.46 42.93
C TYR L 427 -49.40 42.63 42.06
N PHE L 428 -49.18 42.50 40.76
CA PHE L 428 -49.71 43.42 39.77
C PHE L 428 -51.06 42.93 39.31
N GLY L 429 -51.97 43.86 39.09
CA GLY L 429 -53.25 43.47 38.56
C GLY L 429 -53.55 44.21 37.29
N PHE L 430 -53.58 43.47 36.20
CA PHE L 430 -53.84 43.97 34.87
C PHE L 430 -55.32 43.85 34.56
N LYS L 431 -55.76 44.53 33.52
CA LYS L 431 -57.04 44.21 32.91
C LYS L 431 -56.84 43.07 31.93
N ASN L 432 -57.84 42.79 31.11
CA ASN L 432 -57.61 41.85 30.02
C ASN L 432 -57.47 42.52 28.67
N ILE L 433 -57.91 43.76 28.55
CA ILE L 433 -57.71 44.50 27.31
C ILE L 433 -56.24 44.89 27.18
N THR L 434 -55.51 44.95 28.30
CA THR L 434 -54.09 45.19 28.24
C THR L 434 -53.34 43.92 27.90
N LEU L 435 -52.10 44.09 27.48
CA LEU L 435 -51.24 42.98 27.11
C LEU L 435 -50.46 42.55 28.35
N GLN L 436 -49.40 41.77 28.15
CA GLN L 436 -48.59 41.28 29.26
C GLN L 436 -47.17 41.81 29.11
N PRO L 437 -46.76 42.76 29.92
CA PRO L 437 -45.41 43.33 29.81
C PRO L 437 -44.33 42.36 30.25
N ALA L 438 -43.11 42.74 29.92
CA ALA L 438 -41.94 42.16 30.57
C ALA L 438 -41.65 42.97 31.81
N ILE L 439 -41.83 42.36 32.98
CA ILE L 439 -41.59 43.05 34.23
C ILE L 439 -40.11 43.07 34.52
N PHE L 440 -39.63 44.15 35.13
CA PHE L 440 -38.22 44.26 35.47
C PHE L 440 -38.07 45.02 36.78
N VAL L 441 -37.13 44.57 37.58
CA VAL L 441 -36.78 45.21 38.83
C VAL L 441 -35.59 46.13 38.58
N VAL L 442 -35.75 47.39 38.93
CA VAL L 442 -34.67 48.36 38.76
C VAL L 442 -33.64 48.15 39.86
N GLN L 443 -32.44 47.75 39.47
CA GLN L 443 -31.33 47.68 40.39
C GLN L 443 -30.97 49.09 40.87
N PRO L 444 -30.46 49.21 42.11
CA PRO L 444 -30.21 50.55 42.67
C PRO L 444 -29.12 51.37 41.99
N ASP L 445 -28.35 50.79 41.07
CA ASP L 445 -27.49 51.62 40.23
C ASP L 445 -28.26 52.28 39.10
N GLY L 446 -29.48 51.86 38.85
CA GLY L 446 -30.27 52.31 37.72
C GLY L 446 -30.50 51.24 36.67
N LYS L 447 -29.76 50.13 36.74
CA LYS L 447 -29.87 49.09 35.73
C LYS L 447 -31.08 48.21 36.02
N LEU L 448 -31.29 47.23 35.15
CA LEU L 448 -32.45 46.36 35.23
C LEU L 448 -32.07 44.98 35.73
N SER L 449 -33.08 44.22 36.14
CA SER L 449 -32.85 42.84 36.56
C SER L 449 -34.10 42.04 36.26
N MET L 450 -33.99 41.08 35.35
CA MET L 450 -35.07 40.17 35.06
C MET L 450 -35.28 39.23 36.25
N THR L 451 -36.51 39.19 36.75
CA THR L 451 -36.85 38.32 37.86
C THR L 451 -37.89 37.30 37.45
N ASP L 452 -37.93 36.20 38.19
CA ASP L 452 -38.95 35.20 37.97
C ASP L 452 -40.32 35.72 38.40
N ALA L 453 -41.33 35.32 37.65
CA ALA L 453 -42.68 35.82 37.86
C ALA L 453 -43.64 34.82 37.24
N ALA L 454 -44.89 34.88 37.69
CA ALA L 454 -45.91 34.01 37.15
C ALA L 454 -47.25 34.68 37.29
N ILE L 455 -48.15 34.35 36.39
CA ILE L 455 -49.54 34.73 36.52
C ILE L 455 -50.12 33.86 37.62
N ASP L 456 -50.65 34.49 38.65
CA ASP L 456 -51.18 33.74 39.79
C ASP L 456 -52.59 33.30 39.48
N PRO L 457 -52.84 31.98 39.33
CA PRO L 457 -54.18 31.55 38.92
C PRO L 457 -55.19 31.57 40.05
N ASN L 458 -54.74 31.65 41.30
CA ASN L 458 -55.67 31.59 42.41
C ASN L 458 -56.39 32.92 42.62
N MET L 459 -55.69 34.03 42.42
CA MET L 459 -56.26 35.33 42.69
C MET L 459 -57.06 35.81 41.48
N THR L 460 -58.33 36.13 41.71
CA THR L 460 -59.18 36.75 40.71
C THR L 460 -59.91 37.93 41.35
N ASN L 461 -59.18 38.73 42.12
CA ASN L 461 -59.77 39.86 42.81
C ASN L 461 -60.16 40.93 41.82
N SER L 462 -61.42 41.38 41.92
CA SER L 462 -61.99 42.48 41.13
C SER L 462 -62.04 42.19 39.64
N GLY L 463 -61.89 40.93 39.24
CA GLY L 463 -61.91 40.57 37.85
C GLY L 463 -60.71 41.10 37.10
N LEU L 464 -59.53 40.79 37.58
CA LEU L 464 -58.28 41.24 36.99
C LEU L 464 -57.45 40.04 36.58
N ARG L 465 -56.32 40.31 35.96
CA ARG L 465 -55.30 39.30 35.73
C ARG L 465 -54.15 39.58 36.69
N TRP L 466 -53.97 38.71 37.66
CA TRP L 466 -52.94 38.95 38.66
C TRP L 466 -51.64 38.32 38.23
N TYR L 467 -50.56 39.01 38.53
CA TYR L 467 -49.24 38.66 38.05
C TYR L 467 -48.26 39.01 39.16
N ARG L 468 -47.72 38.01 39.83
CA ARG L 468 -46.87 38.27 40.97
C ARG L 468 -45.42 38.17 40.56
N VAL L 469 -44.60 39.03 41.15
CA VAL L 469 -43.15 38.90 41.08
C VAL L 469 -42.65 38.60 42.48
N ASN L 470 -41.46 38.01 42.53
CA ASN L 470 -40.93 37.44 43.76
C ASN L 470 -39.91 38.36 44.42
N GLU L 471 -40.08 39.67 44.28
CA GLU L 471 -39.18 40.60 44.92
C GLU L 471 -39.96 41.83 45.38
N ILE L 472 -39.37 42.56 46.30
CA ILE L 472 -39.91 43.82 46.79
C ILE L 472 -38.85 44.88 46.52
N ALA L 473 -39.13 45.77 45.58
CA ALA L 473 -38.18 46.81 45.24
C ALA L 473 -38.89 48.14 45.06
N GLU L 474 -38.13 49.17 44.71
CA GLU L 474 -38.67 50.50 44.71
C GLU L 474 -39.13 50.96 43.33
N LYS L 475 -38.46 50.56 42.27
CA LYS L 475 -38.88 50.92 40.93
C LYS L 475 -39.03 49.67 40.07
N PHE L 476 -40.16 49.58 39.37
CA PHE L 476 -40.49 48.44 38.53
C PHE L 476 -40.73 48.93 37.12
N LYS L 477 -39.89 48.52 36.19
CA LYS L 477 -40.17 48.82 34.80
C LYS L 477 -41.13 47.78 34.26
N LEU L 478 -42.07 48.21 33.44
CA LEU L 478 -42.93 47.29 32.70
C LEU L 478 -42.70 47.64 31.26
N ILE L 479 -42.01 46.76 30.55
CA ILE L 479 -41.41 47.11 29.26
C ILE L 479 -41.95 46.15 28.21
N LYS L 480 -42.53 46.72 27.16
CA LYS L 480 -42.56 46.11 25.84
C LYS L 480 -41.74 47.05 24.95
N ASP L 481 -41.73 46.76 23.63
CA ASP L 481 -40.64 47.19 22.74
C ASP L 481 -40.45 48.70 22.70
N LYS L 482 -41.52 49.46 22.68
CA LYS L 482 -41.42 50.91 22.81
C LYS L 482 -42.22 51.45 23.99
N ALA L 483 -43.40 50.92 24.24
CA ALA L 483 -44.18 51.37 25.38
C ALA L 483 -43.61 50.81 26.67
N LEU L 484 -43.52 51.66 27.68
CA LEU L 484 -43.10 51.19 28.99
C LEU L 484 -43.79 52.05 30.03
N VAL L 485 -43.82 51.54 31.25
CA VAL L 485 -44.39 52.30 32.36
C VAL L 485 -43.60 51.97 33.62
N THR L 486 -43.24 52.99 34.37
CA THR L 486 -42.44 52.85 35.58
C THR L 486 -43.34 52.91 36.80
N VAL L 487 -43.23 51.91 37.66
CA VAL L 487 -44.00 51.84 38.91
C VAL L 487 -43.07 52.24 40.05
N ILE L 488 -43.49 53.24 40.82
CA ILE L 488 -42.72 53.78 41.92
C ILE L 488 -43.34 53.27 43.21
N ASN L 489 -42.52 52.58 44.01
CA ASN L 489 -42.92 52.12 45.34
C ASN L 489 -42.66 53.25 46.33
N LYS L 490 -43.69 54.02 46.64
CA LYS L 490 -43.53 54.99 47.71
C LYS L 490 -43.90 54.43 49.06
N GLY L 491 -44.09 53.12 49.17
CA GLY L 491 -44.26 52.48 50.45
C GLY L 491 -43.17 51.47 50.71
N TYR L 492 -42.01 51.68 50.12
CA TYR L 492 -40.93 50.72 50.22
C TYR L 492 -40.32 50.74 51.62
N GLY L 493 -40.28 49.57 52.25
CA GLY L 493 -39.66 49.45 53.54
C GLY L 493 -40.43 50.04 54.69
N LYS L 494 -41.71 50.34 54.52
CA LYS L 494 -42.47 50.90 55.62
C LYS L 494 -43.13 49.81 56.46
N ASN L 495 -43.66 48.77 55.82
CA ASN L 495 -44.21 47.60 56.51
C ASN L 495 -43.54 46.36 55.95
N PRO L 496 -42.42 45.93 56.51
CA PRO L 496 -41.88 44.62 56.15
C PRO L 496 -42.46 43.55 57.03
N LEU L 497 -41.99 42.31 56.92
CA LEU L 497 -42.30 41.29 57.90
C LEU L 497 -41.30 41.40 59.04
N THR L 498 -41.41 40.50 60.03
CA THR L 498 -40.31 40.38 60.97
C THR L 498 -39.25 39.45 60.40
N LYS L 499 -39.58 38.16 60.28
CA LYS L 499 -38.84 37.13 59.54
C LYS L 499 -39.68 35.87 59.46
N ASN L 500 -39.82 35.30 58.27
CA ASN L 500 -40.53 34.03 58.12
C ASN L 500 -39.86 33.21 57.02
N TYR L 501 -40.31 31.97 56.87
CA TYR L 501 -39.72 30.97 55.98
C TYR L 501 -40.63 30.54 54.85
N ASN L 502 -41.93 30.47 55.07
CA ASN L 502 -42.91 30.07 54.08
C ASN L 502 -43.81 31.28 53.79
N ILE L 503 -44.64 31.18 52.76
CA ILE L 503 -45.49 32.31 52.38
C ILE L 503 -46.58 32.55 53.42
N LYS L 504 -47.38 31.53 53.72
CA LYS L 504 -48.24 31.65 54.89
C LYS L 504 -47.42 31.25 56.10
N ASN L 505 -47.76 31.82 57.25
CA ASN L 505 -46.97 31.60 58.45
C ASN L 505 -47.51 30.44 59.28
N TYR L 506 -47.66 29.29 58.62
CA TYR L 506 -47.83 27.97 59.26
C TYR L 506 -46.90 27.05 58.49
N GLY L 507 -45.60 27.11 58.81
CA GLY L 507 -44.57 26.60 57.94
C GLY L 507 -43.94 25.33 58.48
N GLU L 508 -43.39 24.55 57.55
CA GLU L 508 -42.85 23.24 57.82
C GLU L 508 -41.37 23.25 57.53
N LEU L 509 -40.64 22.32 58.15
CA LEU L 509 -39.19 22.30 58.11
C LEU L 509 -38.69 20.88 58.33
N GLU L 510 -37.54 20.57 57.72
CA GLU L 510 -36.85 19.33 58.02
C GLU L 510 -35.36 19.49 57.74
N ALA M 349 -39.25 -44.43 84.74
CA ALA M 349 -39.46 -43.00 84.97
C ALA M 349 -38.27 -42.38 85.67
N TYR M 350 -37.43 -41.68 84.90
CA TYR M 350 -36.25 -41.01 85.44
C TYR M 350 -36.49 -39.50 85.37
N ILE M 351 -37.09 -38.96 86.44
CA ILE M 351 -37.36 -37.54 86.53
C ILE M 351 -36.13 -36.75 86.93
N ASN M 352 -35.04 -37.44 87.32
CA ASN M 352 -33.81 -36.78 87.71
C ASN M 352 -33.13 -36.05 86.55
N ARG M 353 -33.33 -36.51 85.32
CA ARG M 353 -32.73 -35.81 84.18
C ARG M 353 -33.46 -34.52 83.87
N VAL M 354 -34.74 -34.42 84.25
CA VAL M 354 -35.46 -33.16 84.14
C VAL M 354 -34.89 -32.16 85.15
N MET M 355 -34.56 -32.63 86.35
CA MET M 355 -33.91 -31.77 87.34
C MET M 355 -32.49 -31.40 86.92
N MET M 356 -31.78 -32.29 86.23
CA MET M 356 -30.48 -31.96 85.69
C MET M 356 -30.57 -31.18 84.38
N ALA M 357 -31.77 -31.02 83.84
CA ALA M 357 -32.05 -30.03 82.81
C ALA M 357 -32.42 -28.67 83.40
N SER M 358 -32.14 -28.46 84.69
CA SER M 358 -32.25 -27.15 85.32
C SER M 358 -30.89 -26.54 85.63
N ASN M 359 -29.90 -26.77 84.78
CA ASN M 359 -28.67 -25.98 84.82
C ASN M 359 -28.69 -24.81 83.86
N GLU M 360 -29.74 -24.69 83.06
CA GLU M 360 -29.95 -23.49 82.24
C GLU M 360 -30.78 -22.43 82.95
N GLN M 361 -31.12 -22.63 84.23
CA GLN M 361 -31.60 -21.49 85.00
C GLN M 361 -30.44 -20.61 85.44
N ILE M 362 -29.25 -21.20 85.56
CA ILE M 362 -28.02 -20.41 85.64
C ILE M 362 -27.85 -19.58 84.37
N ILE M 363 -28.08 -20.21 83.22
CA ILE M 363 -28.00 -19.52 81.94
C ILE M 363 -29.07 -18.45 81.85
N ASN M 364 -30.24 -18.72 82.42
CA ASN M 364 -31.36 -17.77 82.43
C ASN M 364 -31.00 -16.53 83.25
N LYS M 365 -30.49 -16.72 84.46
CA LYS M 365 -30.19 -15.57 85.30
C LYS M 365 -28.96 -14.83 84.77
N GLU M 366 -28.03 -15.52 84.11
CA GLU M 366 -26.88 -14.82 83.56
C GLU M 366 -27.24 -14.07 82.29
N LYS M 367 -28.23 -14.55 81.51
CA LYS M 367 -28.59 -13.75 80.35
C LYS M 367 -29.45 -12.57 80.75
N ILE M 368 -30.24 -12.69 81.83
CA ILE M 368 -30.89 -11.50 82.39
C ILE M 368 -29.85 -10.52 82.92
N ARG M 369 -28.75 -11.03 83.49
CA ARG M 369 -27.69 -10.16 83.99
C ARG M 369 -26.99 -9.41 82.85
N GLU M 370 -26.58 -10.11 81.79
CA GLU M 370 -25.94 -9.41 80.69
C GLU M 370 -26.94 -8.57 79.90
N GLU M 371 -28.23 -8.91 79.97
CA GLU M 371 -29.23 -8.12 79.27
C GLU M 371 -29.47 -6.79 79.98
N LYS M 372 -29.55 -6.80 81.30
CA LYS M 372 -29.66 -5.52 82.00
C LYS M 372 -28.36 -4.74 81.93
N GLN M 373 -27.21 -5.43 81.79
CA GLN M 373 -25.96 -4.74 81.49
C GLN M 373 -26.02 -4.06 80.13
N LYS M 374 -26.57 -4.76 79.14
CA LYS M 374 -26.74 -4.20 77.80
C LYS M 374 -27.67 -2.99 77.81
N ILE M 375 -28.77 -3.07 78.57
CA ILE M 375 -29.73 -1.98 78.60
C ILE M 375 -29.15 -0.76 79.30
N ILE M 376 -28.43 -0.97 80.41
CA ILE M 376 -27.84 0.21 81.06
C ILE M 376 -26.68 0.77 80.24
N LEU M 377 -26.02 -0.09 79.44
CA LEU M 377 -24.92 0.38 78.61
C LEU M 377 -25.41 1.24 77.45
N ASP M 378 -26.37 0.74 76.68
CA ASP M 378 -26.82 1.58 75.57
C ASP M 378 -27.75 2.70 76.04
N GLN M 379 -28.32 2.61 77.24
CA GLN M 379 -29.02 3.75 77.79
C GLN M 379 -28.05 4.86 78.17
N ALA M 380 -26.88 4.50 78.72
CA ALA M 380 -25.86 5.50 78.97
C ALA M 380 -25.29 6.06 77.67
N LYS M 381 -25.17 5.21 76.65
CA LYS M 381 -24.74 5.69 75.33
C LYS M 381 -25.72 6.69 74.74
N ALA M 382 -27.01 6.36 74.77
CA ALA M 382 -28.02 7.26 74.22
C ALA M 382 -28.13 8.54 75.04
N LEU M 383 -27.98 8.44 76.36
CA LEU M 383 -27.99 9.62 77.21
C LEU M 383 -26.83 10.55 76.90
N GLU M 384 -25.63 10.01 76.76
CA GLU M 384 -24.50 10.90 76.54
C GLU M 384 -24.49 11.44 75.12
N THR M 385 -24.98 10.67 74.14
CA THR M 385 -25.04 11.26 72.81
C THR M 385 -26.19 12.26 72.69
N GLN M 386 -27.22 12.13 73.53
CA GLN M 386 -28.25 13.16 73.62
C GLN M 386 -27.67 14.43 74.19
N TYR M 387 -26.85 14.31 75.23
CA TYR M 387 -26.22 15.49 75.82
C TYR M 387 -25.22 16.14 74.87
N VAL M 388 -24.37 15.34 74.24
CA VAL M 388 -23.34 15.93 73.39
C VAL M 388 -23.91 16.36 72.04
N HIS M 389 -25.12 15.93 71.70
CA HIS M 389 -25.78 16.50 70.54
C HIS M 389 -26.57 17.74 70.91
N ASN M 390 -27.04 17.81 72.15
CA ASN M 390 -27.79 18.97 72.59
C ASN M 390 -26.88 20.15 72.84
N ALA M 391 -25.75 19.90 73.49
CA ALA M 391 -24.79 20.95 73.84
C ALA M 391 -23.67 21.07 72.83
N LEU M 392 -23.91 20.70 71.58
CA LEU M 392 -22.92 21.01 70.55
C LEU M 392 -23.36 22.20 69.74
N LYS M 393 -24.67 22.41 69.64
CA LYS M 393 -25.25 23.44 68.80
C LYS M 393 -26.15 24.35 69.60
N ARG M 394 -25.86 24.50 70.90
CA ARG M 394 -26.79 25.14 71.83
C ARG M 394 -27.03 26.60 71.51
N ASN M 395 -26.02 27.44 71.74
CA ASN M 395 -25.94 28.87 71.45
C ASN M 395 -24.55 29.36 71.81
N PRO M 396 -24.07 30.42 71.17
CA PRO M 396 -22.84 31.06 71.64
C PRO M 396 -23.16 32.20 72.59
N VAL M 397 -22.32 32.35 73.62
CA VAL M 397 -22.43 33.56 74.43
C VAL M 397 -21.76 34.72 73.68
N PRO M 398 -22.36 35.89 73.65
CA PRO M 398 -21.72 37.01 72.96
C PRO M 398 -20.51 37.50 73.74
N ARG M 399 -19.58 38.12 73.02
CA ARG M 399 -18.35 38.56 73.67
C ARG M 399 -18.17 40.08 73.67
N ASN M 400 -18.23 40.76 72.52
CA ASN M 400 -18.33 42.21 72.56
C ASN M 400 -19.25 42.72 71.47
N TYR M 401 -19.69 43.96 71.65
CA TYR M 401 -20.74 44.55 70.83
C TYR M 401 -20.25 45.75 70.06
N ASN M 402 -19.02 46.19 70.30
CA ASN M 402 -18.56 47.50 69.84
C ASN M 402 -18.32 47.49 68.34
N TYR M 403 -19.38 47.71 67.58
CA TYR M 403 -19.36 47.64 66.13
C TYR M 403 -19.98 48.88 65.53
N TYR M 404 -19.25 49.51 64.62
CA TYR M 404 -19.81 50.64 63.88
C TYR M 404 -19.90 50.26 62.41
N GLN M 405 -20.67 51.04 61.66
CA GLN M 405 -20.85 50.78 60.26
C GLN M 405 -20.87 52.09 59.50
N ALA M 406 -20.54 52.02 58.23
CA ALA M 406 -20.48 53.20 57.37
C ALA M 406 -20.89 52.76 55.98
N PRO M 407 -22.09 53.12 55.54
CA PRO M 407 -22.49 52.84 54.16
C PRO M 407 -21.96 53.92 53.22
N GLU M 408 -21.67 53.53 51.99
CA GLU M 408 -21.18 54.53 51.04
C GLU M 408 -22.33 55.31 50.42
N LYS M 409 -23.17 54.66 49.63
CA LYS M 409 -24.23 55.35 48.92
C LYS M 409 -25.27 54.34 48.48
N ARG M 410 -26.52 54.55 48.88
CA ARG M 410 -27.66 53.68 48.59
C ARG M 410 -27.41 52.25 49.07
N SER M 411 -26.73 52.14 50.19
CA SER M 411 -26.52 50.84 50.84
C SER M 411 -27.53 50.61 51.96
N LYS M 412 -28.81 50.82 51.65
CA LYS M 412 -29.85 50.52 52.61
C LYS M 412 -30.43 49.14 52.41
N HIS M 413 -30.28 48.58 51.22
CA HIS M 413 -30.72 47.22 50.93
C HIS M 413 -29.66 46.19 51.27
N ILE M 414 -28.57 46.61 51.90
CA ILE M 414 -27.43 45.73 52.15
C ILE M 414 -26.93 45.86 53.59
N MET M 415 -27.43 46.83 54.33
CA MET M 415 -26.92 47.18 55.65
C MET M 415 -27.23 46.08 56.65
N PRO M 416 -26.26 45.66 57.46
CA PRO M 416 -26.54 44.77 58.57
C PRO M 416 -27.23 45.52 59.69
N SER M 417 -27.92 44.79 60.55
CA SER M 417 -28.61 45.45 61.65
C SER M 417 -27.94 45.22 62.99
N GLU M 418 -27.94 43.99 63.51
CA GLU M 418 -27.39 43.73 64.85
C GLU M 418 -26.18 42.83 64.67
N ILE M 419 -25.00 43.34 64.96
CA ILE M 419 -23.77 42.57 64.77
C ILE M 419 -23.13 42.36 66.12
N PHE M 420 -22.64 41.15 66.37
CA PHE M 420 -21.79 40.89 67.53
C PHE M 420 -20.84 39.75 67.17
N ASP M 421 -20.18 39.19 68.18
CA ASP M 421 -19.28 38.07 67.97
C ASP M 421 -19.28 37.17 69.20
N ASP M 422 -18.37 36.20 69.21
CA ASP M 422 -18.11 35.40 70.41
C ASP M 422 -16.63 35.22 70.69
N GLY M 423 -15.77 35.98 70.02
CA GLY M 423 -14.34 35.77 70.10
C GLY M 423 -13.79 34.82 69.07
N THR M 424 -14.63 33.97 68.49
CA THR M 424 -14.22 33.09 67.40
C THR M 424 -14.96 33.41 66.11
N PHE M 425 -16.29 33.46 66.17
CA PHE M 425 -17.12 33.71 65.01
C PHE M 425 -17.71 35.11 65.13
N THR M 426 -18.06 35.71 64.00
CA THR M 426 -18.72 37.01 63.99
C THR M 426 -20.11 36.85 63.41
N TYR M 427 -21.12 37.21 64.19
CA TYR M 427 -22.51 37.05 63.80
C TYR M 427 -23.05 38.38 63.31
N PHE M 428 -23.38 38.45 62.03
CA PHE M 428 -24.11 39.57 61.47
C PHE M 428 -25.59 39.27 61.52
N GLY M 429 -26.38 40.28 61.81
CA GLY M 429 -27.81 40.09 61.78
C GLY M 429 -28.46 41.06 60.84
N PHE M 430 -29.02 40.51 59.78
CA PHE M 430 -29.70 41.26 58.74
C PHE M 430 -31.19 41.30 59.04
N LYS M 431 -31.89 42.18 58.35
CA LYS M 431 -33.33 42.08 58.28
C LYS M 431 -33.68 41.11 57.15
N ASN M 432 -34.95 41.04 56.77
CA ASN M 432 -35.29 40.27 55.59
C ASN M 432 -35.60 41.15 54.38
N ILE M 433 -35.88 42.43 54.61
CA ILE M 433 -36.05 43.35 53.50
C ILE M 433 -34.71 43.64 52.83
N THR M 434 -33.62 43.46 53.56
CA THR M 434 -32.30 43.59 52.97
C THR M 434 -31.93 42.34 52.20
N LEU M 435 -30.94 42.49 51.34
CA LEU M 435 -30.44 41.39 50.54
C LEU M 435 -29.31 40.69 51.29
N GLN M 436 -28.53 39.88 50.59
CA GLN M 436 -27.42 39.15 51.21
C GLN M 436 -26.11 39.58 50.57
N PRO M 437 -25.30 40.35 51.26
CA PRO M 437 -24.04 40.82 50.68
C PRO M 437 -23.00 39.72 50.54
N ALA M 438 -21.97 40.04 49.78
CA ALA M 438 -20.74 39.28 49.83
C ALA M 438 -19.88 39.84 50.95
N ILE M 439 -19.68 39.06 52.00
CA ILE M 439 -18.89 39.50 53.13
C ILE M 439 -17.41 39.35 52.80
N PHE M 440 -16.60 40.28 53.29
CA PHE M 440 -15.17 40.23 53.06
C PHE M 440 -14.43 40.74 54.27
N VAL M 441 -13.31 40.08 54.57
CA VAL M 441 -12.42 40.47 55.64
C VAL M 441 -11.31 41.32 55.06
N VAL M 442 -11.14 42.53 55.59
CA VAL M 442 -10.09 43.42 55.13
C VAL M 442 -8.76 42.94 55.69
N GLN M 443 -7.87 42.53 54.79
CA GLN M 443 -6.51 42.22 55.19
C GLN M 443 -5.80 43.48 55.64
N PRO M 444 -4.84 43.36 56.58
CA PRO M 444 -4.21 44.56 57.16
C PRO M 444 -3.37 45.38 56.20
N ASP M 445 -3.10 44.93 54.99
CA ASP M 445 -2.52 45.81 53.99
C ASP M 445 -3.57 46.72 53.35
N GLY M 446 -4.84 46.44 53.56
CA GLY M 446 -5.93 47.12 52.91
C GLY M 446 -6.69 46.27 51.92
N LYS M 447 -6.15 45.12 51.55
CA LYS M 447 -6.77 44.27 50.54
C LYS M 447 -7.89 43.45 51.18
N LEU M 448 -8.55 42.65 50.36
CA LEU M 448 -9.70 41.88 50.79
C LEU M 448 -9.34 40.40 50.91
N SER M 449 -10.21 39.67 51.59
CA SER M 449 -10.03 38.22 51.71
C SER M 449 -11.40 37.58 51.85
N MET M 450 -11.79 36.79 50.85
CA MET M 450 -13.01 36.02 50.91
C MET M 450 -12.88 34.92 51.96
N THR M 451 -13.81 34.89 52.90
CA THR M 451 -13.82 33.88 53.95
C THR M 451 -15.07 33.03 53.85
N ASP M 452 -14.97 31.82 54.41
CA ASP M 452 -16.13 30.95 54.49
C ASP M 452 -17.14 31.50 55.49
N ALA M 453 -18.41 31.32 55.18
CA ALA M 453 -19.49 31.87 55.96
C ALA M 453 -20.74 31.08 55.66
N ALA M 454 -21.70 31.15 56.58
CA ALA M 454 -22.96 30.46 56.38
C ALA M 454 -24.04 31.21 57.14
N ILE M 455 -25.25 31.10 56.63
CA ILE M 455 -26.41 31.55 57.37
C ILE M 455 -26.64 30.57 58.49
N ASP M 456 -26.64 31.05 59.71
CA ASP M 456 -26.79 30.16 60.85
C ASP M 456 -28.26 29.88 61.09
N PRO M 457 -28.73 28.65 60.89
CA PRO M 457 -30.17 28.40 61.01
C PRO M 457 -30.65 28.29 62.44
N ASN M 458 -29.75 28.13 63.40
CA ASN M 458 -30.18 27.96 64.78
C ASN M 458 -30.57 29.29 65.41
N MET M 459 -29.86 30.35 65.09
CA MET M 459 -30.09 31.64 65.72
C MET M 459 -31.21 32.37 65.01
N THR M 460 -32.25 32.74 65.77
CA THR M 460 -33.32 33.59 65.29
C THR M 460 -33.57 34.69 66.30
N ASN M 461 -32.51 35.28 66.81
CA ASN M 461 -32.62 36.33 67.81
C ASN M 461 -33.21 37.59 67.20
N SER M 462 -34.26 38.11 67.85
CA SER M 462 -34.93 39.37 67.51
C SER M 462 -35.60 39.33 66.14
N GLY M 463 -35.78 38.15 65.56
CA GLY M 463 -36.38 38.04 64.26
C GLY M 463 -35.51 38.59 63.16
N LEU M 464 -34.28 38.11 63.08
CA LEU M 464 -33.31 38.57 62.10
C LEU M 464 -32.87 37.39 61.25
N ARG M 465 -32.04 37.67 60.26
CA ARG M 465 -31.33 36.63 59.52
C ARG M 465 -29.89 36.66 59.97
N TRP M 466 -29.46 35.62 60.67
CA TRP M 466 -28.11 35.60 61.20
C TRP M 466 -27.17 34.96 60.20
N TYR M 467 -25.97 35.51 60.13
CA TYR M 467 -25.00 35.13 59.11
C TYR M 467 -23.64 35.22 59.77
N ARG M 468 -23.04 34.09 60.05
CA ARG M 468 -21.77 34.07 60.77
C ARG M 468 -20.61 33.94 59.80
N VAL M 469 -19.53 34.62 60.12
CA VAL M 469 -18.26 34.39 59.45
C VAL M 469 -17.30 33.83 60.48
N ASN M 470 -16.28 33.14 59.98
CA ASN M 470 -15.40 32.34 60.82
C ASN M 470 -14.09 33.04 61.13
N GLU M 471 -14.11 34.36 61.22
CA GLU M 471 -12.91 35.11 61.56
C GLU M 471 -13.28 36.29 62.44
N ILE M 472 -12.29 36.81 63.15
CA ILE M 472 -12.41 38.01 63.96
C ILE M 472 -11.41 39.01 63.41
N ALA M 473 -11.90 40.07 62.78
CA ALA M 473 -11.02 41.07 62.22
C ALA M 473 -11.56 42.46 62.52
N GLU M 474 -10.84 43.47 62.01
CA GLU M 474 -11.16 44.84 62.39
C GLU M 474 -12.05 45.55 61.39
N LYS M 475 -11.90 45.28 60.10
CA LYS M 475 -12.76 45.90 59.10
C LYS M 475 -13.39 44.82 58.23
N PHE M 476 -14.70 44.93 58.04
CA PHE M 476 -15.48 43.99 57.26
C PHE M 476 -16.17 44.73 56.14
N LYS M 477 -15.82 44.42 54.90
CA LYS M 477 -16.57 44.97 53.80
C LYS M 477 -17.80 44.11 53.56
N LEU M 478 -18.91 44.75 53.25
CA LEU M 478 -20.10 44.04 52.82
C LEU M 478 -20.41 44.60 51.44
N ILE M 479 -20.17 43.81 50.41
CA ILE M 479 -20.07 44.31 49.05
C ILE M 479 -21.10 43.60 48.20
N LYS M 480 -21.95 44.37 47.55
CA LYS M 480 -22.57 44.00 46.29
C LYS M 480 -22.04 45.00 45.26
N ASP M 481 -22.57 44.95 44.02
CA ASP M 481 -21.86 45.43 42.84
C ASP M 481 -21.49 46.92 42.91
N LYS M 482 -22.38 47.75 43.42
CA LYS M 482 -22.03 49.14 43.68
C LYS M 482 -22.23 49.54 45.12
N ALA M 483 -23.28 49.05 45.77
CA ALA M 483 -23.50 49.37 47.16
C ALA M 483 -22.56 48.56 48.04
N LEU M 484 -21.97 49.21 49.02
CA LEU M 484 -21.15 48.51 49.99
C LEU M 484 -21.27 49.23 51.32
N VAL M 485 -20.88 48.53 52.38
CA VAL M 485 -20.88 49.13 53.70
C VAL M 485 -19.72 48.53 54.49
N THR M 486 -18.96 49.38 55.15
CA THR M 486 -17.79 48.97 55.90
C THR M 486 -18.13 48.89 57.38
N VAL M 487 -17.84 47.76 58.01
CA VAL M 487 -18.06 47.55 59.43
C VAL M 487 -16.73 47.67 60.14
N ILE M 488 -16.67 48.54 61.14
CA ILE M 488 -15.48 48.83 61.89
C ILE M 488 -15.61 48.16 63.25
N ASN M 489 -14.66 47.30 63.57
CA ASN M 489 -14.58 46.65 64.88
C ASN M 489 -13.80 47.56 65.80
N LYS M 490 -14.51 48.35 66.59
CA LYS M 490 -13.83 49.11 67.62
C LYS M 490 -13.71 48.36 68.94
N GLY M 491 -14.03 47.07 68.94
CA GLY M 491 -13.78 46.24 70.10
C GLY M 491 -12.83 45.11 69.77
N TYR M 492 -11.96 45.34 68.79
CA TYR M 492 -11.07 44.29 68.33
C TYR M 492 -9.98 44.02 69.35
N GLY M 493 -9.86 42.76 69.76
CA GLY M 493 -8.81 42.38 70.68
C GLY M 493 -8.99 42.83 72.10
N LYS M 494 -10.19 43.25 72.49
CA LYS M 494 -10.39 43.67 73.87
C LYS M 494 -10.82 42.51 74.76
N ASN M 495 -11.69 41.64 74.26
CA ASN M 495 -12.08 40.42 74.96
C ASN M 495 -11.86 39.23 74.03
N PRO M 496 -10.69 38.63 74.04
CA PRO M 496 -10.52 37.37 73.33
C PRO M 496 -10.86 36.21 74.24
N LEU M 497 -10.63 34.98 73.79
CA LEU M 497 -10.68 33.84 74.68
C LEU M 497 -9.31 33.66 75.33
N THR M 498 -9.16 32.64 76.16
CA THR M 498 -7.80 32.27 76.55
C THR M 498 -7.18 31.36 75.50
N LYS M 499 -7.72 30.14 75.37
CA LYS M 499 -7.46 29.21 74.27
C LYS M 499 -8.44 28.05 74.37
N ASN M 500 -9.11 27.68 73.28
CA ASN M 500 -9.97 26.52 73.26
C ASN M 500 -9.90 25.85 71.90
N TYR M 501 -10.55 24.68 71.79
CA TYR M 501 -10.49 23.82 70.63
C TYR M 501 -11.82 23.66 69.91
N ASN M 502 -12.93 23.65 70.63
CA ASN M 502 -14.26 23.50 70.07
C ASN M 502 -15.01 24.81 70.32
N ILE M 503 -16.19 24.95 69.69
CA ILE M 503 -16.95 26.20 69.83
C ILE M 503 -17.52 26.34 71.25
N LYS M 504 -18.27 25.35 71.71
CA LYS M 504 -18.59 25.33 73.13
C LYS M 504 -17.43 24.67 73.85
N ASN M 505 -17.23 25.06 75.10
CA ASN M 505 -16.07 24.58 75.85
C ASN M 505 -16.40 23.35 76.67
N TYR M 506 -16.95 22.33 75.99
CA TYR M 506 -17.04 20.95 76.47
C TYR M 506 -16.62 20.10 75.28
N GLY M 507 -15.30 20.00 75.07
CA GLY M 507 -14.77 19.58 73.80
C GLY M 507 -14.16 18.18 73.88
N GLU M 508 -14.14 17.54 72.72
CA GLU M 508 -13.71 16.15 72.60
C GLU M 508 -12.46 16.10 71.73
N LEU M 509 -11.70 15.02 71.89
CA LEU M 509 -10.38 14.89 71.27
C LEU M 509 -10.04 13.42 71.10
N GLU M 510 -9.28 13.14 70.04
CA GLU M 510 -8.69 11.81 69.87
C GLU M 510 -7.42 11.90 69.04
N ALA N 349 -67.97 -66.27 -39.20
CA ALA N 349 -67.64 -65.43 -40.33
C ALA N 349 -68.57 -64.22 -40.41
N TYR N 350 -68.07 -63.06 -39.98
CA TYR N 350 -68.83 -61.82 -40.01
C TYR N 350 -68.21 -60.90 -41.05
N ILE N 351 -68.68 -61.05 -42.30
CA ILE N 351 -68.19 -60.23 -43.41
C ILE N 351 -68.82 -58.85 -43.41
N ASN N 352 -69.84 -58.63 -42.56
CA ASN N 352 -70.52 -57.34 -42.47
C ASN N 352 -69.62 -56.23 -41.94
N ARG N 353 -68.62 -56.57 -41.11
CA ARG N 353 -67.72 -55.54 -40.61
C ARG N 353 -66.73 -55.10 -41.67
N VAL N 354 -66.46 -55.96 -42.65
CA VAL N 354 -65.67 -55.55 -43.81
C VAL N 354 -66.45 -54.54 -44.65
N MET N 355 -67.76 -54.76 -44.81
CA MET N 355 -68.61 -53.80 -45.49
C MET N 355 -68.77 -52.51 -44.71
N MET N 356 -68.77 -52.59 -43.37
CA MET N 356 -68.79 -51.39 -42.55
C MET N 356 -67.40 -50.76 -42.39
N ALA N 357 -66.37 -51.43 -42.90
CA ALA N 357 -65.08 -50.82 -43.14
C ALA N 357 -65.00 -50.16 -44.50
N SER N 358 -66.14 -49.94 -45.16
CA SER N 358 -66.21 -49.16 -46.38
C SER N 358 -66.88 -47.81 -46.16
N ASN N 359 -66.67 -47.20 -45.00
CA ASN N 359 -67.01 -45.79 -44.82
C ASN N 359 -65.83 -44.86 -45.06
N GLU N 360 -64.64 -45.42 -45.30
CA GLU N 360 -63.50 -44.63 -45.75
C GLU N 360 -63.41 -44.52 -47.26
N GLN N 361 -64.38 -45.03 -48.02
CA GLN N 361 -64.48 -44.63 -49.41
C GLN N 361 -65.09 -43.24 -49.53
N ILE N 362 -65.90 -42.85 -48.54
CA ILE N 362 -66.27 -41.44 -48.39
C ILE N 362 -65.02 -40.60 -48.15
N ILE N 363 -64.14 -41.10 -47.26
CA ILE N 363 -62.88 -40.42 -46.98
C ILE N 363 -61.99 -40.39 -48.22
N ASN N 364 -62.04 -41.46 -49.01
CA ASN N 364 -61.27 -41.55 -50.24
C ASN N 364 -61.74 -40.51 -51.26
N LYS N 365 -63.05 -40.40 -51.48
CA LYS N 365 -63.51 -39.46 -52.49
C LYS N 365 -63.39 -38.02 -51.98
N GLU N 366 -63.46 -37.81 -50.66
CA GLU N 366 -63.29 -36.46 -50.15
C GLU N 366 -61.82 -36.04 -50.16
N LYS N 367 -60.89 -36.99 -50.01
CA LYS N 367 -59.49 -36.57 -50.11
C LYS N 367 -59.09 -36.35 -51.55
N ILE N 368 -59.68 -37.09 -52.49
CA ILE N 368 -59.50 -36.75 -53.91
C ILE N 368 -60.11 -35.38 -54.21
N ARG N 369 -61.23 -35.04 -53.56
CA ARG N 369 -61.85 -33.74 -53.77
C ARG N 369 -60.96 -32.60 -53.25
N GLU N 370 -60.47 -32.71 -52.01
CA GLU N 370 -59.61 -31.65 -51.51
C GLU N 370 -58.24 -31.66 -52.18
N GLU N 371 -57.83 -32.81 -52.73
CA GLU N 371 -56.56 -32.86 -53.43
C GLU N 371 -56.64 -32.16 -54.78
N LYS N 372 -57.72 -32.36 -55.53
CA LYS N 372 -57.88 -31.59 -56.75
C LYS N 372 -58.14 -30.12 -56.46
N GLN N 373 -58.75 -29.80 -55.31
CA GLN N 373 -58.84 -28.41 -54.87
C GLN N 373 -57.44 -27.83 -54.61
N LYS N 374 -56.58 -28.61 -53.96
CA LYS N 374 -55.20 -28.20 -53.71
C LYS N 374 -54.43 -27.98 -55.00
N ILE N 375 -54.61 -28.88 -55.97
CA ILE N 375 -53.88 -28.77 -57.23
C ILE N 375 -54.35 -27.57 -58.04
N ILE N 376 -55.66 -27.32 -58.09
CA ILE N 376 -56.12 -26.15 -58.83
C ILE N 376 -55.75 -24.87 -58.08
N LEU N 377 -55.64 -24.93 -56.74
CA LEU N 377 -55.28 -23.75 -55.97
C LEU N 377 -53.83 -23.36 -56.19
N ASP N 378 -52.90 -24.30 -56.02
CA ASP N 378 -51.51 -23.91 -56.21
C ASP N 378 -51.14 -23.80 -57.68
N GLN N 379 -51.95 -24.38 -58.59
CA GLN N 379 -51.74 -24.11 -60.01
C GLN N 379 -52.14 -22.68 -60.35
N ALA N 380 -53.23 -22.19 -59.74
CA ALA N 380 -53.59 -20.79 -59.92
C ALA N 380 -52.57 -19.86 -59.27
N LYS N 381 -52.02 -20.27 -58.12
CA LYS N 381 -50.96 -19.50 -57.48
C LYS N 381 -49.71 -19.41 -58.35
N ALA N 382 -49.27 -20.55 -58.90
CA ALA N 382 -48.09 -20.55 -59.74
C ALA N 382 -48.33 -19.81 -61.05
N LEU N 383 -49.55 -19.90 -61.60
CA LEU N 383 -49.90 -19.15 -62.80
C LEU N 383 -49.85 -17.66 -62.56
N GLU N 384 -50.43 -17.19 -61.45
CA GLU N 384 -50.47 -15.75 -61.27
C GLU N 384 -49.11 -15.22 -60.85
N THR N 385 -48.30 -16.00 -60.13
CA THR N 385 -46.97 -15.49 -59.83
C THR N 385 -46.06 -15.56 -61.05
N GLN N 386 -46.36 -16.46 -61.99
CA GLN N 386 -45.66 -16.44 -63.27
C GLN N 386 -46.00 -15.19 -64.04
N TYR N 387 -47.28 -14.81 -64.05
CA TYR N 387 -47.67 -13.59 -64.76
C TYR N 387 -47.12 -12.34 -64.08
N VAL N 388 -47.21 -12.25 -62.76
CA VAL N 388 -46.77 -11.04 -62.09
C VAL N 388 -45.26 -10.98 -61.98
N HIS N 389 -44.57 -12.10 -62.22
CA HIS N 389 -43.12 -12.03 -62.34
C HIS N 389 -42.71 -11.74 -63.77
N ASN N 390 -43.52 -12.13 -64.74
CA ASN N 390 -43.19 -11.88 -66.13
C ASN N 390 -43.45 -10.43 -66.48
N ALA N 391 -44.56 -9.88 -66.02
CA ALA N 391 -44.96 -8.51 -66.32
C ALA N 391 -44.57 -7.54 -65.22
N LEU N 392 -43.52 -7.84 -64.47
CA LEU N 392 -43.00 -6.84 -63.56
C LEU N 392 -41.74 -6.21 -64.13
N LYS N 393 -41.02 -6.96 -64.95
CA LYS N 393 -39.73 -6.55 -65.48
C LYS N 393 -39.73 -6.60 -67.00
N ARG N 394 -40.92 -6.42 -67.61
CA ARG N 394 -41.09 -6.70 -69.04
C ARG N 394 -40.26 -5.79 -69.92
N ASN N 395 -40.64 -4.52 -69.99
CA ASN N 395 -39.99 -3.41 -70.70
C ASN N 395 -40.76 -2.13 -70.41
N PRO N 396 -40.10 -0.98 -70.45
CA PRO N 396 -40.84 0.28 -70.41
C PRO N 396 -41.15 0.78 -71.81
N VAL N 397 -42.33 1.36 -71.97
CA VAL N 397 -42.61 2.06 -73.22
C VAL N 397 -41.90 3.42 -73.17
N PRO N 398 -41.25 3.85 -74.23
CA PRO N 398 -40.61 5.17 -74.21
C PRO N 398 -41.64 6.27 -74.23
N ARG N 399 -41.27 7.44 -73.72
CA ARG N 399 -42.21 8.55 -73.64
C ARG N 399 -41.82 9.74 -74.49
N ASN N 400 -40.62 10.30 -74.34
CA ASN N 400 -40.16 11.27 -75.33
C ASN N 400 -38.67 11.10 -75.61
N TYR N 401 -38.24 11.66 -76.73
CA TYR N 401 -36.91 11.44 -77.27
C TYR N 401 -36.10 12.71 -77.33
N ASN N 402 -36.71 13.86 -77.03
CA ASN N 402 -36.14 15.16 -77.36
C ASN N 402 -34.97 15.47 -76.42
N TYR N 403 -33.80 14.97 -76.77
CA TYR N 403 -32.61 15.07 -75.94
C TYR N 403 -31.45 15.59 -76.75
N TYR N 404 -30.80 16.64 -76.26
CA TYR N 404 -29.58 17.13 -76.89
C TYR N 404 -28.43 16.94 -75.93
N GLN N 405 -27.21 17.04 -76.47
CA GLN N 405 -26.03 16.88 -75.65
C GLN N 405 -24.98 17.87 -76.10
N ALA N 406 -24.07 18.17 -75.19
CA ALA N 406 -23.01 19.15 -75.44
C ALA N 406 -21.80 18.70 -74.67
N PRO N 407 -20.78 18.16 -75.33
CA PRO N 407 -19.52 17.83 -74.67
C PRO N 407 -18.64 19.06 -74.55
N GLU N 408 -17.84 19.11 -73.48
CA GLU N 408 -16.95 20.26 -73.33
C GLU N 408 -15.68 20.08 -74.15
N LYS N 409 -14.85 19.11 -73.79
CA LYS N 409 -13.57 18.94 -74.48
C LYS N 409 -13.06 17.54 -74.18
N ARG N 410 -12.78 16.78 -75.25
CA ARG N 410 -12.30 15.39 -75.20
C ARG N 410 -13.25 14.51 -74.41
N SER N 411 -14.55 14.78 -74.54
CA SER N 411 -15.57 13.94 -73.96
C SER N 411 -16.14 12.97 -74.97
N LYS N 412 -15.25 12.26 -75.66
CA LYS N 412 -15.70 11.22 -76.58
C LYS N 412 -15.70 9.85 -75.93
N HIS N 413 -14.94 9.67 -74.86
CA HIS N 413 -14.92 8.43 -74.11
C HIS N 413 -15.99 8.40 -73.04
N ILE N 414 -16.88 9.39 -73.01
CA ILE N 414 -17.86 9.53 -71.94
C ILE N 414 -19.25 9.82 -72.49
N MET N 415 -19.35 10.09 -73.78
CA MET N 415 -20.58 10.56 -74.42
C MET N 415 -21.64 9.47 -74.43
N PRO N 416 -22.86 9.76 -74.04
CA PRO N 416 -23.96 8.81 -74.24
C PRO N 416 -24.37 8.76 -75.69
N SER N 417 -25.01 7.67 -76.08
CA SER N 417 -25.44 7.55 -77.46
C SER N 417 -26.93 7.72 -77.65
N GLU N 418 -27.75 6.79 -77.15
CA GLU N 418 -29.19 6.85 -77.38
C GLU N 418 -29.86 7.06 -76.03
N ILE N 419 -30.46 8.22 -75.82
CA ILE N 419 -31.08 8.55 -74.54
C ILE N 419 -32.57 8.70 -74.76
N PHE N 420 -33.37 8.15 -73.85
CA PHE N 420 -34.79 8.43 -73.81
C PHE N 420 -35.27 8.31 -72.37
N ASP N 421 -36.59 8.27 -72.17
CA ASP N 421 -37.15 8.12 -70.84
C ASP N 421 -38.47 7.35 -70.93
N ASP N 422 -39.17 7.28 -69.80
CA ASP N 422 -40.54 6.78 -69.80
C ASP N 422 -41.48 7.65 -68.99
N GLY N 423 -41.07 8.85 -68.61
CA GLY N 423 -41.84 9.69 -67.72
C GLY N 423 -41.50 9.50 -66.26
N THR N 424 -40.90 8.37 -65.89
CA THR N 424 -40.44 8.14 -64.53
C THR N 424 -38.93 7.97 -64.48
N PHE N 425 -38.38 7.09 -65.29
CA PHE N 425 -36.95 6.81 -65.31
C PHE N 425 -36.36 7.38 -66.59
N THR N 426 -35.07 7.68 -66.56
CA THR N 426 -34.37 8.15 -67.75
C THR N 426 -33.32 7.13 -68.14
N TYR N 427 -33.41 6.61 -69.36
CA TYR N 427 -32.53 5.56 -69.85
C TYR N 427 -31.46 6.20 -70.74
N PHE N 428 -30.21 6.15 -70.28
CA PHE N 428 -29.08 6.50 -71.10
C PHE N 428 -28.57 5.24 -71.79
N GLY N 429 -28.14 5.40 -73.03
CA GLY N 429 -27.56 4.27 -73.71
C GLY N 429 -26.17 4.61 -74.19
N PHE N 430 -25.19 3.93 -73.60
CA PHE N 430 -23.79 4.10 -73.91
C PHE N 430 -23.38 3.07 -74.94
N LYS N 431 -22.22 3.29 -75.54
CA LYS N 431 -21.55 2.20 -76.25
C LYS N 431 -20.75 1.39 -75.25
N ASN N 432 -19.88 0.50 -75.73
CA ASN N 432 -18.98 -0.15 -74.81
C ASN N 432 -17.56 0.37 -74.90
N ILE N 433 -17.23 1.08 -75.99
CA ILE N 433 -15.92 1.72 -76.08
C ILE N 433 -15.87 2.93 -75.14
N THR N 434 -17.03 3.47 -74.79
CA THR N 434 -17.06 4.54 -73.81
C THR N 434 -16.96 3.99 -72.41
N LEU N 435 -16.64 4.87 -71.47
CA LEU N 435 -16.51 4.51 -70.07
C LEU N 435 -17.86 4.72 -69.40
N GLN N 436 -17.87 4.75 -68.07
CA GLN N 436 -19.10 4.94 -67.30
C GLN N 436 -19.01 6.21 -66.48
N PRO N 437 -19.71 7.26 -66.87
CA PRO N 437 -19.63 8.54 -66.15
C PRO N 437 -20.30 8.47 -64.79
N ALA N 438 -20.04 9.50 -64.01
CA ALA N 438 -20.85 9.81 -62.84
C ALA N 438 -21.99 10.69 -63.30
N ILE N 439 -23.21 10.16 -63.25
CA ILE N 439 -24.37 10.91 -63.68
C ILE N 439 -24.80 11.87 -62.57
N PHE N 440 -25.28 13.04 -62.95
CA PHE N 440 -25.72 14.01 -61.97
C PHE N 440 -26.92 14.77 -62.51
N VAL N 441 -27.87 15.05 -61.63
CA VAL N 441 -29.04 15.83 -61.93
C VAL N 441 -28.78 17.27 -61.53
N VAL N 442 -28.93 18.19 -62.47
CA VAL N 442 -28.72 19.61 -62.19
C VAL N 442 -29.93 20.13 -61.42
N GLN N 443 -29.70 20.54 -60.18
CA GLN N 443 -30.72 21.23 -59.42
C GLN N 443 -31.04 22.57 -60.06
N PRO N 444 -32.28 23.06 -59.92
CA PRO N 444 -32.67 24.29 -60.63
C PRO N 444 -31.98 25.56 -60.16
N ASP N 445 -31.22 25.54 -59.07
CA ASP N 445 -30.36 26.68 -58.78
C ASP N 445 -29.08 26.67 -59.60
N GLY N 446 -28.79 25.55 -60.26
CA GLY N 446 -27.54 25.36 -60.97
C GLY N 446 -26.63 24.33 -60.34
N LYS N 447 -26.91 23.92 -59.11
CA LYS N 447 -26.06 22.98 -58.41
C LYS N 447 -26.35 21.55 -58.86
N LEU N 448 -25.62 20.61 -58.30
CA LEU N 448 -25.71 19.22 -58.70
C LEU N 448 -26.43 18.40 -57.63
N SER N 449 -26.85 17.20 -58.02
CA SER N 449 -27.48 16.28 -57.08
C SER N 449 -27.19 14.86 -57.53
N MET N 450 -26.42 14.14 -56.72
CA MET N 450 -26.17 12.73 -56.96
C MET N 450 -27.44 11.93 -56.75
N THR N 451 -27.85 11.17 -57.75
CA THR N 451 -29.04 10.33 -57.68
C THR N 451 -28.67 8.87 -57.81
N ASP N 452 -29.54 8.02 -57.29
CA ASP N 452 -29.37 6.59 -57.44
C ASP N 452 -29.61 6.18 -58.90
N ALA N 453 -28.84 5.20 -59.33
CA ALA N 453 -28.85 4.77 -60.72
C ALA N 453 -28.30 3.36 -60.77
N ALA N 454 -28.63 2.66 -61.84
CA ALA N 454 -28.11 1.31 -62.03
C ALA N 454 -28.04 1.03 -63.51
N ILE N 455 -27.12 0.16 -63.87
CA ILE N 455 -27.08 -0.41 -65.20
C ILE N 455 -28.23 -1.38 -65.31
N ASP N 456 -29.12 -1.16 -66.26
CA ASP N 456 -30.29 -2.00 -66.38
C ASP N 456 -29.92 -3.25 -67.18
N PRO N 457 -29.93 -4.44 -66.56
CA PRO N 457 -29.47 -5.63 -67.29
C PRO N 457 -30.49 -6.18 -68.25
N ASN N 458 -31.76 -5.77 -68.14
CA ASN N 458 -32.78 -6.33 -69.02
C ASN N 458 -32.74 -5.72 -70.40
N MET N 459 -32.45 -4.42 -70.49
CA MET N 459 -32.47 -3.74 -71.77
C MET N 459 -31.16 -3.93 -72.50
N THR N 460 -31.23 -4.45 -73.72
CA THR N 460 -30.08 -4.55 -74.62
C THR N 460 -30.49 -4.04 -75.98
N ASN N 461 -31.20 -2.92 -76.02
CA ASN N 461 -31.68 -2.36 -77.27
C ASN N 461 -30.51 -1.81 -78.08
N SER N 462 -30.43 -2.23 -79.34
CA SER N 462 -29.46 -1.77 -80.33
C SER N 462 -28.02 -2.11 -79.96
N GLY N 463 -27.82 -3.02 -79.02
CA GLY N 463 -26.49 -3.39 -78.61
C GLY N 463 -25.78 -2.28 -77.88
N LEU N 464 -26.41 -1.77 -76.84
CA LEU N 464 -25.87 -0.67 -76.05
C LEU N 464 -25.70 -1.11 -74.61
N ARG N 465 -25.16 -0.23 -73.79
CA ARG N 465 -25.16 -0.41 -72.35
C ARG N 465 -26.17 0.57 -71.77
N TRP N 466 -27.27 0.05 -71.25
CA TRP N 466 -28.31 0.92 -70.75
C TRP N 466 -28.09 1.21 -69.28
N TYR N 467 -28.38 2.45 -68.91
CA TYR N 467 -28.06 2.95 -67.57
C TYR N 467 -29.19 3.89 -67.21
N ARG N 468 -30.06 3.48 -66.29
CA ARG N 468 -31.22 4.27 -65.94
C ARG N 468 -30.95 5.08 -64.69
N VAL N 469 -31.50 6.28 -64.67
CA VAL N 469 -31.56 7.05 -63.44
C VAL N 469 -33.02 7.22 -63.08
N ASN N 470 -33.26 7.48 -61.81
CA ASN N 470 -34.60 7.44 -61.24
C ASN N 470 -35.23 8.82 -61.10
N GLU N 471 -34.90 9.75 -62.00
CA GLU N 471 -35.47 11.07 -61.97
C GLU N 471 -35.69 11.57 -63.38
N ILE N 472 -36.56 12.56 -63.51
CA ILE N 472 -36.81 13.24 -64.76
C ILE N 472 -36.48 14.71 -64.54
N ALA N 473 -35.41 15.19 -65.16
CA ALA N 473 -35.02 16.57 -64.99
C ALA N 473 -34.59 17.16 -66.32
N GLU N 474 -34.17 18.42 -66.29
CA GLU N 474 -33.94 19.14 -67.53
C GLU N 474 -32.47 19.13 -67.95
N LYS N 475 -31.54 19.18 -67.01
CA LYS N 475 -30.13 19.12 -67.36
C LYS N 475 -29.45 18.01 -66.58
N PHE N 476 -28.68 17.20 -67.30
CA PHE N 476 -27.97 16.06 -66.74
C PHE N 476 -26.49 16.22 -67.01
N LYS N 477 -25.70 16.36 -65.95
CA LYS N 477 -24.27 16.35 -66.15
C LYS N 477 -23.79 14.91 -66.18
N LEU N 478 -22.84 14.62 -67.05
CA LEU N 478 -22.17 13.33 -67.06
C LEU N 478 -20.70 13.67 -66.86
N ILE N 479 -20.18 13.37 -65.68
CA ILE N 479 -18.93 13.94 -65.22
C ILE N 479 -17.98 12.80 -64.91
N LYS N 480 -16.81 12.82 -65.53
CA LYS N 480 -15.59 12.26 -64.99
C LYS N 480 -14.65 13.44 -64.78
N ASP N 481 -13.39 13.17 -64.39
CA ASP N 481 -12.55 14.12 -63.65
C ASP N 481 -12.32 15.43 -64.41
N LYS N 482 -12.11 15.36 -65.72
CA LYS N 482 -12.05 16.56 -66.53
C LYS N 482 -13.06 16.57 -67.66
N ALA N 483 -13.27 15.42 -68.30
CA ALA N 483 -14.26 15.36 -69.36
C ALA N 483 -15.66 15.33 -68.78
N LEU N 484 -16.55 16.11 -69.37
CA LEU N 484 -17.94 16.09 -68.97
C LEU N 484 -18.79 16.38 -70.19
N VAL N 485 -20.06 16.04 -70.09
CA VAL N 485 -21.01 16.34 -71.17
C VAL N 485 -22.36 16.63 -70.55
N THR N 486 -22.99 17.71 -71.00
CA THR N 486 -24.27 18.15 -70.46
C THR N 486 -25.39 17.70 -71.40
N VAL N 487 -26.39 17.04 -70.85
CA VAL N 487 -27.56 16.59 -71.59
C VAL N 487 -28.71 17.52 -71.29
N ILE N 488 -29.30 18.08 -72.34
CA ILE N 488 -30.38 19.05 -72.24
C ILE N 488 -31.67 18.34 -72.60
N ASN N 489 -32.63 18.36 -71.69
CA ASN N 489 -33.96 17.81 -71.92
C ASN N 489 -34.80 18.91 -72.54
N LYS N 490 -34.91 18.90 -73.87
CA LYS N 490 -35.85 19.81 -74.50
C LYS N 490 -37.24 19.22 -74.66
N GLY N 491 -37.50 18.08 -74.03
CA GLY N 491 -38.84 17.54 -73.98
C GLY N 491 -39.33 17.43 -72.55
N TYR N 492 -38.82 18.30 -71.68
CA TYR N 492 -39.14 18.21 -70.27
C TYR N 492 -40.58 18.68 -70.03
N GLY N 493 -41.37 17.82 -69.38
CA GLY N 493 -42.71 18.18 -69.02
C GLY N 493 -43.70 18.23 -70.16
N LYS N 494 -43.37 17.66 -71.31
CA LYS N 494 -44.31 17.68 -72.42
C LYS N 494 -45.23 16.47 -72.41
N ASN N 495 -44.69 15.29 -72.09
CA ASN N 495 -45.49 14.08 -71.92
C ASN N 495 -45.17 13.49 -70.56
N PRO N 496 -45.87 13.87 -69.51
CA PRO N 496 -45.74 13.16 -68.24
C PRO N 496 -46.72 12.00 -68.19
N LEU N 497 -46.82 11.33 -67.05
CA LEU N 497 -47.91 10.39 -66.84
C LEU N 497 -49.11 11.14 -66.29
N THR N 498 -50.19 10.44 -65.99
CA THR N 498 -51.23 11.07 -65.19
C THR N 498 -50.89 10.97 -63.72
N LYS N 499 -50.93 9.74 -63.18
CA LYS N 499 -50.41 9.36 -61.87
C LYS N 499 -50.42 7.84 -61.75
N ASN N 500 -49.31 7.23 -61.33
CA ASN N 500 -49.29 5.79 -61.07
C ASN N 500 -48.36 5.51 -59.89
N TYR N 501 -48.36 4.24 -59.47
CA TYR N 501 -47.66 3.78 -58.27
C TYR N 501 -46.53 2.82 -58.55
N ASN N 502 -46.65 1.97 -59.56
CA ASN N 502 -45.63 1.00 -59.93
C ASN N 502 -45.10 1.37 -61.32
N ILE N 503 -44.02 0.73 -61.75
CA ILE N 503 -43.42 1.07 -63.03
C ILE N 503 -44.31 0.64 -64.19
N LYS N 504 -44.69 -0.63 -64.25
CA LYS N 504 -45.74 -1.02 -65.16
C LYS N 504 -47.07 -0.75 -64.47
N ASN N 505 -48.09 -0.47 -65.26
CA ASN N 505 -49.37 -0.07 -64.70
C ASN N 505 -50.30 -1.26 -64.55
N TYR N 506 -49.80 -2.30 -63.87
CA TYR N 506 -50.60 -3.40 -63.30
C TYR N 506 -50.05 -3.60 -61.89
N GLY N 507 -50.47 -2.72 -60.97
CA GLY N 507 -49.77 -2.53 -59.72
C GLY N 507 -50.53 -3.11 -58.54
N GLU N 508 -49.76 -3.44 -57.51
CA GLU N 508 -50.28 -4.12 -56.33
C GLU N 508 -50.11 -3.21 -55.13
N LEU N 509 -50.92 -3.46 -54.09
CA LEU N 509 -51.02 -2.58 -52.94
C LEU N 509 -51.47 -3.36 -51.73
N GLU N 510 -51.01 -2.94 -50.56
CA GLU N 510 -51.54 -3.47 -49.30
C GLU N 510 -51.37 -2.44 -48.20
#